data_3OSH
# 
_entry.id   3OSH 
# 
_audit_conform.dict_name       mmcif_pdbx.dic 
_audit_conform.dict_version    5.398 
_audit_conform.dict_location   http://mmcif.pdb.org/dictionaries/ascii/mmcif_pdbx.dic 
# 
loop_
_database_2.database_id 
_database_2.database_code 
_database_2.pdbx_database_accession 
_database_2.pdbx_DOI 
PDB   3OSH         pdb_00003osh 10.2210/pdb3osh/pdb 
RCSB  RCSB061516   ?            ?                   
WWPDB D_1000061516 ?            ?                   
# 
loop_
_pdbx_audit_revision_history.ordinal 
_pdbx_audit_revision_history.data_content_type 
_pdbx_audit_revision_history.major_revision 
_pdbx_audit_revision_history.minor_revision 
_pdbx_audit_revision_history.revision_date 
1 'Structure model' 1 0 2010-11-17 
2 'Structure model' 1 1 2011-07-13 
3 'Structure model' 1 2 2018-07-18 
4 'Structure model' 1 3 2023-11-01 
5 'Structure model' 1 4 2024-11-06 
# 
_pdbx_audit_revision_details.ordinal             1 
_pdbx_audit_revision_details.revision_ordinal    1 
_pdbx_audit_revision_details.data_content_type   'Structure model' 
_pdbx_audit_revision_details.provider            repository 
_pdbx_audit_revision_details.type                'Initial release' 
_pdbx_audit_revision_details.description         ? 
_pdbx_audit_revision_details.details             ? 
# 
loop_
_pdbx_audit_revision_group.ordinal 
_pdbx_audit_revision_group.revision_ordinal 
_pdbx_audit_revision_group.data_content_type 
_pdbx_audit_revision_group.group 
1 2 'Structure model' 'Version format compliance' 
2 3 'Structure model' 'Data collection'           
3 3 'Structure model' 'Database references'       
4 4 'Structure model' 'Data collection'           
5 4 'Structure model' 'Database references'       
6 4 'Structure model' 'Derived calculations'      
7 4 'Structure model' 'Refinement description'    
8 5 'Structure model' 'Structure summary'         
# 
loop_
_pdbx_audit_revision_category.ordinal 
_pdbx_audit_revision_category.revision_ordinal 
_pdbx_audit_revision_category.data_content_type 
_pdbx_audit_revision_category.category 
1  3 'Structure model' struct_ref_seq_dif            
2  4 'Structure model' chem_comp_atom                
3  4 'Structure model' chem_comp_bond                
4  4 'Structure model' database_2                    
5  4 'Structure model' pdbx_initial_refinement_model 
6  4 'Structure model' pdbx_struct_conn_angle        
7  4 'Structure model' struct_conn                   
8  4 'Structure model' struct_site                   
9  5 'Structure model' pdbx_entry_details            
10 5 'Structure model' pdbx_modification_feature     
# 
loop_
_pdbx_audit_revision_item.ordinal 
_pdbx_audit_revision_item.revision_ordinal 
_pdbx_audit_revision_item.data_content_type 
_pdbx_audit_revision_item.item 
1  3 'Structure model' '_struct_ref_seq_dif.details'                 
2  4 'Structure model' '_database_2.pdbx_DOI'                        
3  4 'Structure model' '_database_2.pdbx_database_accession'         
4  4 'Structure model' '_pdbx_struct_conn_angle.ptnr1_auth_comp_id'  
5  4 'Structure model' '_pdbx_struct_conn_angle.ptnr1_auth_seq_id'   
6  4 'Structure model' '_pdbx_struct_conn_angle.ptnr1_label_asym_id' 
7  4 'Structure model' '_pdbx_struct_conn_angle.ptnr1_label_atom_id' 
8  4 'Structure model' '_pdbx_struct_conn_angle.ptnr1_label_comp_id' 
9  4 'Structure model' '_pdbx_struct_conn_angle.ptnr1_label_seq_id'  
10 4 'Structure model' '_pdbx_struct_conn_angle.ptnr3_auth_comp_id'  
11 4 'Structure model' '_pdbx_struct_conn_angle.ptnr3_auth_seq_id'   
12 4 'Structure model' '_pdbx_struct_conn_angle.ptnr3_label_asym_id' 
13 4 'Structure model' '_pdbx_struct_conn_angle.ptnr3_label_atom_id' 
14 4 'Structure model' '_pdbx_struct_conn_angle.ptnr3_label_comp_id' 
15 4 'Structure model' '_pdbx_struct_conn_angle.ptnr3_label_seq_id'  
16 4 'Structure model' '_pdbx_struct_conn_angle.value'               
17 4 'Structure model' '_struct_conn.pdbx_dist_value'                
18 4 'Structure model' '_struct_conn.ptnr1_auth_comp_id'             
19 4 'Structure model' '_struct_conn.ptnr1_auth_seq_id'              
20 4 'Structure model' '_struct_conn.ptnr1_label_asym_id'            
21 4 'Structure model' '_struct_conn.ptnr1_label_atom_id'            
22 4 'Structure model' '_struct_conn.ptnr1_label_comp_id'            
23 4 'Structure model' '_struct_conn.ptnr1_label_seq_id'             
24 4 'Structure model' '_struct_conn.ptnr2_auth_comp_id'             
25 4 'Structure model' '_struct_conn.ptnr2_auth_seq_id'              
26 4 'Structure model' '_struct_conn.ptnr2_label_asym_id'            
27 4 'Structure model' '_struct_conn.ptnr2_label_atom_id'            
28 4 'Structure model' '_struct_conn.ptnr2_label_comp_id'            
29 4 'Structure model' '_struct_site.pdbx_auth_asym_id'              
30 4 'Structure model' '_struct_site.pdbx_auth_comp_id'              
31 4 'Structure model' '_struct_site.pdbx_auth_seq_id'               
# 
_pdbx_database_status.status_code                     REL 
_pdbx_database_status.entry_id                        3OSH 
_pdbx_database_status.recvd_initial_deposition_date   2010-09-09 
_pdbx_database_status.deposit_site                    RCSB 
_pdbx_database_status.process_site                    PDBJ 
_pdbx_database_status.status_code_sf                  REL 
_pdbx_database_status.status_code_mr                  ? 
_pdbx_database_status.SG_entry                        ? 
_pdbx_database_status.status_code_cs                  ? 
_pdbx_database_status.pdb_format_compatible           Y 
_pdbx_database_status.methods_development_category    ? 
_pdbx_database_status.status_code_nmr_data            ? 
# 
_pdbx_database_related.db_name        PDB 
_pdbx_database_related.db_id          3NJU 
_pdbx_database_related.details        'Model pdb' 
_pdbx_database_related.content_type   unspecified 
# 
loop_
_audit_author.name 
_audit_author.pdbx_ordinal 
'Shukla, P.K.' 1 
'Kaushik, S.'  2 
'Sinha, M.'    3 
'Bhushan, A.'  4 
'Kaur, P.'     5 
'Sharma, S.'   6 
'Singh, T.P.'  7 
# 
_citation.id                        primary 
_citation.title                     'Crystal Structure of The Complex of Group 1 Phospholipase A2 With Atropin At 1.5 A Resolution' 
_citation.journal_abbrev            'To be Published' 
_citation.journal_volume            ? 
_citation.page_first                ? 
_citation.page_last                 ? 
_citation.year                      ? 
_citation.journal_id_ASTM           ? 
_citation.country                   ? 
_citation.journal_id_ISSN           ? 
_citation.journal_id_CSD            0353 
_citation.book_publisher            ? 
_citation.pdbx_database_id_PubMed   ? 
_citation.pdbx_database_id_DOI      ? 
# 
loop_
_citation_author.citation_id 
_citation_author.name 
_citation_author.ordinal 
_citation_author.identifier_ORCID 
primary 'Shukla, P.K.' 1 ? 
primary 'Kaushik, S.'  2 ? 
primary 'Sinha, M.'    3 ? 
primary 'Bhushan, A.'  4 ? 
primary 'Kaur, P.'     5 ? 
primary 'Sharma, S.'   6 ? 
primary 'Singh, T.P.'  7 ? 
# 
loop_
_entity.id 
_entity.type 
_entity.src_method 
_entity.pdbx_description 
_entity.formula_weight 
_entity.pdbx_number_of_molecules 
_entity.pdbx_ec 
_entity.pdbx_mutation 
_entity.pdbx_fragment 
_entity.details 
1 polymer     nat 'Phospholipase A2 isoform 3'                                                     13128.515 1   3.1.1.4 Q20A,V47T 
? ? 
2 non-polymer syn 'CALCIUM ION'                                                                    40.078    1   ?       ?         
? ? 
3 non-polymer syn '(1R,5S)-8-METHYL-8-AZABICYCLO[3.2.1]OCT-3-YL (2R)-3-HYDROXY-2-PHENYLPROPANOATE' 289.369   1   ?       ?         
? ? 
4 water       nat water                                                                            18.015    200 ?       ?         
? ? 
# 
_entity_name_com.entity_id   1 
_entity_name_com.name        'PLA2, Phosphatidylcholine 2-acylhydrolase' 
# 
_entity_poly.entity_id                      1 
_entity_poly.type                           'polypeptide(L)' 
_entity_poly.nstd_linkage                   no 
_entity_poly.nstd_monomer                   no 
_entity_poly.pdbx_seq_one_letter_code       
;NLYQFKNMIQCTVPSRSWADFADYGCYCGKGGSGTPVDDLDRCCQTHDNCYNEAENISGCRPYFKTYSYECTQGTLTCKG
DNNACAASVCDCDRLAAICFAGAPYNDANYNIDLKARCN
;
_entity_poly.pdbx_seq_one_letter_code_can   
;NLYQFKNMIQCTVPSRSWADFADYGCYCGKGGSGTPVDDLDRCCQTHDNCYNEAENISGCRPYFKTYSYECTQGTLTCKG
DNNACAASVCDCDRLAAICFAGAPYNDANYNIDLKARCN
;
_entity_poly.pdbx_strand_id                 A 
_entity_poly.pdbx_target_identifier         ? 
# 
loop_
_pdbx_entity_nonpoly.entity_id 
_pdbx_entity_nonpoly.name 
_pdbx_entity_nonpoly.comp_id 
2 'CALCIUM ION'                                                                    CA  
3 '(1R,5S)-8-METHYL-8-AZABICYCLO[3.2.1]OCT-3-YL (2R)-3-HYDROXY-2-PHENYLPROPANOATE' OIN 
4 water                                                                            HOH 
# 
loop_
_entity_poly_seq.entity_id 
_entity_poly_seq.num 
_entity_poly_seq.mon_id 
_entity_poly_seq.hetero 
1 1   ASN n 
1 2   LEU n 
1 3   TYR n 
1 4   GLN n 
1 5   PHE n 
1 6   LYS n 
1 7   ASN n 
1 8   MET n 
1 9   ILE n 
1 10  GLN n 
1 11  CYS n 
1 12  THR n 
1 13  VAL n 
1 14  PRO n 
1 15  SER n 
1 16  ARG n 
1 17  SER n 
1 18  TRP n 
1 19  ALA n 
1 20  ASP n 
1 21  PHE n 
1 22  ALA n 
1 23  ASP n 
1 24  TYR n 
1 25  GLY n 
1 26  CYS n 
1 27  TYR n 
1 28  CYS n 
1 29  GLY n 
1 30  LYS n 
1 31  GLY n 
1 32  GLY n 
1 33  SER n 
1 34  GLY n 
1 35  THR n 
1 36  PRO n 
1 37  VAL n 
1 38  ASP n 
1 39  ASP n 
1 40  LEU n 
1 41  ASP n 
1 42  ARG n 
1 43  CYS n 
1 44  CYS n 
1 45  GLN n 
1 46  THR n 
1 47  HIS n 
1 48  ASP n 
1 49  ASN n 
1 50  CYS n 
1 51  TYR n 
1 52  ASN n 
1 53  GLU n 
1 54  ALA n 
1 55  GLU n 
1 56  ASN n 
1 57  ILE n 
1 58  SER n 
1 59  GLY n 
1 60  CYS n 
1 61  ARG n 
1 62  PRO n 
1 63  TYR n 
1 64  PHE n 
1 65  LYS n 
1 66  THR n 
1 67  TYR n 
1 68  SER n 
1 69  TYR n 
1 70  GLU n 
1 71  CYS n 
1 72  THR n 
1 73  GLN n 
1 74  GLY n 
1 75  THR n 
1 76  LEU n 
1 77  THR n 
1 78  CYS n 
1 79  LYS n 
1 80  GLY n 
1 81  ASP n 
1 82  ASN n 
1 83  ASN n 
1 84  ALA n 
1 85  CYS n 
1 86  ALA n 
1 87  ALA n 
1 88  SER n 
1 89  VAL n 
1 90  CYS n 
1 91  ASP n 
1 92  CYS n 
1 93  ASP n 
1 94  ARG n 
1 95  LEU n 
1 96  ALA n 
1 97  ALA n 
1 98  ILE n 
1 99  CYS n 
1 100 PHE n 
1 101 ALA n 
1 102 GLY n 
1 103 ALA n 
1 104 PRO n 
1 105 TYR n 
1 106 ASN n 
1 107 ASP n 
1 108 ALA n 
1 109 ASN n 
1 110 TYR n 
1 111 ASN n 
1 112 ILE n 
1 113 ASP n 
1 114 LEU n 
1 115 LYS n 
1 116 ALA n 
1 117 ARG n 
1 118 CYS n 
1 119 ASN n 
# 
_entity_src_nat.entity_id                  1 
_entity_src_nat.pdbx_src_id                1 
_entity_src_nat.pdbx_alt_source_flag       sample 
_entity_src_nat.pdbx_beg_seq_num           ? 
_entity_src_nat.pdbx_end_seq_num           ? 
_entity_src_nat.common_name                'Andaman cobra' 
_entity_src_nat.pdbx_organism_scientific   'Naja sagittifera' 
_entity_src_nat.pdbx_ncbi_taxonomy_id      195058 
_entity_src_nat.genus                      ? 
_entity_src_nat.species                    ? 
_entity_src_nat.strain                     ? 
_entity_src_nat.tissue                     ? 
_entity_src_nat.tissue_fraction            ? 
_entity_src_nat.pdbx_secretion             ? 
_entity_src_nat.pdbx_fragment              ? 
_entity_src_nat.pdbx_variant               ? 
_entity_src_nat.pdbx_cell_line             ? 
_entity_src_nat.pdbx_atcc                  ? 
_entity_src_nat.pdbx_cellular_location     ? 
_entity_src_nat.pdbx_organ                 ? 
_entity_src_nat.pdbx_organelle             ? 
_entity_src_nat.pdbx_cell                  ? 
_entity_src_nat.pdbx_plasmid_name          ? 
_entity_src_nat.pdbx_plasmid_details       ? 
_entity_src_nat.details                    ? 
# 
loop_
_chem_comp.id 
_chem_comp.type 
_chem_comp.mon_nstd_flag 
_chem_comp.name 
_chem_comp.pdbx_synonyms 
_chem_comp.formula 
_chem_comp.formula_weight 
ALA 'L-peptide linking' y ALANINE                                                                          ?        'C3 H7 N O2' 
89.093  
ARG 'L-peptide linking' y ARGININE                                                                         ?        
'C6 H15 N4 O2 1' 175.209 
ASN 'L-peptide linking' y ASPARAGINE                                                                       ?        'C4 H8 N2 O3' 
132.118 
ASP 'L-peptide linking' y 'ASPARTIC ACID'                                                                  ?        'C4 H7 N O4' 
133.103 
CA  non-polymer         . 'CALCIUM ION'                                                                    ?        'Ca 2' 40.078  
CYS 'L-peptide linking' y CYSTEINE                                                                         ?        'C3 H7 N O2 S' 
121.158 
GLN 'L-peptide linking' y GLUTAMINE                                                                        ?        'C5 H10 N2 O3' 
146.144 
GLU 'L-peptide linking' y 'GLUTAMIC ACID'                                                                  ?        'C5 H9 N O4' 
147.129 
GLY 'peptide linking'   y GLYCINE                                                                          ?        'C2 H5 N O2' 
75.067  
HIS 'L-peptide linking' y HISTIDINE                                                                        ?        
'C6 H10 N3 O2 1' 156.162 
HOH non-polymer         . WATER                                                                            ?        'H2 O' 18.015  
ILE 'L-peptide linking' y ISOLEUCINE                                                                       ?        'C6 H13 N O2' 
131.173 
LEU 'L-peptide linking' y LEUCINE                                                                          ?        'C6 H13 N O2' 
131.173 
LYS 'L-peptide linking' y LYSINE                                                                           ?        
'C6 H15 N2 O2 1' 147.195 
MET 'L-peptide linking' y METHIONINE                                                                       ?        
'C5 H11 N O2 S'  149.211 
OIN non-polymer         . '(1R,5S)-8-METHYL-8-AZABICYCLO[3.2.1]OCT-3-YL (2R)-3-HYDROXY-2-PHENYLPROPANOATE' ATROPINE 'C17 H23 N O3' 
289.369 
PHE 'L-peptide linking' y PHENYLALANINE                                                                    ?        'C9 H11 N O2' 
165.189 
PRO 'L-peptide linking' y PROLINE                                                                          ?        'C5 H9 N O2' 
115.130 
SER 'L-peptide linking' y SERINE                                                                           ?        'C3 H7 N O3' 
105.093 
THR 'L-peptide linking' y THREONINE                                                                        ?        'C4 H9 N O3' 
119.119 
TRP 'L-peptide linking' y TRYPTOPHAN                                                                       ?        
'C11 H12 N2 O2'  204.225 
TYR 'L-peptide linking' y TYROSINE                                                                         ?        'C9 H11 N O3' 
181.189 
VAL 'L-peptide linking' y VALINE                                                                           ?        'C5 H11 N O2' 
117.146 
# 
loop_
_pdbx_poly_seq_scheme.asym_id 
_pdbx_poly_seq_scheme.entity_id 
_pdbx_poly_seq_scheme.seq_id 
_pdbx_poly_seq_scheme.mon_id 
_pdbx_poly_seq_scheme.ndb_seq_num 
_pdbx_poly_seq_scheme.pdb_seq_num 
_pdbx_poly_seq_scheme.auth_seq_num 
_pdbx_poly_seq_scheme.pdb_mon_id 
_pdbx_poly_seq_scheme.auth_mon_id 
_pdbx_poly_seq_scheme.pdb_strand_id 
_pdbx_poly_seq_scheme.pdb_ins_code 
_pdbx_poly_seq_scheme.hetero 
A 1 1   ASN 1   1   1   ASN ASN A . n 
A 1 2   LEU 2   2   2   LEU LEU A . n 
A 1 3   TYR 3   3   3   TYR TYR A . n 
A 1 4   GLN 4   4   4   GLN GLN A . n 
A 1 5   PHE 5   5   5   PHE PHE A . n 
A 1 6   LYS 6   6   6   LYS LYS A . n 
A 1 7   ASN 7   7   7   ASN ASN A . n 
A 1 8   MET 8   8   8   MET MET A . n 
A 1 9   ILE 9   9   9   ILE ILE A . n 
A 1 10  GLN 10  10  10  GLN GLN A . n 
A 1 11  CYS 11  11  11  CYS CYS A . n 
A 1 12  THR 12  12  12  THR THR A . n 
A 1 13  VAL 13  13  13  VAL VAL A . n 
A 1 14  PRO 14  14  14  PRO PRO A . n 
A 1 15  SER 15  15  15  SER SER A . n 
A 1 16  ARG 16  17  17  ARG ARG A . n 
A 1 17  SER 17  18  18  SER SER A . n 
A 1 18  TRP 18  19  19  TRP TRP A . n 
A 1 19  ALA 19  20  20  ALA ALA A . n 
A 1 20  ASP 20  21  21  ASP ASP A . n 
A 1 21  PHE 21  22  22  PHE PHE A . n 
A 1 22  ALA 22  23  23  ALA ALA A . n 
A 1 23  ASP 23  24  24  ASP ASP A . n 
A 1 24  TYR 24  25  25  TYR TYR A . n 
A 1 25  GLY 25  26  26  GLY GLY A . n 
A 1 26  CYS 26  27  27  CYS CYS A . n 
A 1 27  TYR 27  28  28  TYR TYR A . n 
A 1 28  CYS 28  29  29  CYS CYS A . n 
A 1 29  GLY 29  30  30  GLY GLY A . n 
A 1 30  LYS 30  31  31  LYS LYS A . n 
A 1 31  GLY 31  32  32  GLY GLY A . n 
A 1 32  GLY 32  33  33  GLY GLY A . n 
A 1 33  SER 33  34  34  SER SER A . n 
A 1 34  GLY 34  35  35  GLY GLY A . n 
A 1 35  THR 35  36  36  THR THR A . n 
A 1 36  PRO 36  37  37  PRO PRO A . n 
A 1 37  VAL 37  38  38  VAL VAL A . n 
A 1 38  ASP 38  39  39  ASP ASP A . n 
A 1 39  ASP 39  40  40  ASP ASP A . n 
A 1 40  LEU 40  41  41  LEU LEU A . n 
A 1 41  ASP 41  42  42  ASP ASP A . n 
A 1 42  ARG 42  43  43  ARG ARG A . n 
A 1 43  CYS 43  44  44  CYS CYS A . n 
A 1 44  CYS 44  45  45  CYS CYS A . n 
A 1 45  GLN 45  46  46  GLN GLN A . n 
A 1 46  THR 46  47  47  THR THR A . n 
A 1 47  HIS 47  48  48  HIS HIS A . n 
A 1 48  ASP 48  49  49  ASP ASP A . n 
A 1 49  ASN 49  50  50  ASN ASN A . n 
A 1 50  CYS 50  51  51  CYS CYS A . n 
A 1 51  TYR 51  52  52  TYR TYR A . n 
A 1 52  ASN 52  53  53  ASN ASN A . n 
A 1 53  GLU 53  54  54  GLU GLU A . n 
A 1 54  ALA 54  55  55  ALA ALA A . n 
A 1 55  GLU 55  56  56  GLU GLU A . n 
A 1 56  ASN 56  57  57  ASN ASN A . n 
A 1 57  ILE 57  58  58  ILE ILE A . n 
A 1 58  SER 58  59  59  SER SER A . n 
A 1 59  GLY 59  60  60  GLY GLY A . n 
A 1 60  CYS 60  61  61  CYS CYS A . n 
A 1 61  ARG 61  62  62  ARG ARG A . n 
A 1 62  PRO 62  63  63  PRO PRO A . n 
A 1 63  TYR 63  64  64  TYR TYR A . n 
A 1 64  PHE 64  65  65  PHE PHE A . n 
A 1 65  LYS 65  66  66  LYS LYS A . n 
A 1 66  THR 66  67  67  THR THR A . n 
A 1 67  TYR 67  68  68  TYR TYR A . n 
A 1 68  SER 68  69  69  SER SER A . n 
A 1 69  TYR 69  70  70  TYR TYR A . n 
A 1 70  GLU 70  71  71  GLU GLU A . n 
A 1 71  CYS 71  72  72  CYS CYS A . n 
A 1 72  THR 72  73  73  THR THR A . n 
A 1 73  GLN 73  74  74  GLN GLN A . n 
A 1 74  GLY 74  75  75  GLY GLY A . n 
A 1 75  THR 75  76  76  THR THR A . n 
A 1 76  LEU 76  77  77  LEU LEU A . n 
A 1 77  THR 77  78  78  THR THR A . n 
A 1 78  CYS 78  79  79  CYS CYS A . n 
A 1 79  LYS 79  80  80  LYS LYS A . n 
A 1 80  GLY 80  81  81  GLY GLY A . n 
A 1 81  ASP 81  82  82  ASP ASP A . n 
A 1 82  ASN 82  83  83  ASN ASN A . n 
A 1 83  ASN 83  84  84  ASN ASN A . n 
A 1 84  ALA 84  85  85  ALA ALA A . n 
A 1 85  CYS 85  86  86  CYS CYS A . n 
A 1 86  ALA 86  87  87  ALA ALA A . n 
A 1 87  ALA 87  88  88  ALA ALA A . n 
A 1 88  SER 88  89  89  SER SER A . n 
A 1 89  VAL 89  90  90  VAL VAL A . n 
A 1 90  CYS 90  91  91  CYS CYS A . n 
A 1 91  ASP 91  92  92  ASP ASP A . n 
A 1 92  CYS 92  93  93  CYS CYS A . n 
A 1 93  ASP 93  94  94  ASP ASP A . n 
A 1 94  ARG 94  95  95  ARG ARG A . n 
A 1 95  LEU 95  96  96  LEU LEU A . n 
A 1 96  ALA 96  97  97  ALA ALA A . n 
A 1 97  ALA 97  98  98  ALA ALA A . n 
A 1 98  ILE 98  99  99  ILE ILE A . n 
A 1 99  CYS 99  100 100 CYS CYS A . n 
A 1 100 PHE 100 101 101 PHE PHE A . n 
A 1 101 ALA 101 102 102 ALA ALA A . n 
A 1 102 GLY 102 103 103 GLY GLY A . n 
A 1 103 ALA 103 104 104 ALA ALA A . n 
A 1 104 PRO 104 105 105 PRO PRO A . n 
A 1 105 TYR 105 106 106 TYR TYR A . n 
A 1 106 ASN 106 107 107 ASN ASN A . n 
A 1 107 ASP 107 108 108 ASP ASP A . n 
A 1 108 ALA 108 109 109 ALA ALA A . n 
A 1 109 ASN 109 110 110 ASN ASN A . n 
A 1 110 TYR 110 111 111 TYR TYR A . n 
A 1 111 ASN 111 112 112 ASN ASN A . n 
A 1 112 ILE 112 113 113 ILE ILE A . n 
A 1 113 ASP 113 114 114 ASP ASP A . n 
A 1 114 LEU 114 115 115 LEU LEU A . n 
A 1 115 LYS 115 116 116 LYS LYS A . n 
A 1 116 ALA 116 117 117 ALA ALA A . n 
A 1 117 ARG 117 118 118 ARG ARG A . n 
A 1 118 CYS 118 119 119 CYS CYS A . n 
A 1 119 ASN 119 120 120 ASN ASN A . n 
# 
loop_
_pdbx_nonpoly_scheme.asym_id 
_pdbx_nonpoly_scheme.entity_id 
_pdbx_nonpoly_scheme.mon_id 
_pdbx_nonpoly_scheme.ndb_seq_num 
_pdbx_nonpoly_scheme.pdb_seq_num 
_pdbx_nonpoly_scheme.auth_seq_num 
_pdbx_nonpoly_scheme.pdb_mon_id 
_pdbx_nonpoly_scheme.auth_mon_id 
_pdbx_nonpoly_scheme.pdb_strand_id 
_pdbx_nonpoly_scheme.pdb_ins_code 
B 2 CA  1   121  1    CA  CA  A . 
C 3 OIN 1   5811 5811 OIN OIN A . 
D 4 HOH 1   3002 3002 HOH HOH A . 
D 4 HOH 2   3003 3003 HOH HOH A . 
D 4 HOH 3   3004 3004 HOH HOH A . 
D 4 HOH 4   3005 3005 HOH HOH A . 
D 4 HOH 5   3006 3006 HOH HOH A . 
D 4 HOH 6   3007 3007 HOH HOH A . 
D 4 HOH 7   3008 3008 HOH HOH A . 
D 4 HOH 8   3009 3009 HOH HOH A . 
D 4 HOH 9   3010 3010 HOH HOH A . 
D 4 HOH 10  3011 3011 HOH HOH A . 
D 4 HOH 11  3014 3014 HOH HOH A . 
D 4 HOH 12  3015 3015 HOH HOH A . 
D 4 HOH 13  3017 3017 HOH HOH A . 
D 4 HOH 14  3020 3020 HOH HOH A . 
D 4 HOH 15  3022 3022 HOH HOH A . 
D 4 HOH 16  3023 3023 HOH HOH A . 
D 4 HOH 17  3024 3024 HOH HOH A . 
D 4 HOH 18  3025 3025 HOH HOH A . 
D 4 HOH 19  3026 3026 HOH HOH A . 
D 4 HOH 20  3027 3027 HOH HOH A . 
D 4 HOH 21  3028 3028 HOH HOH A . 
D 4 HOH 22  3029 3029 HOH HOH A . 
D 4 HOH 23  3030 3030 HOH HOH A . 
D 4 HOH 24  3032 3032 HOH HOH A . 
D 4 HOH 25  3033 3033 HOH HOH A . 
D 4 HOH 26  3034 3034 HOH HOH A . 
D 4 HOH 27  3035 3035 HOH HOH A . 
D 4 HOH 28  3036 3036 HOH HOH A . 
D 4 HOH 29  3037 3037 HOH HOH A . 
D 4 HOH 30  3038 3038 HOH HOH A . 
D 4 HOH 31  3039 3039 HOH HOH A . 
D 4 HOH 32  3040 3040 HOH HOH A . 
D 4 HOH 33  3042 3042 HOH HOH A . 
D 4 HOH 34  3043 3043 HOH HOH A . 
D 4 HOH 35  3044 3044 HOH HOH A . 
D 4 HOH 36  3045 3045 HOH HOH A . 
D 4 HOH 37  3046 3046 HOH HOH A . 
D 4 HOH 38  3048 3048 HOH HOH A . 
D 4 HOH 39  3051 3051 HOH HOH A . 
D 4 HOH 40  3053 3053 HOH HOH A . 
D 4 HOH 41  3054 3054 HOH HOH A . 
D 4 HOH 42  3055 3055 HOH HOH A . 
D 4 HOH 43  3058 3058 HOH HOH A . 
D 4 HOH 44  3059 3059 HOH HOH A . 
D 4 HOH 45  3060 3060 HOH HOH A . 
D 4 HOH 46  3061 3061 HOH HOH A . 
D 4 HOH 47  3062 3062 HOH HOH A . 
D 4 HOH 48  3063 3063 HOH HOH A . 
D 4 HOH 49  3064 3064 HOH HOH A . 
D 4 HOH 50  3065 3065 HOH HOH A . 
D 4 HOH 51  3066 3066 HOH HOH A . 
D 4 HOH 52  3067 3067 HOH HOH A . 
D 4 HOH 53  3069 3069 HOH HOH A . 
D 4 HOH 54  3073 3073 HOH HOH A . 
D 4 HOH 55  3074 3074 HOH HOH A . 
D 4 HOH 56  3075 3075 HOH HOH A . 
D 4 HOH 57  3076 3076 HOH HOH A . 
D 4 HOH 58  3078 3078 HOH HOH A . 
D 4 HOH 59  3081 3081 HOH HOH A . 
D 4 HOH 60  3086 3086 HOH HOH A . 
D 4 HOH 61  3088 3088 HOH HOH A . 
D 4 HOH 62  3089 3089 HOH HOH A . 
D 4 HOH 63  3090 3090 HOH HOH A . 
D 4 HOH 64  3095 3095 HOH HOH A . 
D 4 HOH 65  3097 3097 HOH HOH A . 
D 4 HOH 66  3100 3100 HOH HOH A . 
D 4 HOH 67  3102 3102 HOH HOH A . 
D 4 HOH 68  3105 3105 HOH HOH A . 
D 4 HOH 69  3108 3108 HOH HOH A . 
D 4 HOH 70  3109 3109 HOH HOH A . 
D 4 HOH 71  3111 3111 HOH HOH A . 
D 4 HOH 72  3113 3113 HOH HOH A . 
D 4 HOH 73  3115 3115 HOH HOH A . 
D 4 HOH 74  3116 3116 HOH HOH A . 
D 4 HOH 75  3117 3117 HOH HOH A . 
D 4 HOH 76  3118 3118 HOH HOH A . 
D 4 HOH 77  3119 3119 HOH HOH A . 
D 4 HOH 78  3120 3120 HOH HOH A . 
D 4 HOH 79  3121 3121 HOH HOH A . 
D 4 HOH 80  3122 3122 HOH HOH A . 
D 4 HOH 81  3123 3123 HOH HOH A . 
D 4 HOH 82  3124 3124 HOH HOH A . 
D 4 HOH 83  3125 3125 HOH HOH A . 
D 4 HOH 84  3126 3126 HOH HOH A . 
D 4 HOH 85  3128 3128 HOH HOH A . 
D 4 HOH 86  3129 3129 HOH HOH A . 
D 4 HOH 87  3130 3130 HOH HOH A . 
D 4 HOH 88  3131 3131 HOH HOH A . 
D 4 HOH 89  3132 3132 HOH HOH A . 
D 4 HOH 90  3133 3133 HOH HOH A . 
D 4 HOH 91  3134 3134 HOH HOH A . 
D 4 HOH 92  3135 3135 HOH HOH A . 
D 4 HOH 93  3136 3136 HOH HOH A . 
D 4 HOH 94  3137 3137 HOH HOH A . 
D 4 HOH 95  3138 3138 HOH HOH A . 
D 4 HOH 96  3139 3139 HOH HOH A . 
D 4 HOH 97  3140 3140 HOH HOH A . 
D 4 HOH 98  3141 3141 HOH HOH A . 
D 4 HOH 99  3142 3142 HOH HOH A . 
D 4 HOH 100 3143 3143 HOH HOH A . 
D 4 HOH 101 3144 3144 HOH HOH A . 
D 4 HOH 102 3145 3145 HOH HOH A . 
D 4 HOH 103 3146 3146 HOH HOH A . 
D 4 HOH 104 3147 3147 HOH HOH A . 
D 4 HOH 105 3148 3148 HOH HOH A . 
D 4 HOH 106 3149 3149 HOH HOH A . 
D 4 HOH 107 3150 3150 HOH HOH A . 
D 4 HOH 108 3151 3151 HOH HOH A . 
D 4 HOH 109 3152 3152 HOH HOH A . 
D 4 HOH 110 3153 3153 HOH HOH A . 
D 4 HOH 111 3154 3154 HOH HOH A . 
D 4 HOH 112 3155 3155 HOH HOH A . 
D 4 HOH 113 3157 3157 HOH HOH A . 
D 4 HOH 114 3158 3158 HOH HOH A . 
D 4 HOH 115 3159 3159 HOH HOH A . 
D 4 HOH 116 3160 3160 HOH HOH A . 
D 4 HOH 117 3161 3161 HOH HOH A . 
D 4 HOH 118 3162 3162 HOH HOH A . 
D 4 HOH 119 3163 3163 HOH HOH A . 
D 4 HOH 120 3164 3164 HOH HOH A . 
D 4 HOH 121 3165 3165 HOH HOH A . 
D 4 HOH 122 3167 3167 HOH HOH A . 
D 4 HOH 123 3168 3168 HOH HOH A . 
D 4 HOH 124 3169 3169 HOH HOH A . 
D 4 HOH 125 3170 3170 HOH HOH A . 
D 4 HOH 126 3171 3171 HOH HOH A . 
D 4 HOH 127 3172 3172 HOH HOH A . 
D 4 HOH 128 3173 3173 HOH HOH A . 
D 4 HOH 129 3174 3174 HOH HOH A . 
D 4 HOH 130 3175 3175 HOH HOH A . 
D 4 HOH 131 3176 3176 HOH HOH A . 
D 4 HOH 132 3177 3177 HOH HOH A . 
D 4 HOH 133 3178 3178 HOH HOH A . 
D 4 HOH 134 3179 3179 HOH HOH A . 
D 4 HOH 135 3180 3180 HOH HOH A . 
D 4 HOH 136 3181 3181 HOH HOH A . 
D 4 HOH 137 3182 3182 HOH HOH A . 
D 4 HOH 138 3183 3183 HOH HOH A . 
D 4 HOH 139 3184 3184 HOH HOH A . 
D 4 HOH 140 3185 3185 HOH HOH A . 
D 4 HOH 141 3186 3186 HOH HOH A . 
D 4 HOH 142 3187 3187 HOH HOH A . 
D 4 HOH 143 3188 3188 HOH HOH A . 
D 4 HOH 144 3189 3189 HOH HOH A . 
D 4 HOH 145 3190 3190 HOH HOH A . 
D 4 HOH 146 3191 3191 HOH HOH A . 
D 4 HOH 147 3193 3193 HOH HOH A . 
D 4 HOH 148 3194 3194 HOH HOH A . 
D 4 HOH 149 3195 3195 HOH HOH A . 
D 4 HOH 150 3196 3196 HOH HOH A . 
D 4 HOH 151 3197 3197 HOH HOH A . 
D 4 HOH 152 3198 3198 HOH HOH A . 
D 4 HOH 153 3199 3199 HOH HOH A . 
D 4 HOH 154 3200 3200 HOH HOH A . 
D 4 HOH 155 3201 3201 HOH HOH A . 
D 4 HOH 156 3203 3203 HOH HOH A . 
D 4 HOH 157 3204 3204 HOH HOH A . 
D 4 HOH 158 3205 3205 HOH HOH A . 
D 4 HOH 159 3206 3206 HOH HOH A . 
D 4 HOH 160 3207 3207 HOH HOH A . 
D 4 HOH 161 3208 3208 HOH HOH A . 
D 4 HOH 162 3209 3209 HOH HOH A . 
D 4 HOH 163 3210 3210 HOH HOH A . 
D 4 HOH 164 3211 3211 HOH HOH A . 
D 4 HOH 165 3213 3213 HOH HOH A . 
D 4 HOH 166 3214 3214 HOH HOH A . 
D 4 HOH 167 3215 3215 HOH HOH A . 
D 4 HOH 168 3216 3216 HOH HOH A . 
D 4 HOH 169 3217 3217 HOH HOH A . 
D 4 HOH 170 3218 3218 HOH HOH A . 
D 4 HOH 171 3219 3219 HOH HOH A . 
D 4 HOH 172 3220 3220 HOH HOH A . 
D 4 HOH 173 3221 3221 HOH HOH A . 
D 4 HOH 174 3222 3222 HOH HOH A . 
D 4 HOH 175 3223 3223 HOH HOH A . 
D 4 HOH 176 3224 3224 HOH HOH A . 
D 4 HOH 177 3225 3225 HOH HOH A . 
D 4 HOH 178 3226 3226 HOH HOH A . 
D 4 HOH 179 3227 3227 HOH HOH A . 
D 4 HOH 180 3228 3228 HOH HOH A . 
D 4 HOH 181 3229 3229 HOH HOH A . 
D 4 HOH 182 3230 3230 HOH HOH A . 
D 4 HOH 183 3231 3231 HOH HOH A . 
D 4 HOH 184 3232 3232 HOH HOH A . 
D 4 HOH 185 3233 3233 HOH HOH A . 
D 4 HOH 186 3234 3234 HOH HOH A . 
D 4 HOH 187 3236 3236 HOH HOH A . 
D 4 HOH 188 3237 3237 HOH HOH A . 
D 4 HOH 189 3239 3239 HOH HOH A . 
D 4 HOH 190 3240 3240 HOH HOH A . 
D 4 HOH 191 3241 3241 HOH HOH A . 
D 4 HOH 192 3242 3242 HOH HOH A . 
D 4 HOH 193 3243 3243 HOH HOH A . 
D 4 HOH 194 3244 3244 HOH HOH A . 
D 4 HOH 195 3245 3245 HOH HOH A . 
D 4 HOH 196 3248 3248 HOH HOH A . 
D 4 HOH 197 3249 3249 HOH HOH A . 
D 4 HOH 198 3250 3250 HOH HOH A . 
D 4 HOH 199 3251 3251 HOH HOH A . 
D 4 HOH 200 3253 3253 HOH HOH A . 
# 
loop_
_software.name 
_software.classification 
_software.version 
_software.citation_id 
_software.pdbx_ordinal 
HKL-2000  'data collection' .        ? 1 
AMoRE     phasing           .        ? 2 
REFMAC    refinement        5.5.0109 ? 3 
DENZO     'data reduction'  .        ? 4 
SCALEPACK 'data scaling'    .        ? 5 
# 
_cell.entry_id           3OSH 
_cell.length_a           42.377 
_cell.length_b           42.377 
_cell.length_c           65.170 
_cell.angle_alpha        90.00 
_cell.angle_beta         90.00 
_cell.angle_gamma        90.00 
_cell.Z_PDB              4 
_cell.pdbx_unique_axis   ? 
_cell.length_a_esd       ? 
_cell.length_b_esd       ? 
_cell.length_c_esd       ? 
_cell.angle_alpha_esd    ? 
_cell.angle_beta_esd     ? 
_cell.angle_gamma_esd    ? 
# 
_symmetry.entry_id                         3OSH 
_symmetry.space_group_name_H-M             'P 41' 
_symmetry.pdbx_full_space_group_name_H-M   ? 
_symmetry.cell_setting                     ? 
_symmetry.Int_Tables_number                76 
_symmetry.space_group_name_Hall            ? 
# 
_exptl.entry_id          3OSH 
_exptl.method            'X-RAY DIFFRACTION' 
_exptl.crystals_number   1 
# 
_exptl_crystal.id                    1 
_exptl_crystal.density_meas          ? 
_exptl_crystal.density_Matthews      2.23 
_exptl_crystal.density_percent_sol   44.81 
_exptl_crystal.description           ? 
_exptl_crystal.F_000                 ? 
_exptl_crystal.preparation           ? 
# 
_exptl_crystal_grow.crystal_id      1 
_exptl_crystal_grow.method          'VAPOR DIFFUSION, HANGING DROP' 
_exptl_crystal_grow.temp            293 
_exptl_crystal_grow.temp_details    ? 
_exptl_crystal_grow.pH              6.0 
_exptl_crystal_grow.pdbx_details    
'10MM sodium phosphate buffer, 2M calcium chloride, 35% ethanol, pH 6.0, VAPOR DIFFUSION, HANGING DROP, temperature 293K' 
_exptl_crystal_grow.pdbx_pH_range   . 
# 
_diffrn.id                     1 
_diffrn.ambient_temp           77 
_diffrn.ambient_temp_details   ? 
_diffrn.crystal_id             1 
# 
_diffrn_detector.diffrn_id              1 
_diffrn_detector.detector               CCD 
_diffrn_detector.type                   MARRESEARCH 
_diffrn_detector.pdbx_collection_date   2010-05-13 
_diffrn_detector.details                Mirror 
# 
_diffrn_radiation.diffrn_id                        1 
_diffrn_radiation.wavelength_id                    1 
_diffrn_radiation.pdbx_monochromatic_or_laue_m_l   M 
_diffrn_radiation.monochromator                    Graphite 
_diffrn_radiation.pdbx_diffrn_protocol             'SINGLE WAVELENGTH' 
_diffrn_radiation.pdbx_scattering_type             x-ray 
# 
_diffrn_radiation_wavelength.id           1 
_diffrn_radiation_wavelength.wavelength   0.97 
_diffrn_radiation_wavelength.wt           1.0 
# 
_diffrn_source.diffrn_id                   1 
_diffrn_source.source                      SYNCHROTRON 
_diffrn_source.type                        'ESRF BEAMLINE BM14' 
_diffrn_source.pdbx_synchrotron_site       ESRF 
_diffrn_source.pdbx_synchrotron_beamline   BM14 
_diffrn_source.pdbx_wavelength             ? 
_diffrn_source.pdbx_wavelength_list        0.97 
# 
_reflns.entry_id                     3OSH 
_reflns.observed_criterion_sigma_I   0.0 
_reflns.observed_criterion_sigma_F   0.0 
_reflns.d_resolution_low             42.4 
_reflns.d_resolution_high            1.5 
_reflns.number_obs                   18066 
_reflns.number_all                   18066 
_reflns.percent_possible_obs         97 
_reflns.pdbx_Rmerge_I_obs            ? 
_reflns.pdbx_Rsym_value              0.058 
_reflns.pdbx_netI_over_sigmaI        73.6 
_reflns.B_iso_Wilson_estimate        23.6 
_reflns.pdbx_redundancy              ? 
_reflns.R_free_details               ? 
_reflns.limit_h_max                  ? 
_reflns.limit_h_min                  ? 
_reflns.limit_k_max                  ? 
_reflns.limit_k_min                  ? 
_reflns.limit_l_max                  ? 
_reflns.limit_l_min                  ? 
_reflns.observed_criterion_F_max     ? 
_reflns.observed_criterion_F_min     ? 
_reflns.pdbx_chi_squared             ? 
_reflns.pdbx_scaling_rejects         ? 
_reflns.pdbx_diffrn_id               1 
_reflns.pdbx_ordinal                 1 
# 
_reflns_shell.d_res_high                  1.5 
_reflns_shell.d_res_low                   1.53 
_reflns_shell.percent_possible_all        91.0 
_reflns_shell.Rmerge_I_obs                ? 
_reflns_shell.pdbx_Rsym_value             0.576 
_reflns_shell.meanI_over_sigI_obs         2.4 
_reflns_shell.pdbx_redundancy             ? 
_reflns_shell.percent_possible_obs        ? 
_reflns_shell.number_unique_all           ? 
_reflns_shell.number_measured_all         ? 
_reflns_shell.number_measured_obs         ? 
_reflns_shell.number_unique_obs           ? 
_reflns_shell.pdbx_chi_squared            ? 
_reflns_shell.pdbx_rejects                ? 
_reflns_shell.pdbx_netI_over_sigmaI_obs   ? 
_reflns_shell.number_possible             ? 
_reflns_shell.Rmerge_F_all                ? 
_reflns_shell.Rmerge_F_obs                ? 
_reflns_shell.Rmerge_I_all                ? 
_reflns_shell.meanI_over_sigI_all         ? 
_reflns_shell.pdbx_Rrim_I_all             ? 
_reflns_shell.pdbx_Rpim_I_all             ? 
_reflns_shell.pdbx_diffrn_id              ? 
_reflns_shell.pdbx_ordinal                1 
# 
_refine.entry_id                                 3OSH 
_refine.ls_number_reflns_obs                     17139 
_refine.ls_number_reflns_all                     18066 
_refine.pdbx_ls_sigma_I                          0.0 
_refine.pdbx_ls_sigma_F                          0.0 
_refine.pdbx_data_cutoff_high_absF               ? 
_refine.pdbx_data_cutoff_low_absF                ? 
_refine.pdbx_data_cutoff_high_rms_absF           ? 
_refine.ls_d_res_low                             42.37 
_refine.ls_d_res_high                            1.50 
_refine.ls_percent_reflns_obs                    96.87 
_refine.ls_R_factor_obs                          0.20078 
_refine.ls_R_factor_all                          ? 
_refine.ls_R_factor_R_work                       0.19920 
_refine.ls_R_factor_R_free                       0.22945 
_refine.ls_R_factor_R_free_error                 ? 
_refine.ls_R_factor_R_free_error_details         ? 
_refine.ls_percent_reflns_R_free                 5.1 
_refine.ls_number_reflns_R_free                  925 
_refine.ls_number_parameters                     ? 
_refine.ls_number_restraints                     ? 
_refine.occupancy_min                            ? 
_refine.occupancy_max                            ? 
_refine.correlation_coeff_Fo_to_Fc               0.963 
_refine.correlation_coeff_Fo_to_Fc_free          0.953 
_refine.B_iso_mean                               22.528 
_refine.aniso_B[1][1]                            -0.09 
_refine.aniso_B[2][2]                            -0.09 
_refine.aniso_B[3][3]                            0.19 
_refine.aniso_B[1][2]                            0.00 
_refine.aniso_B[1][3]                            0.00 
_refine.aniso_B[2][3]                            0.00 
_refine.solvent_model_details                    MASK 
_refine.solvent_model_param_ksol                 ? 
_refine.solvent_model_param_bsol                 ? 
_refine.pdbx_solvent_vdw_probe_radii             1.40 
_refine.pdbx_solvent_ion_probe_radii             0.80 
_refine.pdbx_solvent_shrinkage_radii             0.80 
_refine.pdbx_ls_cross_valid_method               THROUGHOUT 
_refine.details                                  'HYDROGENS HAVE BEEN ADDED IN THE RIDING POSITIONS' 
_refine.pdbx_starting_model                      3NJU 
_refine.pdbx_method_to_determine_struct          'MOLECULAR REPLACEMENT' 
_refine.pdbx_isotropic_thermal_model             ? 
_refine.pdbx_stereochemistry_target_values       'MAXIMUM LIKELIHOOD' 
_refine.pdbx_stereochem_target_val_spec_case     ? 
_refine.pdbx_R_Free_selection_details            RANDOM 
_refine.pdbx_overall_ESU_R                       0.092 
_refine.pdbx_overall_ESU_R_Free                  0.091 
_refine.overall_SU_ML                            0.084 
_refine.pdbx_overall_phase_error                 ? 
_refine.overall_SU_B                             2.195 
_refine.ls_redundancy_reflns_obs                 ? 
_refine.B_iso_min                                ? 
_refine.B_iso_max                                ? 
_refine.ls_wR_factor_R_free                      ? 
_refine.ls_wR_factor_R_work                      ? 
_refine.overall_FOM_free_R_set                   ? 
_refine.overall_FOM_work_R_set                   ? 
_refine.pdbx_refine_id                           'X-RAY DIFFRACTION' 
_refine.overall_SU_R_Cruickshank_DPI             ? 
_refine.overall_SU_R_free                        ? 
_refine.pdbx_diffrn_id                           1 
_refine.pdbx_TLS_residual_ADP_flag               ? 
_refine.pdbx_overall_SU_R_free_Cruickshank_DPI   ? 
_refine.pdbx_overall_SU_R_Blow_DPI               ? 
_refine.pdbx_overall_SU_R_free_Blow_DPI          ? 
# 
_refine_hist.pdbx_refine_id                   'X-RAY DIFFRACTION' 
_refine_hist.cycle_id                         LAST 
_refine_hist.pdbx_number_atoms_protein        910 
_refine_hist.pdbx_number_atoms_nucleic_acid   0 
_refine_hist.pdbx_number_atoms_ligand         22 
_refine_hist.number_atoms_solvent             200 
_refine_hist.number_atoms_total               1132 
_refine_hist.d_res_high                       1.50 
_refine_hist.d_res_low                        42.37 
# 
loop_
_refine_ls_restr.type 
_refine_ls_restr.dev_ideal 
_refine_ls_restr.dev_ideal_target 
_refine_ls_restr.weight 
_refine_ls_restr.number 
_refine_ls_restr.pdbx_refine_id 
_refine_ls_restr.pdbx_restraint_function 
r_bond_refined_d             0.015  0.021  ? 958  'X-RAY DIFFRACTION' ? 
r_bond_other_d               0.002  0.020  ? 756  'X-RAY DIFFRACTION' ? 
r_angle_refined_deg          2.174  1.966  ? 1302 'X-RAY DIFFRACTION' ? 
r_angle_other_deg            1.221  3.000  ? 1776 'X-RAY DIFFRACTION' ? 
r_dihedral_angle_1_deg       4.341  3.000  ? 117  'X-RAY DIFFRACTION' ? 
r_dihedral_angle_2_deg       ?      ?      ? ?    'X-RAY DIFFRACTION' ? 
r_dihedral_angle_3_deg       15.648 15.000 ? 141  'X-RAY DIFFRACTION' ? 
r_dihedral_angle_4_deg       ?      ?      ? ?    'X-RAY DIFFRACTION' ? 
r_chiral_restr               0.251  0.200  ? 134  'X-RAY DIFFRACTION' ? 
r_gen_planes_refined         0.009  0.020  ? 1095 'X-RAY DIFFRACTION' ? 
r_gen_planes_other           0.009  0.020  ? 201  'X-RAY DIFFRACTION' ? 
r_nbd_refined                0.287  0.300  ? 239  'X-RAY DIFFRACTION' ? 
r_nbd_other                  0.201  0.300  ? 761  'X-RAY DIFFRACTION' ? 
r_nbtor_refined              ?      ?      ? ?    'X-RAY DIFFRACTION' ? 
r_nbtor_other                ?      ?      ? ?    'X-RAY DIFFRACTION' ? 
r_xyhbond_nbd_refined        0.154  0.500  ? 112  'X-RAY DIFFRACTION' ? 
r_xyhbond_nbd_other          ?      ?      ? ?    'X-RAY DIFFRACTION' ? 
r_metal_ion_refined          0.215  0.500  ? 2    'X-RAY DIFFRACTION' ? 
r_metal_ion_other            ?      ?      ? ?    'X-RAY DIFFRACTION' ? 
r_symmetry_vdw_refined       0.261  0.300  ? 11   'X-RAY DIFFRACTION' ? 
r_symmetry_vdw_other         0.219  0.300  ? 33   'X-RAY DIFFRACTION' ? 
r_symmetry_hbond_refined     0.237  0.500  ? 24   'X-RAY DIFFRACTION' ? 
r_symmetry_hbond_other       ?      ?      ? ?    'X-RAY DIFFRACTION' ? 
r_symmetry_metal_ion_refined ?      ?      ? ?    'X-RAY DIFFRACTION' ? 
r_symmetry_metal_ion_other   ?      ?      ? ?    'X-RAY DIFFRACTION' ? 
r_mcbond_it                  0.831  1.500  ? 592  'X-RAY DIFFRACTION' ? 
r_mcbond_other               ?      ?      ? ?    'X-RAY DIFFRACTION' ? 
r_mcangle_it                 1.628  2.000  ? 938  'X-RAY DIFFRACTION' ? 
r_scbond_it                  2.279  3.000  ? 366  'X-RAY DIFFRACTION' ? 
r_scangle_it                 3.657  4.500  ? 364  'X-RAY DIFFRACTION' ? 
r_rigid_bond_restr           ?      ?      ? ?    'X-RAY DIFFRACTION' ? 
r_sphericity_free            ?      ?      ? ?    'X-RAY DIFFRACTION' ? 
r_sphericity_bonded          ?      ?      ? ?    'X-RAY DIFFRACTION' ? 
# 
_refine_ls_shell.pdbx_refine_id                   'X-RAY DIFFRACTION' 
_refine_ls_shell.pdbx_total_number_of_bins_used   20 
_refine_ls_shell.d_res_high                       1.495 
_refine_ls_shell.d_res_low                        1.534 
_refine_ls_shell.number_reflns_R_work             1164 
_refine_ls_shell.R_factor_R_work                  0.291 
_refine_ls_shell.percent_reflns_obs               90.40 
_refine_ls_shell.R_factor_R_free                  0.342 
_refine_ls_shell.R_factor_R_free_error            ? 
_refine_ls_shell.percent_reflns_R_free            ? 
_refine_ls_shell.number_reflns_R_free             66 
_refine_ls_shell.number_reflns_all                ? 
_refine_ls_shell.R_factor_all                     ? 
_refine_ls_shell.number_reflns_obs                ? 
_refine_ls_shell.redundancy_reflns_obs            ? 
# 
_struct.entry_id                  3OSH 
_struct.title                     'Crystal Structure of The Complex of Group 1 Phospholipase A2 With Atropin At 1.5 A Resolution' 
_struct.pdbx_model_details        ? 
_struct.pdbx_CASP_flag            ? 
_struct.pdbx_model_type_details   ? 
# 
_struct_keywords.entry_id        3OSH 
_struct_keywords.pdbx_keywords   HYDROLASE 
_struct_keywords.text            'PLA2, Hydrolase, Atropine' 
# 
loop_
_struct_asym.id 
_struct_asym.pdbx_blank_PDB_chainid_flag 
_struct_asym.pdbx_modified 
_struct_asym.entity_id 
_struct_asym.details 
A N N 1 ? 
B N N 2 ? 
C N N 3 ? 
D N N 4 ? 
# 
_struct_ref.id                         1 
_struct_ref.db_name                    UNP 
_struct_ref.db_code                    PA23_NAJSG 
_struct_ref.pdbx_db_accession          P60045 
_struct_ref.entity_id                  1 
_struct_ref.pdbx_seq_one_letter_code   
;NLYQFKNMIQCTVPSRSWQDFADYGCYCGKGGSGTPVDDLDRCCQVHDNCYNEAENISGCRPYFKTYSYECTQGTLTCKG
DNNACAASVCDCDRLAAICFAGAPYNDANYNIDLKARCN
;
_struct_ref.pdbx_align_begin           8 
_struct_ref.pdbx_db_isoform            ? 
# 
_struct_ref_seq.align_id                      1 
_struct_ref_seq.ref_id                        1 
_struct_ref_seq.pdbx_PDB_id_code              3OSH 
_struct_ref_seq.pdbx_strand_id                A 
_struct_ref_seq.seq_align_beg                 1 
_struct_ref_seq.pdbx_seq_align_beg_ins_code   ? 
_struct_ref_seq.seq_align_end                 119 
_struct_ref_seq.pdbx_seq_align_end_ins_code   ? 
_struct_ref_seq.pdbx_db_accession             P60045 
_struct_ref_seq.db_align_beg                  8 
_struct_ref_seq.pdbx_db_align_beg_ins_code    ? 
_struct_ref_seq.db_align_end                  126 
_struct_ref_seq.pdbx_db_align_end_ins_code    ? 
_struct_ref_seq.pdbx_auth_seq_align_beg       1 
_struct_ref_seq.pdbx_auth_seq_align_end       120 
# 
loop_
_struct_ref_seq_dif.align_id 
_struct_ref_seq_dif.pdbx_pdb_id_code 
_struct_ref_seq_dif.mon_id 
_struct_ref_seq_dif.pdbx_pdb_strand_id 
_struct_ref_seq_dif.seq_num 
_struct_ref_seq_dif.pdbx_pdb_ins_code 
_struct_ref_seq_dif.pdbx_seq_db_name 
_struct_ref_seq_dif.pdbx_seq_db_accession_code 
_struct_ref_seq_dif.db_mon_id 
_struct_ref_seq_dif.pdbx_seq_db_seq_num 
_struct_ref_seq_dif.details 
_struct_ref_seq_dif.pdbx_auth_seq_num 
_struct_ref_seq_dif.pdbx_ordinal 
1 3OSH ALA A 19 ? UNP P60045 GLN 26 conflict 20 1 
1 3OSH THR A 46 ? UNP P60045 VAL 53 conflict 47 2 
# 
_pdbx_struct_assembly.id                   1 
_pdbx_struct_assembly.details              author_and_software_defined_assembly 
_pdbx_struct_assembly.method_details       PISA 
_pdbx_struct_assembly.oligomeric_details   monomeric 
_pdbx_struct_assembly.oligomeric_count     1 
# 
_pdbx_struct_assembly_gen.assembly_id       1 
_pdbx_struct_assembly_gen.oper_expression   1 
_pdbx_struct_assembly_gen.asym_id_list      A,B,C,D 
# 
_pdbx_struct_oper_list.id                   1 
_pdbx_struct_oper_list.type                 'identity operation' 
_pdbx_struct_oper_list.name                 1_555 
_pdbx_struct_oper_list.symmetry_operation   x,y,z 
_pdbx_struct_oper_list.matrix[1][1]         1.0000000000 
_pdbx_struct_oper_list.matrix[1][2]         0.0000000000 
_pdbx_struct_oper_list.matrix[1][3]         0.0000000000 
_pdbx_struct_oper_list.vector[1]            0.0000000000 
_pdbx_struct_oper_list.matrix[2][1]         0.0000000000 
_pdbx_struct_oper_list.matrix[2][2]         1.0000000000 
_pdbx_struct_oper_list.matrix[2][3]         0.0000000000 
_pdbx_struct_oper_list.vector[2]            0.0000000000 
_pdbx_struct_oper_list.matrix[3][1]         0.0000000000 
_pdbx_struct_oper_list.matrix[3][2]         0.0000000000 
_pdbx_struct_oper_list.matrix[3][3]         1.0000000000 
_pdbx_struct_oper_list.vector[3]            0.0000000000 
# 
loop_
_struct_conf.conf_type_id 
_struct_conf.id 
_struct_conf.pdbx_PDB_helix_id 
_struct_conf.beg_label_comp_id 
_struct_conf.beg_label_asym_id 
_struct_conf.beg_label_seq_id 
_struct_conf.pdbx_beg_PDB_ins_code 
_struct_conf.end_label_comp_id 
_struct_conf.end_label_asym_id 
_struct_conf.end_label_seq_id 
_struct_conf.pdbx_end_PDB_ins_code 
_struct_conf.beg_auth_comp_id 
_struct_conf.beg_auth_asym_id 
_struct_conf.beg_auth_seq_id 
_struct_conf.end_auth_comp_id 
_struct_conf.end_auth_asym_id 
_struct_conf.end_auth_seq_id 
_struct_conf.pdbx_PDB_helix_class 
_struct_conf.details 
_struct_conf.pdbx_PDB_helix_length 
HELX_P HELX_P1 1 ASN A 1   ? VAL A 13  ? ASN A 1   VAL A 13  1 ? 13 
HELX_P HELX_P2 2 TRP A 18  ? ALA A 22  ? TRP A 19  ALA A 23  5 ? 5  
HELX_P HELX_P3 3 ASP A 38  ? GLU A 55  ? ASP A 39  GLU A 56  1 ? 18 
HELX_P HELX_P4 4 ASN A 83  ? ALA A 103 ? ASN A 84  ALA A 104 1 ? 21 
HELX_P HELX_P5 5 ASN A 106 ? TYR A 110 ? ASN A 107 TYR A 111 5 ? 5  
HELX_P HELX_P6 6 ASP A 113 ? CYS A 118 ? ASP A 114 CYS A 119 1 ? 6  
# 
_struct_conf_type.id          HELX_P 
_struct_conf_type.criteria    ? 
_struct_conf_type.reference   ? 
# 
loop_
_struct_conn.id 
_struct_conn.conn_type_id 
_struct_conn.pdbx_leaving_atom_flag 
_struct_conn.pdbx_PDB_id 
_struct_conn.ptnr1_label_asym_id 
_struct_conn.ptnr1_label_comp_id 
_struct_conn.ptnr1_label_seq_id 
_struct_conn.ptnr1_label_atom_id 
_struct_conn.pdbx_ptnr1_label_alt_id 
_struct_conn.pdbx_ptnr1_PDB_ins_code 
_struct_conn.pdbx_ptnr1_standard_comp_id 
_struct_conn.ptnr1_symmetry 
_struct_conn.ptnr2_label_asym_id 
_struct_conn.ptnr2_label_comp_id 
_struct_conn.ptnr2_label_seq_id 
_struct_conn.ptnr2_label_atom_id 
_struct_conn.pdbx_ptnr2_label_alt_id 
_struct_conn.pdbx_ptnr2_PDB_ins_code 
_struct_conn.ptnr1_auth_asym_id 
_struct_conn.ptnr1_auth_comp_id 
_struct_conn.ptnr1_auth_seq_id 
_struct_conn.ptnr2_auth_asym_id 
_struct_conn.ptnr2_auth_comp_id 
_struct_conn.ptnr2_auth_seq_id 
_struct_conn.ptnr2_symmetry 
_struct_conn.pdbx_ptnr3_label_atom_id 
_struct_conn.pdbx_ptnr3_label_seq_id 
_struct_conn.pdbx_ptnr3_label_comp_id 
_struct_conn.pdbx_ptnr3_label_asym_id 
_struct_conn.pdbx_ptnr3_label_alt_id 
_struct_conn.pdbx_ptnr3_PDB_ins_code 
_struct_conn.details 
_struct_conn.pdbx_dist_value 
_struct_conn.pdbx_value_order 
_struct_conn.pdbx_role 
disulf1 disulf ? ? A CYS 11 SG  ? ? ? 1_555 A CYS 71  SG ? ? A CYS 11  A CYS 72   1_555 ? ? ? ? ? ? ? 2.032 ? ? 
disulf2 disulf ? ? A CYS 26 SG  ? ? ? 1_555 A CYS 118 SG ? ? A CYS 27  A CYS 119  1_555 ? ? ? ? ? ? ? 2.033 ? ? 
disulf3 disulf ? ? A CYS 28 SG  ? ? ? 1_555 A CYS 44  SG ? ? A CYS 29  A CYS 45   1_555 ? ? ? ? ? ? ? 2.015 ? ? 
disulf4 disulf ? ? A CYS 43 SG  ? ? ? 1_555 A CYS 99  SG ? ? A CYS 44  A CYS 100  1_555 ? ? ? ? ? ? ? 2.000 ? ? 
disulf5 disulf ? ? A CYS 50 SG  ? ? ? 1_555 A CYS 92  SG ? ? A CYS 51  A CYS 93   1_555 ? ? ? ? ? ? ? 2.022 ? ? 
disulf6 disulf ? ? A CYS 60 SG  ? ? ? 1_555 A CYS 85  SG ? ? A CYS 61  A CYS 86   1_555 ? ? ? ? ? ? ? 2.073 ? ? 
disulf7 disulf ? ? A CYS 78 SG  ? ? ? 1_555 A CYS 90  SG ? ? A CYS 79  A CYS 91   1_555 ? ? ? ? ? ? ? 2.038 ? ? 
metalc1 metalc ? ? A TYR 27 O   ? ? ? 1_555 B CA  .   CA ? ? A TYR 28  A CA  121  1_555 ? ? ? ? ? ? ? 2.766 ? ? 
metalc2 metalc ? ? A GLY 29 O   ? ? ? 1_555 B CA  .   CA ? ? A GLY 30  A CA  121  1_555 ? ? ? ? ? ? ? 2.191 ? ? 
metalc3 metalc ? ? A GLY 31 O   ? ? ? 1_555 B CA  .   CA ? ? A GLY 32  A CA  121  1_555 ? ? ? ? ? ? ? 2.222 ? ? 
metalc4 metalc ? ? A ASP 48 OD1 ? ? ? 1_555 B CA  .   CA ? ? A ASP 49  A CA  121  1_555 ? ? ? ? ? ? ? 2.708 ? ? 
metalc5 metalc ? ? A ASP 48 OD2 ? ? ? 1_555 B CA  .   CA ? ? A ASP 49  A CA  121  1_555 ? ? ? ? ? ? ? 2.907 ? ? 
metalc6 metalc ? ? B CA  .  CA  ? ? ? 1_555 D HOH .   O  ? ? A CA  121 A HOH 3220 1_555 ? ? ? ? ? ? ? 2.505 ? ? 
# 
loop_
_struct_conn_type.id 
_struct_conn_type.criteria 
_struct_conn_type.reference 
disulf ? ? 
metalc ? ? 
# 
loop_
_pdbx_struct_conn_angle.id 
_pdbx_struct_conn_angle.ptnr1_label_atom_id 
_pdbx_struct_conn_angle.ptnr1_label_alt_id 
_pdbx_struct_conn_angle.ptnr1_label_asym_id 
_pdbx_struct_conn_angle.ptnr1_label_comp_id 
_pdbx_struct_conn_angle.ptnr1_label_seq_id 
_pdbx_struct_conn_angle.ptnr1_auth_atom_id 
_pdbx_struct_conn_angle.ptnr1_auth_asym_id 
_pdbx_struct_conn_angle.ptnr1_auth_comp_id 
_pdbx_struct_conn_angle.ptnr1_auth_seq_id 
_pdbx_struct_conn_angle.ptnr1_PDB_ins_code 
_pdbx_struct_conn_angle.ptnr1_symmetry 
_pdbx_struct_conn_angle.ptnr2_label_atom_id 
_pdbx_struct_conn_angle.ptnr2_label_alt_id 
_pdbx_struct_conn_angle.ptnr2_label_asym_id 
_pdbx_struct_conn_angle.ptnr2_label_comp_id 
_pdbx_struct_conn_angle.ptnr2_label_seq_id 
_pdbx_struct_conn_angle.ptnr2_auth_atom_id 
_pdbx_struct_conn_angle.ptnr2_auth_asym_id 
_pdbx_struct_conn_angle.ptnr2_auth_comp_id 
_pdbx_struct_conn_angle.ptnr2_auth_seq_id 
_pdbx_struct_conn_angle.ptnr2_PDB_ins_code 
_pdbx_struct_conn_angle.ptnr2_symmetry 
_pdbx_struct_conn_angle.ptnr3_label_atom_id 
_pdbx_struct_conn_angle.ptnr3_label_alt_id 
_pdbx_struct_conn_angle.ptnr3_label_asym_id 
_pdbx_struct_conn_angle.ptnr3_label_comp_id 
_pdbx_struct_conn_angle.ptnr3_label_seq_id 
_pdbx_struct_conn_angle.ptnr3_auth_atom_id 
_pdbx_struct_conn_angle.ptnr3_auth_asym_id 
_pdbx_struct_conn_angle.ptnr3_auth_comp_id 
_pdbx_struct_conn_angle.ptnr3_auth_seq_id 
_pdbx_struct_conn_angle.ptnr3_PDB_ins_code 
_pdbx_struct_conn_angle.ptnr3_symmetry 
_pdbx_struct_conn_angle.value 
_pdbx_struct_conn_angle.value_esd 
1  O   ? A TYR 27 ? A TYR 28 ? 1_555 CA ? B CA . ? A CA 121 ? 1_555 O   ? A GLY 29 ? A GLY 30   ? 1_555 91.6  ? 
2  O   ? A TYR 27 ? A TYR 28 ? 1_555 CA ? B CA . ? A CA 121 ? 1_555 O   ? A GLY 31 ? A GLY 32   ? 1_555 80.8  ? 
3  O   ? A GLY 29 ? A GLY 30 ? 1_555 CA ? B CA . ? A CA 121 ? 1_555 O   ? A GLY 31 ? A GLY 32   ? 1_555 81.5  ? 
4  O   ? A TYR 27 ? A TYR 28 ? 1_555 CA ? B CA . ? A CA 121 ? 1_555 OD1 ? A ASP 48 ? A ASP 49   ? 1_555 78.4  ? 
5  O   ? A GLY 29 ? A GLY 30 ? 1_555 CA ? B CA . ? A CA 121 ? 1_555 OD1 ? A ASP 48 ? A ASP 49   ? 1_555 141.3 ? 
6  O   ? A GLY 31 ? A GLY 32 ? 1_555 CA ? B CA . ? A CA 121 ? 1_555 OD1 ? A ASP 48 ? A ASP 49   ? 1_555 132.1 ? 
7  O   ? A TYR 27 ? A TYR 28 ? 1_555 CA ? B CA . ? A CA 121 ? 1_555 OD2 ? A ASP 48 ? A ASP 49   ? 1_555 58.4  ? 
8  O   ? A GLY 29 ? A GLY 30 ? 1_555 CA ? B CA . ? A CA 121 ? 1_555 OD2 ? A ASP 48 ? A ASP 49   ? 1_555 149.5 ? 
9  O   ? A GLY 31 ? A GLY 32 ? 1_555 CA ? B CA . ? A CA 121 ? 1_555 OD2 ? A ASP 48 ? A ASP 49   ? 1_555 87.4  ? 
10 OD1 ? A ASP 48 ? A ASP 49 ? 1_555 CA ? B CA . ? A CA 121 ? 1_555 OD2 ? A ASP 48 ? A ASP 49   ? 1_555 45.1  ? 
11 O   ? A TYR 27 ? A TYR 28 ? 1_555 CA ? B CA . ? A CA 121 ? 1_555 O   ? D HOH .  ? A HOH 3220 ? 1_555 157.1 ? 
12 O   ? A GLY 29 ? A GLY 30 ? 1_555 CA ? B CA . ? A CA 121 ? 1_555 O   ? D HOH .  ? A HOH 3220 ? 1_555 90.6  ? 
13 O   ? A GLY 31 ? A GLY 32 ? 1_555 CA ? B CA . ? A CA 121 ? 1_555 O   ? D HOH .  ? A HOH 3220 ? 1_555 77.0  ? 
14 OD1 ? A ASP 48 ? A ASP 49 ? 1_555 CA ? B CA . ? A CA 121 ? 1_555 O   ? D HOH .  ? A HOH 3220 ? 1_555 112.9 ? 
15 OD2 ? A ASP 48 ? A ASP 49 ? 1_555 CA ? B CA . ? A CA 121 ? 1_555 O   ? D HOH .  ? A HOH 3220 ? 1_555 114.6 ? 
# 
loop_
_pdbx_modification_feature.ordinal 
_pdbx_modification_feature.label_comp_id 
_pdbx_modification_feature.label_asym_id 
_pdbx_modification_feature.label_seq_id 
_pdbx_modification_feature.label_alt_id 
_pdbx_modification_feature.modified_residue_label_comp_id 
_pdbx_modification_feature.modified_residue_label_asym_id 
_pdbx_modification_feature.modified_residue_label_seq_id 
_pdbx_modification_feature.modified_residue_label_alt_id 
_pdbx_modification_feature.auth_comp_id 
_pdbx_modification_feature.auth_asym_id 
_pdbx_modification_feature.auth_seq_id 
_pdbx_modification_feature.PDB_ins_code 
_pdbx_modification_feature.symmetry 
_pdbx_modification_feature.modified_residue_auth_comp_id 
_pdbx_modification_feature.modified_residue_auth_asym_id 
_pdbx_modification_feature.modified_residue_auth_seq_id 
_pdbx_modification_feature.modified_residue_PDB_ins_code 
_pdbx_modification_feature.modified_residue_symmetry 
_pdbx_modification_feature.comp_id_linking_atom 
_pdbx_modification_feature.modified_residue_id_linking_atom 
_pdbx_modification_feature.modified_residue_id 
_pdbx_modification_feature.ref_pcm_id 
_pdbx_modification_feature.ref_comp_id 
_pdbx_modification_feature.type 
_pdbx_modification_feature.category 
1 CYS A 11 ? CYS A 71  ? CYS A 11 ? 1_555 CYS A 72  ? 1_555 SG SG . . . None 'Disulfide bridge' 
2 CYS A 26 ? CYS A 118 ? CYS A 27 ? 1_555 CYS A 119 ? 1_555 SG SG . . . None 'Disulfide bridge' 
3 CYS A 28 ? CYS A 44  ? CYS A 29 ? 1_555 CYS A 45  ? 1_555 SG SG . . . None 'Disulfide bridge' 
4 CYS A 43 ? CYS A 99  ? CYS A 44 ? 1_555 CYS A 100 ? 1_555 SG SG . . . None 'Disulfide bridge' 
5 CYS A 50 ? CYS A 92  ? CYS A 51 ? 1_555 CYS A 93  ? 1_555 SG SG . . . None 'Disulfide bridge' 
6 CYS A 60 ? CYS A 85  ? CYS A 61 ? 1_555 CYS A 86  ? 1_555 SG SG . . . None 'Disulfide bridge' 
7 CYS A 78 ? CYS A 90  ? CYS A 79 ? 1_555 CYS A 91  ? 1_555 SG SG . . . None 'Disulfide bridge' 
# 
_struct_sheet.id               A 
_struct_sheet.type             ? 
_struct_sheet.number_strands   2 
_struct_sheet.details          ? 
# 
_struct_sheet_order.sheet_id     A 
_struct_sheet_order.range_id_1   1 
_struct_sheet_order.range_id_2   2 
_struct_sheet_order.offset       ? 
_struct_sheet_order.sense        anti-parallel 
# 
loop_
_struct_sheet_range.sheet_id 
_struct_sheet_range.id 
_struct_sheet_range.beg_label_comp_id 
_struct_sheet_range.beg_label_asym_id 
_struct_sheet_range.beg_label_seq_id 
_struct_sheet_range.pdbx_beg_PDB_ins_code 
_struct_sheet_range.end_label_comp_id 
_struct_sheet_range.end_label_asym_id 
_struct_sheet_range.end_label_seq_id 
_struct_sheet_range.pdbx_end_PDB_ins_code 
_struct_sheet_range.beg_auth_comp_id 
_struct_sheet_range.beg_auth_asym_id 
_struct_sheet_range.beg_auth_seq_id 
_struct_sheet_range.end_auth_comp_id 
_struct_sheet_range.end_auth_asym_id 
_struct_sheet_range.end_auth_seq_id 
A 1 TYR A 69 ? THR A 72 ? TYR A 70 THR A 73 
A 2 THR A 75 ? CYS A 78 ? THR A 76 CYS A 79 
# 
_pdbx_struct_sheet_hbond.sheet_id                A 
_pdbx_struct_sheet_hbond.range_id_1              1 
_pdbx_struct_sheet_hbond.range_id_2              2 
_pdbx_struct_sheet_hbond.range_1_label_atom_id   N 
_pdbx_struct_sheet_hbond.range_1_label_comp_id   GLU 
_pdbx_struct_sheet_hbond.range_1_label_asym_id   A 
_pdbx_struct_sheet_hbond.range_1_label_seq_id    70 
_pdbx_struct_sheet_hbond.range_1_PDB_ins_code    ? 
_pdbx_struct_sheet_hbond.range_1_auth_atom_id    N 
_pdbx_struct_sheet_hbond.range_1_auth_comp_id    GLU 
_pdbx_struct_sheet_hbond.range_1_auth_asym_id    A 
_pdbx_struct_sheet_hbond.range_1_auth_seq_id     71 
_pdbx_struct_sheet_hbond.range_2_label_atom_id   O 
_pdbx_struct_sheet_hbond.range_2_label_comp_id   THR 
_pdbx_struct_sheet_hbond.range_2_label_asym_id   A 
_pdbx_struct_sheet_hbond.range_2_label_seq_id    77 
_pdbx_struct_sheet_hbond.range_2_PDB_ins_code    ? 
_pdbx_struct_sheet_hbond.range_2_auth_atom_id    O 
_pdbx_struct_sheet_hbond.range_2_auth_comp_id    THR 
_pdbx_struct_sheet_hbond.range_2_auth_asym_id    A 
_pdbx_struct_sheet_hbond.range_2_auth_seq_id     78 
# 
loop_
_struct_site.id 
_struct_site.pdbx_evidence_code 
_struct_site.pdbx_auth_asym_id 
_struct_site.pdbx_auth_comp_id 
_struct_site.pdbx_auth_seq_id 
_struct_site.pdbx_auth_ins_code 
_struct_site.pdbx_num_residues 
_struct_site.details 
AC1 Software A CA  121  ? 5  'BINDING SITE FOR RESIDUE CA A 121'   
AC2 Software A OIN 5811 ? 10 'BINDING SITE FOR RESIDUE OIN A 5811' 
# 
loop_
_struct_site_gen.id 
_struct_site_gen.site_id 
_struct_site_gen.pdbx_num_res 
_struct_site_gen.label_comp_id 
_struct_site_gen.label_asym_id 
_struct_site_gen.label_seq_id 
_struct_site_gen.pdbx_auth_ins_code 
_struct_site_gen.auth_comp_id 
_struct_site_gen.auth_asym_id 
_struct_site_gen.auth_seq_id 
_struct_site_gen.label_atom_id 
_struct_site_gen.label_alt_id 
_struct_site_gen.symmetry 
_struct_site_gen.details 
1  AC1 5  TYR A 27 ? TYR A 28   . ? 1_555 ? 
2  AC1 5  GLY A 29 ? GLY A 30   . ? 1_555 ? 
3  AC1 5  GLY A 31 ? GLY A 32   . ? 1_555 ? 
4  AC1 5  ASP A 48 ? ASP A 49   . ? 1_555 ? 
5  AC1 5  HOH D .  ? HOH A 3220 . ? 1_555 ? 
6  AC2 10 LEU A 2  ? LEU A 2    . ? 1_555 ? 
7  AC2 10 PHE A 5  ? PHE A 5    . ? 1_555 ? 
8  AC2 10 TRP A 18 ? TRP A 19   . ? 1_555 ? 
9  AC2 10 PHE A 21 ? PHE A 22   . ? 1_555 ? 
10 AC2 10 GLY A 29 ? GLY A 30   . ? 1_555 ? 
11 AC2 10 LYS A 30 ? LYS A 31   . ? 1_555 ? 
12 AC2 10 HIS A 47 ? HIS A 48   . ? 1_555 ? 
13 AC2 10 TYR A 63 ? TYR A 64   . ? 1_555 ? 
14 AC2 10 HOH D .  ? HOH A 3249 . ? 1_555 ? 
15 AC2 10 HOH D .  ? HOH A 3250 . ? 1_555 ? 
# 
_pdbx_entry_details.entry_id                   3OSH 
_pdbx_entry_details.compound_details           ? 
_pdbx_entry_details.source_details             ? 
_pdbx_entry_details.nonpolymer_details         ? 
_pdbx_entry_details.sequence_details           ? 
_pdbx_entry_details.has_ligand_of_interest     ? 
_pdbx_entry_details.has_protein_modification   Y 
# 
_pdbx_validate_rmsd_angle.id                         1 
_pdbx_validate_rmsd_angle.PDB_model_num              1 
_pdbx_validate_rmsd_angle.auth_atom_id_1             CA 
_pdbx_validate_rmsd_angle.auth_asym_id_1             A 
_pdbx_validate_rmsd_angle.auth_comp_id_1             CYS 
_pdbx_validate_rmsd_angle.auth_seq_id_1              44 
_pdbx_validate_rmsd_angle.PDB_ins_code_1             ? 
_pdbx_validate_rmsd_angle.label_alt_id_1             ? 
_pdbx_validate_rmsd_angle.auth_atom_id_2             CB 
_pdbx_validate_rmsd_angle.auth_asym_id_2             A 
_pdbx_validate_rmsd_angle.auth_comp_id_2             CYS 
_pdbx_validate_rmsd_angle.auth_seq_id_2              44 
_pdbx_validate_rmsd_angle.PDB_ins_code_2             ? 
_pdbx_validate_rmsd_angle.label_alt_id_2             ? 
_pdbx_validate_rmsd_angle.auth_atom_id_3             SG 
_pdbx_validate_rmsd_angle.auth_asym_id_3             A 
_pdbx_validate_rmsd_angle.auth_comp_id_3             CYS 
_pdbx_validate_rmsd_angle.auth_seq_id_3              44 
_pdbx_validate_rmsd_angle.PDB_ins_code_3             ? 
_pdbx_validate_rmsd_angle.label_alt_id_3             ? 
_pdbx_validate_rmsd_angle.angle_value                121.83 
_pdbx_validate_rmsd_angle.angle_target_value         114.20 
_pdbx_validate_rmsd_angle.angle_deviation            7.63 
_pdbx_validate_rmsd_angle.angle_standard_deviation   1.10 
_pdbx_validate_rmsd_angle.linker_flag                N 
# 
loop_
_pdbx_validate_torsion.id 
_pdbx_validate_torsion.PDB_model_num 
_pdbx_validate_torsion.auth_comp_id 
_pdbx_validate_torsion.auth_asym_id 
_pdbx_validate_torsion.auth_seq_id 
_pdbx_validate_torsion.PDB_ins_code 
_pdbx_validate_torsion.label_alt_id 
_pdbx_validate_torsion.phi 
_pdbx_validate_torsion.psi 
1 1 ASP A 24 ? ? -151.74 79.65   
2 1 ASP A 39 ? ? -170.27 -177.48 
3 1 ASN A 84 ? ? -69.28  -179.40 
# 
loop_
_chem_comp_atom.comp_id 
_chem_comp_atom.atom_id 
_chem_comp_atom.type_symbol 
_chem_comp_atom.pdbx_aromatic_flag 
_chem_comp_atom.pdbx_stereo_config 
_chem_comp_atom.pdbx_ordinal 
ALA N    N  N N 1   
ALA CA   C  N S 2   
ALA C    C  N N 3   
ALA O    O  N N 4   
ALA CB   C  N N 5   
ALA OXT  O  N N 6   
ALA H    H  N N 7   
ALA H2   H  N N 8   
ALA HA   H  N N 9   
ALA HB1  H  N N 10  
ALA HB2  H  N N 11  
ALA HB3  H  N N 12  
ALA HXT  H  N N 13  
ARG N    N  N N 14  
ARG CA   C  N S 15  
ARG C    C  N N 16  
ARG O    O  N N 17  
ARG CB   C  N N 18  
ARG CG   C  N N 19  
ARG CD   C  N N 20  
ARG NE   N  N N 21  
ARG CZ   C  N N 22  
ARG NH1  N  N N 23  
ARG NH2  N  N N 24  
ARG OXT  O  N N 25  
ARG H    H  N N 26  
ARG H2   H  N N 27  
ARG HA   H  N N 28  
ARG HB2  H  N N 29  
ARG HB3  H  N N 30  
ARG HG2  H  N N 31  
ARG HG3  H  N N 32  
ARG HD2  H  N N 33  
ARG HD3  H  N N 34  
ARG HE   H  N N 35  
ARG HH11 H  N N 36  
ARG HH12 H  N N 37  
ARG HH21 H  N N 38  
ARG HH22 H  N N 39  
ARG HXT  H  N N 40  
ASN N    N  N N 41  
ASN CA   C  N S 42  
ASN C    C  N N 43  
ASN O    O  N N 44  
ASN CB   C  N N 45  
ASN CG   C  N N 46  
ASN OD1  O  N N 47  
ASN ND2  N  N N 48  
ASN OXT  O  N N 49  
ASN H    H  N N 50  
ASN H2   H  N N 51  
ASN HA   H  N N 52  
ASN HB2  H  N N 53  
ASN HB3  H  N N 54  
ASN HD21 H  N N 55  
ASN HD22 H  N N 56  
ASN HXT  H  N N 57  
ASP N    N  N N 58  
ASP CA   C  N S 59  
ASP C    C  N N 60  
ASP O    O  N N 61  
ASP CB   C  N N 62  
ASP CG   C  N N 63  
ASP OD1  O  N N 64  
ASP OD2  O  N N 65  
ASP OXT  O  N N 66  
ASP H    H  N N 67  
ASP H2   H  N N 68  
ASP HA   H  N N 69  
ASP HB2  H  N N 70  
ASP HB3  H  N N 71  
ASP HD2  H  N N 72  
ASP HXT  H  N N 73  
CA  CA   CA N N 74  
CYS N    N  N N 75  
CYS CA   C  N R 76  
CYS C    C  N N 77  
CYS O    O  N N 78  
CYS CB   C  N N 79  
CYS SG   S  N N 80  
CYS OXT  O  N N 81  
CYS H    H  N N 82  
CYS H2   H  N N 83  
CYS HA   H  N N 84  
CYS HB2  H  N N 85  
CYS HB3  H  N N 86  
CYS HG   H  N N 87  
CYS HXT  H  N N 88  
GLN N    N  N N 89  
GLN CA   C  N S 90  
GLN C    C  N N 91  
GLN O    O  N N 92  
GLN CB   C  N N 93  
GLN CG   C  N N 94  
GLN CD   C  N N 95  
GLN OE1  O  N N 96  
GLN NE2  N  N N 97  
GLN OXT  O  N N 98  
GLN H    H  N N 99  
GLN H2   H  N N 100 
GLN HA   H  N N 101 
GLN HB2  H  N N 102 
GLN HB3  H  N N 103 
GLN HG2  H  N N 104 
GLN HG3  H  N N 105 
GLN HE21 H  N N 106 
GLN HE22 H  N N 107 
GLN HXT  H  N N 108 
GLU N    N  N N 109 
GLU CA   C  N S 110 
GLU C    C  N N 111 
GLU O    O  N N 112 
GLU CB   C  N N 113 
GLU CG   C  N N 114 
GLU CD   C  N N 115 
GLU OE1  O  N N 116 
GLU OE2  O  N N 117 
GLU OXT  O  N N 118 
GLU H    H  N N 119 
GLU H2   H  N N 120 
GLU HA   H  N N 121 
GLU HB2  H  N N 122 
GLU HB3  H  N N 123 
GLU HG2  H  N N 124 
GLU HG3  H  N N 125 
GLU HE2  H  N N 126 
GLU HXT  H  N N 127 
GLY N    N  N N 128 
GLY CA   C  N N 129 
GLY C    C  N N 130 
GLY O    O  N N 131 
GLY OXT  O  N N 132 
GLY H    H  N N 133 
GLY H2   H  N N 134 
GLY HA2  H  N N 135 
GLY HA3  H  N N 136 
GLY HXT  H  N N 137 
HIS N    N  N N 138 
HIS CA   C  N S 139 
HIS C    C  N N 140 
HIS O    O  N N 141 
HIS CB   C  N N 142 
HIS CG   C  Y N 143 
HIS ND1  N  Y N 144 
HIS CD2  C  Y N 145 
HIS CE1  C  Y N 146 
HIS NE2  N  Y N 147 
HIS OXT  O  N N 148 
HIS H    H  N N 149 
HIS H2   H  N N 150 
HIS HA   H  N N 151 
HIS HB2  H  N N 152 
HIS HB3  H  N N 153 
HIS HD1  H  N N 154 
HIS HD2  H  N N 155 
HIS HE1  H  N N 156 
HIS HE2  H  N N 157 
HIS HXT  H  N N 158 
HOH O    O  N N 159 
HOH H1   H  N N 160 
HOH H2   H  N N 161 
ILE N    N  N N 162 
ILE CA   C  N S 163 
ILE C    C  N N 164 
ILE O    O  N N 165 
ILE CB   C  N S 166 
ILE CG1  C  N N 167 
ILE CG2  C  N N 168 
ILE CD1  C  N N 169 
ILE OXT  O  N N 170 
ILE H    H  N N 171 
ILE H2   H  N N 172 
ILE HA   H  N N 173 
ILE HB   H  N N 174 
ILE HG12 H  N N 175 
ILE HG13 H  N N 176 
ILE HG21 H  N N 177 
ILE HG22 H  N N 178 
ILE HG23 H  N N 179 
ILE HD11 H  N N 180 
ILE HD12 H  N N 181 
ILE HD13 H  N N 182 
ILE HXT  H  N N 183 
LEU N    N  N N 184 
LEU CA   C  N S 185 
LEU C    C  N N 186 
LEU O    O  N N 187 
LEU CB   C  N N 188 
LEU CG   C  N N 189 
LEU CD1  C  N N 190 
LEU CD2  C  N N 191 
LEU OXT  O  N N 192 
LEU H    H  N N 193 
LEU H2   H  N N 194 
LEU HA   H  N N 195 
LEU HB2  H  N N 196 
LEU HB3  H  N N 197 
LEU HG   H  N N 198 
LEU HD11 H  N N 199 
LEU HD12 H  N N 200 
LEU HD13 H  N N 201 
LEU HD21 H  N N 202 
LEU HD22 H  N N 203 
LEU HD23 H  N N 204 
LEU HXT  H  N N 205 
LYS N    N  N N 206 
LYS CA   C  N S 207 
LYS C    C  N N 208 
LYS O    O  N N 209 
LYS CB   C  N N 210 
LYS CG   C  N N 211 
LYS CD   C  N N 212 
LYS CE   C  N N 213 
LYS NZ   N  N N 214 
LYS OXT  O  N N 215 
LYS H    H  N N 216 
LYS H2   H  N N 217 
LYS HA   H  N N 218 
LYS HB2  H  N N 219 
LYS HB3  H  N N 220 
LYS HG2  H  N N 221 
LYS HG3  H  N N 222 
LYS HD2  H  N N 223 
LYS HD3  H  N N 224 
LYS HE2  H  N N 225 
LYS HE3  H  N N 226 
LYS HZ1  H  N N 227 
LYS HZ2  H  N N 228 
LYS HZ3  H  N N 229 
LYS HXT  H  N N 230 
MET N    N  N N 231 
MET CA   C  N S 232 
MET C    C  N N 233 
MET O    O  N N 234 
MET CB   C  N N 235 
MET CG   C  N N 236 
MET SD   S  N N 237 
MET CE   C  N N 238 
MET OXT  O  N N 239 
MET H    H  N N 240 
MET H2   H  N N 241 
MET HA   H  N N 242 
MET HB2  H  N N 243 
MET HB3  H  N N 244 
MET HG2  H  N N 245 
MET HG3  H  N N 246 
MET HE1  H  N N 247 
MET HE2  H  N N 248 
MET HE3  H  N N 249 
MET HXT  H  N N 250 
OIN C10  C  N N 251 
OIN N    N  N N 252 
OIN C11  C  N S 253 
OIN C17  C  N N 254 
OIN C16  C  N N 255 
OIN C15  C  N R 256 
OIN C14  C  N N 257 
OIN C13  C  N N 258 
OIN C12  C  N N 259 
OIN O2   O  N N 260 
OIN C7   C  N N 261 
OIN O3   O  N N 262 
OIN C9   C  N S 263 
OIN C8   C  N N 264 
OIN OH   O  N N 265 
OIN C6   C  Y N 266 
OIN C5   C  Y N 267 
OIN C4   C  Y N 268 
OIN C3   C  Y N 269 
OIN C2   C  Y N 270 
OIN C1   C  Y N 271 
OIN H101 H  N N 272 
OIN H102 H  N N 273 
OIN H103 H  N N 274 
OIN H11  H  N N 275 
OIN H171 H  N N 276 
OIN H172 H  N N 277 
OIN H161 H  N N 278 
OIN H162 H  N N 279 
OIN H15  H  N N 280 
OIN H141 H  N N 281 
OIN H142 H  N N 282 
OIN H13  H  N N 283 
OIN H121 H  N N 284 
OIN H122 H  N N 285 
OIN H9   H  N N 286 
OIN H81  H  N N 287 
OIN H82  H  N N 288 
OIN HOH  H  N N 289 
OIN H5   H  N N 290 
OIN H4   H  N N 291 
OIN H3   H  N N 292 
OIN H2   H  N N 293 
OIN H1   H  N N 294 
PHE N    N  N N 295 
PHE CA   C  N S 296 
PHE C    C  N N 297 
PHE O    O  N N 298 
PHE CB   C  N N 299 
PHE CG   C  Y N 300 
PHE CD1  C  Y N 301 
PHE CD2  C  Y N 302 
PHE CE1  C  Y N 303 
PHE CE2  C  Y N 304 
PHE CZ   C  Y N 305 
PHE OXT  O  N N 306 
PHE H    H  N N 307 
PHE H2   H  N N 308 
PHE HA   H  N N 309 
PHE HB2  H  N N 310 
PHE HB3  H  N N 311 
PHE HD1  H  N N 312 
PHE HD2  H  N N 313 
PHE HE1  H  N N 314 
PHE HE2  H  N N 315 
PHE HZ   H  N N 316 
PHE HXT  H  N N 317 
PRO N    N  N N 318 
PRO CA   C  N S 319 
PRO C    C  N N 320 
PRO O    O  N N 321 
PRO CB   C  N N 322 
PRO CG   C  N N 323 
PRO CD   C  N N 324 
PRO OXT  O  N N 325 
PRO H    H  N N 326 
PRO HA   H  N N 327 
PRO HB2  H  N N 328 
PRO HB3  H  N N 329 
PRO HG2  H  N N 330 
PRO HG3  H  N N 331 
PRO HD2  H  N N 332 
PRO HD3  H  N N 333 
PRO HXT  H  N N 334 
SER N    N  N N 335 
SER CA   C  N S 336 
SER C    C  N N 337 
SER O    O  N N 338 
SER CB   C  N N 339 
SER OG   O  N N 340 
SER OXT  O  N N 341 
SER H    H  N N 342 
SER H2   H  N N 343 
SER HA   H  N N 344 
SER HB2  H  N N 345 
SER HB3  H  N N 346 
SER HG   H  N N 347 
SER HXT  H  N N 348 
THR N    N  N N 349 
THR CA   C  N S 350 
THR C    C  N N 351 
THR O    O  N N 352 
THR CB   C  N R 353 
THR OG1  O  N N 354 
THR CG2  C  N N 355 
THR OXT  O  N N 356 
THR H    H  N N 357 
THR H2   H  N N 358 
THR HA   H  N N 359 
THR HB   H  N N 360 
THR HG1  H  N N 361 
THR HG21 H  N N 362 
THR HG22 H  N N 363 
THR HG23 H  N N 364 
THR HXT  H  N N 365 
TRP N    N  N N 366 
TRP CA   C  N S 367 
TRP C    C  N N 368 
TRP O    O  N N 369 
TRP CB   C  N N 370 
TRP CG   C  Y N 371 
TRP CD1  C  Y N 372 
TRP CD2  C  Y N 373 
TRP NE1  N  Y N 374 
TRP CE2  C  Y N 375 
TRP CE3  C  Y N 376 
TRP CZ2  C  Y N 377 
TRP CZ3  C  Y N 378 
TRP CH2  C  Y N 379 
TRP OXT  O  N N 380 
TRP H    H  N N 381 
TRP H2   H  N N 382 
TRP HA   H  N N 383 
TRP HB2  H  N N 384 
TRP HB3  H  N N 385 
TRP HD1  H  N N 386 
TRP HE1  H  N N 387 
TRP HE3  H  N N 388 
TRP HZ2  H  N N 389 
TRP HZ3  H  N N 390 
TRP HH2  H  N N 391 
TRP HXT  H  N N 392 
TYR N    N  N N 393 
TYR CA   C  N S 394 
TYR C    C  N N 395 
TYR O    O  N N 396 
TYR CB   C  N N 397 
TYR CG   C  Y N 398 
TYR CD1  C  Y N 399 
TYR CD2  C  Y N 400 
TYR CE1  C  Y N 401 
TYR CE2  C  Y N 402 
TYR CZ   C  Y N 403 
TYR OH   O  N N 404 
TYR OXT  O  N N 405 
TYR H    H  N N 406 
TYR H2   H  N N 407 
TYR HA   H  N N 408 
TYR HB2  H  N N 409 
TYR HB3  H  N N 410 
TYR HD1  H  N N 411 
TYR HD2  H  N N 412 
TYR HE1  H  N N 413 
TYR HE2  H  N N 414 
TYR HH   H  N N 415 
TYR HXT  H  N N 416 
VAL N    N  N N 417 
VAL CA   C  N S 418 
VAL C    C  N N 419 
VAL O    O  N N 420 
VAL CB   C  N N 421 
VAL CG1  C  N N 422 
VAL CG2  C  N N 423 
VAL OXT  O  N N 424 
VAL H    H  N N 425 
VAL H2   H  N N 426 
VAL HA   H  N N 427 
VAL HB   H  N N 428 
VAL HG11 H  N N 429 
VAL HG12 H  N N 430 
VAL HG13 H  N N 431 
VAL HG21 H  N N 432 
VAL HG22 H  N N 433 
VAL HG23 H  N N 434 
VAL HXT  H  N N 435 
# 
loop_
_chem_comp_bond.comp_id 
_chem_comp_bond.atom_id_1 
_chem_comp_bond.atom_id_2 
_chem_comp_bond.value_order 
_chem_comp_bond.pdbx_aromatic_flag 
_chem_comp_bond.pdbx_stereo_config 
_chem_comp_bond.pdbx_ordinal 
ALA N   CA   sing N N 1   
ALA N   H    sing N N 2   
ALA N   H2   sing N N 3   
ALA CA  C    sing N N 4   
ALA CA  CB   sing N N 5   
ALA CA  HA   sing N N 6   
ALA C   O    doub N N 7   
ALA C   OXT  sing N N 8   
ALA CB  HB1  sing N N 9   
ALA CB  HB2  sing N N 10  
ALA CB  HB3  sing N N 11  
ALA OXT HXT  sing N N 12  
ARG N   CA   sing N N 13  
ARG N   H    sing N N 14  
ARG N   H2   sing N N 15  
ARG CA  C    sing N N 16  
ARG CA  CB   sing N N 17  
ARG CA  HA   sing N N 18  
ARG C   O    doub N N 19  
ARG C   OXT  sing N N 20  
ARG CB  CG   sing N N 21  
ARG CB  HB2  sing N N 22  
ARG CB  HB3  sing N N 23  
ARG CG  CD   sing N N 24  
ARG CG  HG2  sing N N 25  
ARG CG  HG3  sing N N 26  
ARG CD  NE   sing N N 27  
ARG CD  HD2  sing N N 28  
ARG CD  HD3  sing N N 29  
ARG NE  CZ   sing N N 30  
ARG NE  HE   sing N N 31  
ARG CZ  NH1  sing N N 32  
ARG CZ  NH2  doub N N 33  
ARG NH1 HH11 sing N N 34  
ARG NH1 HH12 sing N N 35  
ARG NH2 HH21 sing N N 36  
ARG NH2 HH22 sing N N 37  
ARG OXT HXT  sing N N 38  
ASN N   CA   sing N N 39  
ASN N   H    sing N N 40  
ASN N   H2   sing N N 41  
ASN CA  C    sing N N 42  
ASN CA  CB   sing N N 43  
ASN CA  HA   sing N N 44  
ASN C   O    doub N N 45  
ASN C   OXT  sing N N 46  
ASN CB  CG   sing N N 47  
ASN CB  HB2  sing N N 48  
ASN CB  HB3  sing N N 49  
ASN CG  OD1  doub N N 50  
ASN CG  ND2  sing N N 51  
ASN ND2 HD21 sing N N 52  
ASN ND2 HD22 sing N N 53  
ASN OXT HXT  sing N N 54  
ASP N   CA   sing N N 55  
ASP N   H    sing N N 56  
ASP N   H2   sing N N 57  
ASP CA  C    sing N N 58  
ASP CA  CB   sing N N 59  
ASP CA  HA   sing N N 60  
ASP C   O    doub N N 61  
ASP C   OXT  sing N N 62  
ASP CB  CG   sing N N 63  
ASP CB  HB2  sing N N 64  
ASP CB  HB3  sing N N 65  
ASP CG  OD1  doub N N 66  
ASP CG  OD2  sing N N 67  
ASP OD2 HD2  sing N N 68  
ASP OXT HXT  sing N N 69  
CYS N   CA   sing N N 70  
CYS N   H    sing N N 71  
CYS N   H2   sing N N 72  
CYS CA  C    sing N N 73  
CYS CA  CB   sing N N 74  
CYS CA  HA   sing N N 75  
CYS C   O    doub N N 76  
CYS C   OXT  sing N N 77  
CYS CB  SG   sing N N 78  
CYS CB  HB2  sing N N 79  
CYS CB  HB3  sing N N 80  
CYS SG  HG   sing N N 81  
CYS OXT HXT  sing N N 82  
GLN N   CA   sing N N 83  
GLN N   H    sing N N 84  
GLN N   H2   sing N N 85  
GLN CA  C    sing N N 86  
GLN CA  CB   sing N N 87  
GLN CA  HA   sing N N 88  
GLN C   O    doub N N 89  
GLN C   OXT  sing N N 90  
GLN CB  CG   sing N N 91  
GLN CB  HB2  sing N N 92  
GLN CB  HB3  sing N N 93  
GLN CG  CD   sing N N 94  
GLN CG  HG2  sing N N 95  
GLN CG  HG3  sing N N 96  
GLN CD  OE1  doub N N 97  
GLN CD  NE2  sing N N 98  
GLN NE2 HE21 sing N N 99  
GLN NE2 HE22 sing N N 100 
GLN OXT HXT  sing N N 101 
GLU N   CA   sing N N 102 
GLU N   H    sing N N 103 
GLU N   H2   sing N N 104 
GLU CA  C    sing N N 105 
GLU CA  CB   sing N N 106 
GLU CA  HA   sing N N 107 
GLU C   O    doub N N 108 
GLU C   OXT  sing N N 109 
GLU CB  CG   sing N N 110 
GLU CB  HB2  sing N N 111 
GLU CB  HB3  sing N N 112 
GLU CG  CD   sing N N 113 
GLU CG  HG2  sing N N 114 
GLU CG  HG3  sing N N 115 
GLU CD  OE1  doub N N 116 
GLU CD  OE2  sing N N 117 
GLU OE2 HE2  sing N N 118 
GLU OXT HXT  sing N N 119 
GLY N   CA   sing N N 120 
GLY N   H    sing N N 121 
GLY N   H2   sing N N 122 
GLY CA  C    sing N N 123 
GLY CA  HA2  sing N N 124 
GLY CA  HA3  sing N N 125 
GLY C   O    doub N N 126 
GLY C   OXT  sing N N 127 
GLY OXT HXT  sing N N 128 
HIS N   CA   sing N N 129 
HIS N   H    sing N N 130 
HIS N   H2   sing N N 131 
HIS CA  C    sing N N 132 
HIS CA  CB   sing N N 133 
HIS CA  HA   sing N N 134 
HIS C   O    doub N N 135 
HIS C   OXT  sing N N 136 
HIS CB  CG   sing N N 137 
HIS CB  HB2  sing N N 138 
HIS CB  HB3  sing N N 139 
HIS CG  ND1  sing Y N 140 
HIS CG  CD2  doub Y N 141 
HIS ND1 CE1  doub Y N 142 
HIS ND1 HD1  sing N N 143 
HIS CD2 NE2  sing Y N 144 
HIS CD2 HD2  sing N N 145 
HIS CE1 NE2  sing Y N 146 
HIS CE1 HE1  sing N N 147 
HIS NE2 HE2  sing N N 148 
HIS OXT HXT  sing N N 149 
HOH O   H1   sing N N 150 
HOH O   H2   sing N N 151 
ILE N   CA   sing N N 152 
ILE N   H    sing N N 153 
ILE N   H2   sing N N 154 
ILE CA  C    sing N N 155 
ILE CA  CB   sing N N 156 
ILE CA  HA   sing N N 157 
ILE C   O    doub N N 158 
ILE C   OXT  sing N N 159 
ILE CB  CG1  sing N N 160 
ILE CB  CG2  sing N N 161 
ILE CB  HB   sing N N 162 
ILE CG1 CD1  sing N N 163 
ILE CG1 HG12 sing N N 164 
ILE CG1 HG13 sing N N 165 
ILE CG2 HG21 sing N N 166 
ILE CG2 HG22 sing N N 167 
ILE CG2 HG23 sing N N 168 
ILE CD1 HD11 sing N N 169 
ILE CD1 HD12 sing N N 170 
ILE CD1 HD13 sing N N 171 
ILE OXT HXT  sing N N 172 
LEU N   CA   sing N N 173 
LEU N   H    sing N N 174 
LEU N   H2   sing N N 175 
LEU CA  C    sing N N 176 
LEU CA  CB   sing N N 177 
LEU CA  HA   sing N N 178 
LEU C   O    doub N N 179 
LEU C   OXT  sing N N 180 
LEU CB  CG   sing N N 181 
LEU CB  HB2  sing N N 182 
LEU CB  HB3  sing N N 183 
LEU CG  CD1  sing N N 184 
LEU CG  CD2  sing N N 185 
LEU CG  HG   sing N N 186 
LEU CD1 HD11 sing N N 187 
LEU CD1 HD12 sing N N 188 
LEU CD1 HD13 sing N N 189 
LEU CD2 HD21 sing N N 190 
LEU CD2 HD22 sing N N 191 
LEU CD2 HD23 sing N N 192 
LEU OXT HXT  sing N N 193 
LYS N   CA   sing N N 194 
LYS N   H    sing N N 195 
LYS N   H2   sing N N 196 
LYS CA  C    sing N N 197 
LYS CA  CB   sing N N 198 
LYS CA  HA   sing N N 199 
LYS C   O    doub N N 200 
LYS C   OXT  sing N N 201 
LYS CB  CG   sing N N 202 
LYS CB  HB2  sing N N 203 
LYS CB  HB3  sing N N 204 
LYS CG  CD   sing N N 205 
LYS CG  HG2  sing N N 206 
LYS CG  HG3  sing N N 207 
LYS CD  CE   sing N N 208 
LYS CD  HD2  sing N N 209 
LYS CD  HD3  sing N N 210 
LYS CE  NZ   sing N N 211 
LYS CE  HE2  sing N N 212 
LYS CE  HE3  sing N N 213 
LYS NZ  HZ1  sing N N 214 
LYS NZ  HZ2  sing N N 215 
LYS NZ  HZ3  sing N N 216 
LYS OXT HXT  sing N N 217 
MET N   CA   sing N N 218 
MET N   H    sing N N 219 
MET N   H2   sing N N 220 
MET CA  C    sing N N 221 
MET CA  CB   sing N N 222 
MET CA  HA   sing N N 223 
MET C   O    doub N N 224 
MET C   OXT  sing N N 225 
MET CB  CG   sing N N 226 
MET CB  HB2  sing N N 227 
MET CB  HB3  sing N N 228 
MET CG  SD   sing N N 229 
MET CG  HG2  sing N N 230 
MET CG  HG3  sing N N 231 
MET SD  CE   sing N N 232 
MET CE  HE1  sing N N 233 
MET CE  HE2  sing N N 234 
MET CE  HE3  sing N N 235 
MET OXT HXT  sing N N 236 
OIN C10 N    sing N N 237 
OIN C10 H101 sing N N 238 
OIN C10 H102 sing N N 239 
OIN C10 H103 sing N N 240 
OIN N   C11  sing N N 241 
OIN N   C15  sing N N 242 
OIN C11 C17  sing N N 243 
OIN C11 C12  sing N N 244 
OIN C11 H11  sing N N 245 
OIN C17 C16  sing N N 246 
OIN C17 H171 sing N N 247 
OIN C17 H172 sing N N 248 
OIN C16 C15  sing N N 249 
OIN C16 H161 sing N N 250 
OIN C16 H162 sing N N 251 
OIN C15 C14  sing N N 252 
OIN C15 H15  sing N N 253 
OIN C14 C13  sing N N 254 
OIN C14 H141 sing N N 255 
OIN C14 H142 sing N N 256 
OIN C13 C12  sing N N 257 
OIN C13 O2   sing N N 258 
OIN C13 H13  sing N N 259 
OIN C12 H121 sing N N 260 
OIN C12 H122 sing N N 261 
OIN O2  C7   sing N N 262 
OIN C7  O3   doub N N 263 
OIN C7  C9   sing N N 264 
OIN C9  C8   sing N N 265 
OIN C9  C6   sing N N 266 
OIN C9  H9   sing N N 267 
OIN C8  OH   sing N N 268 
OIN C8  H81  sing N N 269 
OIN C8  H82  sing N N 270 
OIN OH  HOH  sing N N 271 
OIN C6  C5   doub Y N 272 
OIN C6  C1   sing Y N 273 
OIN C5  C4   sing Y N 274 
OIN C5  H5   sing N N 275 
OIN C4  C3   doub Y N 276 
OIN C4  H4   sing N N 277 
OIN C3  C2   sing Y N 278 
OIN C3  H3   sing N N 279 
OIN C2  C1   doub Y N 280 
OIN C2  H2   sing N N 281 
OIN C1  H1   sing N N 282 
PHE N   CA   sing N N 283 
PHE N   H    sing N N 284 
PHE N   H2   sing N N 285 
PHE CA  C    sing N N 286 
PHE CA  CB   sing N N 287 
PHE CA  HA   sing N N 288 
PHE C   O    doub N N 289 
PHE C   OXT  sing N N 290 
PHE CB  CG   sing N N 291 
PHE CB  HB2  sing N N 292 
PHE CB  HB3  sing N N 293 
PHE CG  CD1  doub Y N 294 
PHE CG  CD2  sing Y N 295 
PHE CD1 CE1  sing Y N 296 
PHE CD1 HD1  sing N N 297 
PHE CD2 CE2  doub Y N 298 
PHE CD2 HD2  sing N N 299 
PHE CE1 CZ   doub Y N 300 
PHE CE1 HE1  sing N N 301 
PHE CE2 CZ   sing Y N 302 
PHE CE2 HE2  sing N N 303 
PHE CZ  HZ   sing N N 304 
PHE OXT HXT  sing N N 305 
PRO N   CA   sing N N 306 
PRO N   CD   sing N N 307 
PRO N   H    sing N N 308 
PRO CA  C    sing N N 309 
PRO CA  CB   sing N N 310 
PRO CA  HA   sing N N 311 
PRO C   O    doub N N 312 
PRO C   OXT  sing N N 313 
PRO CB  CG   sing N N 314 
PRO CB  HB2  sing N N 315 
PRO CB  HB3  sing N N 316 
PRO CG  CD   sing N N 317 
PRO CG  HG2  sing N N 318 
PRO CG  HG3  sing N N 319 
PRO CD  HD2  sing N N 320 
PRO CD  HD3  sing N N 321 
PRO OXT HXT  sing N N 322 
SER N   CA   sing N N 323 
SER N   H    sing N N 324 
SER N   H2   sing N N 325 
SER CA  C    sing N N 326 
SER CA  CB   sing N N 327 
SER CA  HA   sing N N 328 
SER C   O    doub N N 329 
SER C   OXT  sing N N 330 
SER CB  OG   sing N N 331 
SER CB  HB2  sing N N 332 
SER CB  HB3  sing N N 333 
SER OG  HG   sing N N 334 
SER OXT HXT  sing N N 335 
THR N   CA   sing N N 336 
THR N   H    sing N N 337 
THR N   H2   sing N N 338 
THR CA  C    sing N N 339 
THR CA  CB   sing N N 340 
THR CA  HA   sing N N 341 
THR C   O    doub N N 342 
THR C   OXT  sing N N 343 
THR CB  OG1  sing N N 344 
THR CB  CG2  sing N N 345 
THR CB  HB   sing N N 346 
THR OG1 HG1  sing N N 347 
THR CG2 HG21 sing N N 348 
THR CG2 HG22 sing N N 349 
THR CG2 HG23 sing N N 350 
THR OXT HXT  sing N N 351 
TRP N   CA   sing N N 352 
TRP N   H    sing N N 353 
TRP N   H2   sing N N 354 
TRP CA  C    sing N N 355 
TRP CA  CB   sing N N 356 
TRP CA  HA   sing N N 357 
TRP C   O    doub N N 358 
TRP C   OXT  sing N N 359 
TRP CB  CG   sing N N 360 
TRP CB  HB2  sing N N 361 
TRP CB  HB3  sing N N 362 
TRP CG  CD1  doub Y N 363 
TRP CG  CD2  sing Y N 364 
TRP CD1 NE1  sing Y N 365 
TRP CD1 HD1  sing N N 366 
TRP CD2 CE2  doub Y N 367 
TRP CD2 CE3  sing Y N 368 
TRP NE1 CE2  sing Y N 369 
TRP NE1 HE1  sing N N 370 
TRP CE2 CZ2  sing Y N 371 
TRP CE3 CZ3  doub Y N 372 
TRP CE3 HE3  sing N N 373 
TRP CZ2 CH2  doub Y N 374 
TRP CZ2 HZ2  sing N N 375 
TRP CZ3 CH2  sing Y N 376 
TRP CZ3 HZ3  sing N N 377 
TRP CH2 HH2  sing N N 378 
TRP OXT HXT  sing N N 379 
TYR N   CA   sing N N 380 
TYR N   H    sing N N 381 
TYR N   H2   sing N N 382 
TYR CA  C    sing N N 383 
TYR CA  CB   sing N N 384 
TYR CA  HA   sing N N 385 
TYR C   O    doub N N 386 
TYR C   OXT  sing N N 387 
TYR CB  CG   sing N N 388 
TYR CB  HB2  sing N N 389 
TYR CB  HB3  sing N N 390 
TYR CG  CD1  doub Y N 391 
TYR CG  CD2  sing Y N 392 
TYR CD1 CE1  sing Y N 393 
TYR CD1 HD1  sing N N 394 
TYR CD2 CE2  doub Y N 395 
TYR CD2 HD2  sing N N 396 
TYR CE1 CZ   doub Y N 397 
TYR CE1 HE1  sing N N 398 
TYR CE2 CZ   sing Y N 399 
TYR CE2 HE2  sing N N 400 
TYR CZ  OH   sing N N 401 
TYR OH  HH   sing N N 402 
TYR OXT HXT  sing N N 403 
VAL N   CA   sing N N 404 
VAL N   H    sing N N 405 
VAL N   H2   sing N N 406 
VAL CA  C    sing N N 407 
VAL CA  CB   sing N N 408 
VAL CA  HA   sing N N 409 
VAL C   O    doub N N 410 
VAL C   OXT  sing N N 411 
VAL CB  CG1  sing N N 412 
VAL CB  CG2  sing N N 413 
VAL CB  HB   sing N N 414 
VAL CG1 HG11 sing N N 415 
VAL CG1 HG12 sing N N 416 
VAL CG1 HG13 sing N N 417 
VAL CG2 HG21 sing N N 418 
VAL CG2 HG22 sing N N 419 
VAL CG2 HG23 sing N N 420 
VAL OXT HXT  sing N N 421 
# 
_pdbx_initial_refinement_model.id               1 
_pdbx_initial_refinement_model.entity_id_list   ? 
_pdbx_initial_refinement_model.type             'experimental model' 
_pdbx_initial_refinement_model.source_name      PDB 
_pdbx_initial_refinement_model.accession_code   3NJU 
_pdbx_initial_refinement_model.details          ? 
# 
_atom_sites.entry_id                    3OSH 
_atom_sites.fract_transf_matrix[1][1]   -0.01505756 
_atom_sites.fract_transf_matrix[1][2]   -0.01016801 
_atom_sites.fract_transf_matrix[1][3]   0.01505813 
_atom_sites.fract_transf_matrix[2][1]   -0.01657441 
_atom_sites.fract_transf_matrix[2][2]   -0.00032655 
_atom_sites.fract_transf_matrix[2][3]   -0.01679429 
_atom_sites.fract_transf_matrix[3][1]   0.00484078 
_atom_sites.fract_transf_matrix[3][2]   -0.01384491 
_atom_sites.fract_transf_matrix[3][3]   -0.00450819 
_atom_sites.fract_transf_vector[1]      -0.465416 
_atom_sites.fract_transf_vector[2]      0.228005 
_atom_sites.fract_transf_vector[3]      0.005543 
# 
loop_
_atom_type.symbol 
C  
CA 
N  
O  
S  
# 
loop_
_atom_site.group_PDB 
_atom_site.id 
_atom_site.type_symbol 
_atom_site.label_atom_id 
_atom_site.label_alt_id 
_atom_site.label_comp_id 
_atom_site.label_asym_id 
_atom_site.label_entity_id 
_atom_site.label_seq_id 
_atom_site.pdbx_PDB_ins_code 
_atom_site.Cartn_x 
_atom_site.Cartn_y 
_atom_site.Cartn_z 
_atom_site.occupancy 
_atom_site.B_iso_or_equiv 
_atom_site.pdbx_formal_charge 
_atom_site.auth_seq_id 
_atom_site.auth_comp_id 
_atom_site.auth_asym_id 
_atom_site.auth_atom_id 
_atom_site.pdbx_PDB_model_num 
ATOM   1    N  N   . ASN A 1 1   ? 6.278   -7.820  -3.053  1.00 18.37 ? 1    ASN A N   1 
ATOM   2    C  CA  . ASN A 1 1   ? 5.170   -8.799  -2.742  1.00 19.34 ? 1    ASN A CA  1 
ATOM   3    C  C   . ASN A 1 1   ? 4.496   -8.346  -1.449  1.00 20.51 ? 1    ASN A C   1 
ATOM   4    O  O   . ASN A 1 1   ? 4.995   -7.421  -0.793  1.00 19.01 ? 1    ASN A O   1 
ATOM   5    C  CB  . ASN A 1 1   ? 5.678   -10.255 -2.728  1.00 20.47 ? 1    ASN A CB  1 
ATOM   6    C  CG  . ASN A 1 1   ? 6.648   -10.544 -1.594  1.00 20.84 ? 1    ASN A CG  1 
ATOM   7    O  OD1 . ASN A 1 1   ? 6.507   -10.002 -0.497  1.00 22.08 ? 1    ASN A OD1 1 
ATOM   8    N  ND2 . ASN A 1 1   ? 7.634   -11.410 -1.849  1.00 21.74 ? 1    ASN A ND2 1 
ATOM   9    N  N   . LEU A 1 2   ? 3.340   -8.916  -1.115  1.00 22.46 ? 2    LEU A N   1 
ATOM   10   C  CA  . LEU A 1 2   ? 2.655   -8.464  0.083   1.00 23.74 ? 2    LEU A CA  1 
ATOM   11   C  C   . LEU A 1 2   ? 3.446   -8.581  1.368   1.00 22.24 ? 2    LEU A C   1 
ATOM   12   O  O   . LEU A 1 2   ? 3.309   -7.709  2.197   1.00 22.16 ? 2    LEU A O   1 
ATOM   13   C  CB  . LEU A 1 2   ? 1.270   -9.064  0.213   1.00 25.45 ? 2    LEU A CB  1 
ATOM   14   C  CG  . LEU A 1 2   ? 0.254   -8.292  -0.668  1.00 30.04 ? 2    LEU A CG  1 
ATOM   15   C  CD1 . LEU A 1 2   ? -1.096  -8.921  -0.468  1.00 31.36 ? 2    LEU A CD1 1 
ATOM   16   C  CD2 . LEU A 1 2   ? 0.098   -6.747  -0.491  1.00 33.18 ? 2    LEU A CD2 1 
ATOM   17   N  N   . TYR A 1 3   ? 4.265   -9.617  1.516   1.00 21.63 ? 3    TYR A N   1 
ATOM   18   C  CA  . TYR A 1 3   ? 5.113   -9.766  2.712   1.00 21.46 ? 3    TYR A CA  1 
ATOM   19   C  C   . TYR A 1 3   ? 6.044   -8.529  2.807   1.00 20.96 ? 3    TYR A C   1 
ATOM   20   O  O   . TYR A 1 3   ? 6.190   -7.913  3.855   1.00 20.96 ? 3    TYR A O   1 
ATOM   21   C  CB  . TYR A 1 3   ? 5.897   -11.062 2.659   1.00 21.85 ? 3    TYR A CB  1 
ATOM   22   C  CG  . TYR A 1 3   ? 6.935   -11.198 3.732   1.00 23.19 ? 3    TYR A CG  1 
ATOM   23   C  CD1 . TYR A 1 3   ? 6.602   -11.593 5.006   1.00 25.04 ? 3    TYR A CD1 1 
ATOM   24   C  CD2 . TYR A 1 3   ? 8.256   -10.960 3.458   1.00 24.01 ? 3    TYR A CD2 1 
ATOM   25   C  CE1 . TYR A 1 3   ? 7.565   -11.718 5.980   1.00 25.45 ? 3    TYR A CE1 1 
ATOM   26   C  CE2 . TYR A 1 3   ? 9.220   -11.120 4.414   1.00 24.92 ? 3    TYR A CE2 1 
ATOM   27   C  CZ  . TYR A 1 3   ? 8.875   -11.495 5.672   1.00 25.85 ? 3    TYR A CZ  1 
ATOM   28   O  OH  . TYR A 1 3   ? 9.841   -11.642 6.648   1.00 28.47 ? 3    TYR A OH  1 
ATOM   29   N  N   . GLN A 1 4   ? 6.632   -8.128  1.693   1.00 19.67 ? 4    GLN A N   1 
ATOM   30   C  CA  . GLN A 1 4   ? 7.523   -6.967  1.695   1.00 19.28 ? 4    GLN A CA  1 
ATOM   31   C  C   . GLN A 1 4   ? 6.805   -5.671  1.989   1.00 19.27 ? 4    GLN A C   1 
ATOM   32   O  O   . GLN A 1 4   ? 7.289   -4.804  2.708   1.00 19.44 ? 4    GLN A O   1 
ATOM   33   C  CB  . GLN A 1 4   ? 8.191   -6.897  0.339   1.00 18.49 ? 4    GLN A CB  1 
ATOM   34   C  CG  . GLN A 1 4   ? 9.142   -8.004  0.118   1.00 18.95 ? 4    GLN A CG  1 
ATOM   35   C  CD  . GLN A 1 4   ? 9.759   -8.024  -1.278  1.00 19.12 ? 4    GLN A CD  1 
ATOM   36   O  OE1 . GLN A 1 4   ? 9.061   -8.006  -2.301  1.00 18.69 ? 4    GLN A OE1 1 
ATOM   37   N  NE2 . GLN A 1 4   ? 11.073  -8.155  -1.321  1.00 21.56 ? 4    GLN A NE2 1 
ATOM   38   N  N   . PHE A 1 5   ? 5.608   -5.532  1.440   1.00 19.01 ? 5    PHE A N   1 
ATOM   39   C  CA  . PHE A 1 5   ? 4.787   -4.350  1.727   1.00 19.21 ? 5    PHE A CA  1 
ATOM   40   C  C   . PHE A 1 5   ? 4.461   -4.267  3.228   1.00 19.96 ? 5    PHE A C   1 
ATOM   41   O  O   . PHE A 1 5   ? 4.611   -3.186  3.794   1.00 19.67 ? 5    PHE A O   1 
ATOM   42   C  CB  . PHE A 1 5   ? 3.483   -4.332  0.889   1.00 19.53 ? 5    PHE A CB  1 
ATOM   43   C  CG  . PHE A 1 5   ? 2.688   -3.039  1.022   1.00 20.19 ? 5    PHE A CG  1 
ATOM   44   C  CD1 . PHE A 1 5   ? 3.310   -1.827  1.084   1.00 20.27 ? 5    PHE A CD1 1 
ATOM   45   C  CD2 . PHE A 1 5   ? 1.310   -3.037  1.111   1.00 24.55 ? 5    PHE A CD2 1 
ATOM   46   C  CE1 . PHE A 1 5   ? 2.622   -0.652  1.224   1.00 22.06 ? 5    PHE A CE1 1 
ATOM   47   C  CE2 . PHE A 1 5   ? 0.634   -1.798  1.273   1.00 26.22 ? 5    PHE A CE2 1 
ATOM   48   C  CZ  . PHE A 1 5   ? 1.329   -0.640  1.331   1.00 26.28 ? 5    PHE A CZ  1 
ATOM   49   N  N   . LYS A 1 6   ? 4.097   -5.405  3.839   1.00 21.01 ? 6    LYS A N   1 
ATOM   50   C  CA  . LYS A 1 6   ? 3.818   -5.503  5.294   1.00 23.30 ? 6    LYS A CA  1 
ATOM   51   C  C   . LYS A 1 6   ? 5.068   -4.966  6.028   1.00 22.88 ? 6    LYS A C   1 
ATOM   52   O  O   . LYS A 1 6   ? 5.003   -4.128  6.932   1.00 23.52 ? 6    LYS A O   1 
ATOM   53   C  CB  . LYS A 1 6   ? 3.528   -6.971  5.650   1.00 24.11 ? 6    LYS A CB  1 
ATOM   54   C  CG  . LYS A 1 6   ? 3.224   -7.437  7.075   1.00 29.86 ? 6    LYS A CG  1 
ATOM   55   C  CD  . LYS A 1 6   ? 3.261   -8.997  7.024   1.00 35.73 ? 6    LYS A CD  1 
ATOM   56   C  CE  . LYS A 1 6   ? 2.432   -9.539  5.785   1.00 38.40 ? 6    LYS A CE  1 
ATOM   57   N  NZ  . LYS A 1 6   ? 2.579   -10.973 5.336   1.00 41.88 ? 6    LYS A NZ  1 
ATOM   58   N  N   . ASN A 1 7   ? 6.231   -5.405  5.593   1.00 22.36 ? 7    ASN A N   1 
ATOM   59   C  CA  . ASN A 1 7   ? 7.464   -4.964  6.236   1.00 22.64 ? 7    ASN A CA  1 
ATOM   60   C  C   . ASN A 1 7   ? 7.788   -3.500  6.023   1.00 22.44 ? 7    ASN A C   1 
ATOM   61   O  O   . ASN A 1 7   ? 8.318   -2.857  6.929   1.00 23.57 ? 7    ASN A O   1 
ATOM   62   C  CB  . ASN A 1 7   ? 8.616   -5.864  5.825   1.00 22.78 ? 7    ASN A CB  1 
ATOM   63   C  CG  . ASN A 1 7   ? 8.674   -7.105  6.648   1.00 23.92 ? 7    ASN A CG  1 
ATOM   64   O  OD1 . ASN A 1 7   ? 9.405   -7.171  7.636   1.00 25.80 ? 7    ASN A OD1 1 
ATOM   65   N  ND2 . ASN A 1 7   ? 7.897   -8.102  6.271   1.00 23.95 ? 7    ASN A ND2 1 
ATOM   66   N  N   . MET A 1 8   ? 7.474   -2.947  4.850   1.00 21.05 ? 8    MET A N   1 
ATOM   67   C  CA  . MET A 1 8   ? 7.613   -1.510  4.679   1.00 20.74 ? 8    MET A CA  1 
ATOM   68   C  C   . MET A 1 8   ? 6.737   -0.803  5.689   1.00 23.28 ? 8    MET A C   1 
ATOM   69   O  O   . MET A 1 8   ? 7.170   0.167   6.234   1.00 24.65 ? 8    MET A O   1 
ATOM   70   C  CB  . MET A 1 8   ? 7.236   -1.056  3.264   1.00 20.74 ? 8    MET A CB  1 
ATOM   71   C  CG  . MET A 1 8   ? 8.225   -1.496  2.186   1.00 18.35 ? 8    MET A CG  1 
ATOM   72   S  SD  . MET A 1 8   ? 7.826   -0.541  0.713   1.00 21.27 ? 8    MET A SD  1 
ATOM   73   C  CE  . MET A 1 8   ? 9.066   -1.078  -0.460  1.00 19.38 ? 8    MET A CE  1 
ATOM   74   N  N   . ILE A 1 9   ? 5.510   -1.261  5.891   1.00 25.28 ? 9    ILE A N   1 
ATOM   75   C  CA  . ILE A 1 9   ? 4.623   -0.563  6.802   1.00 27.16 ? 9    ILE A CA  1 
ATOM   76   C  C   . ILE A 1 9   ? 5.153   -0.730  8.214   1.00 28.56 ? 9    ILE A C   1 
ATOM   77   O  O   . ILE A 1 9   ? 5.194   0.238   8.951   1.00 29.65 ? 9    ILE A O   1 
ATOM   78   C  CB  . ILE A 1 9   ? 3.196   -1.106  6.639   1.00 27.36 ? 9    ILE A CB  1 
ATOM   79   C  CG1 . ILE A 1 9   ? 2.680   -0.701  5.268   1.00 28.47 ? 9    ILE A CG1 1 
ATOM   80   C  CG2 . ILE A 1 9   ? 2.247   -0.619  7.777   1.00 28.34 ? 9    ILE A CG2 1 
ATOM   81   C  CD1 . ILE A 1 9   ? 1.524   -1.507  4.792   1.00 30.36 ? 9    ILE A CD1 1 
ATOM   82   N  N   . GLN A 1 10  ? 5.542   -1.942  8.603   1.00 29.63 ? 10   GLN A N   1 
ATOM   83   C  CA  . GLN A 1 10  ? 6.089   -2.181  9.973   1.00 31.21 ? 10   GLN A CA  1 
ATOM   84   C  C   . GLN A 1 10  ? 7.291   -1.322  10.272  1.00 32.39 ? 10   GLN A C   1 
ATOM   85   O  O   . GLN A 1 10  ? 7.620   -0.959  11.424  1.00 32.69 ? 10   GLN A O   1 
ATOM   86   C  CB  . GLN A 1 10  ? 6.460   -3.640  10.189  1.00 31.16 ? 10   GLN A CB  1 
ATOM   87   C  CG  . GLN A 1 10  ? 5.305   -4.569  10.186  1.00 32.49 ? 10   GLN A CG  1 
ATOM   88   C  CD  . GLN A 1 10  ? 5.702   -6.034  10.334  1.00 35.71 ? 10   GLN A CD  1 
ATOM   89   O  OE1 . GLN A 1 10  ? 6.807   -6.447  9.953   1.00 39.56 ? 10   GLN A OE1 1 
ATOM   90   N  NE2 . GLN A 1 10  ? 4.786   -6.826  10.873  1.00 36.96 ? 10   GLN A NE2 1 
ATOM   91   N  N   . CYS A 1 11  ? 7.966   -0.959  9.205   1.00 33.62 ? 11   CYS A N   1 
ATOM   92   C  CA  . CYS A 1 11  ? 9.142   -0.166  9.367   1.00 35.01 ? 11   CYS A CA  1 
ATOM   93   C  C   . CYS A 1 11  ? 8.856   1.340   9.370   1.00 34.81 ? 11   CYS A C   1 
ATOM   94   O  O   . CYS A 1 11  ? 9.498   2.059   10.132  1.00 35.28 ? 11   CYS A O   1 
ATOM   95   C  CB  . CYS A 1 11  ? 10.170  -0.585  8.318   1.00 35.40 ? 11   CYS A CB  1 
ATOM   96   S  SG  . CYS A 1 11  ? 11.772  0.203   8.439   1.00 38.52 ? 11   CYS A SG  1 
ATOM   97   N  N   . THR A 1 12  ? 7.889   1.818   8.573   1.00 34.35 ? 12   THR A N   1 
ATOM   98   C  CA  . THR A 1 12  ? 7.545   3.259   8.527   1.00 34.33 ? 12   THR A CA  1 
ATOM   99   C  C   . THR A 1 12  ? 6.490   3.662   9.566   1.00 34.10 ? 12   THR A C   1 
ATOM   100  O  O   . THR A 1 12  ? 6.385   4.840   9.911   1.00 34.51 ? 12   THR A O   1 
ATOM   101  C  CB  . THR A 1 12  ? 7.059   3.715   7.129   1.00 34.35 ? 12   THR A CB  1 
ATOM   102  O  OG1 . THR A 1 12  ? 5.735   3.216   6.878   1.00 33.03 ? 12   THR A OG1 1 
ATOM   103  C  CG2 . THR A 1 12  ? 7.935   3.155   6.045   1.00 35.07 ? 12   THR A CG2 1 
ATOM   104  N  N   . VAL A 1 13  ? 5.720   2.689   10.052  1.00 33.95 ? 13   VAL A N   1 
ATOM   105  C  CA  . VAL A 1 13  ? 4.694   2.911   11.074  1.00 34.09 ? 13   VAL A CA  1 
ATOM   106  C  C   . VAL A 1 13  ? 4.789   1.818   12.168  1.00 34.36 ? 13   VAL A C   1 
ATOM   107  O  O   . VAL A 1 13  ? 3.942   0.952   12.268  1.00 33.99 ? 13   VAL A O   1 
ATOM   108  C  CB  . VAL A 1 13  ? 3.289   2.894   10.434  1.00 33.87 ? 13   VAL A CB  1 
ATOM   109  C  CG1 . VAL A 1 13  ? 2.217   3.413   11.405  1.00 34.39 ? 13   VAL A CG1 1 
ATOM   110  C  CG2 . VAL A 1 13  ? 3.288   3.681   9.125   1.00 33.40 ? 13   VAL A CG2 1 
ATOM   111  N  N   . PRO A 1 14  ? 5.832   1.859   12.963  1.00 35.82 ? 14   PRO A N   1 
ATOM   112  C  CA  . PRO A 1 14  ? 6.050   0.850   13.982  1.00 36.96 ? 14   PRO A CA  1 
ATOM   113  C  C   . PRO A 1 14  ? 5.143   1.037   15.142  1.00 38.24 ? 14   PRO A C   1 
ATOM   114  O  O   . PRO A 1 14  ? 4.945   0.129   15.878  1.00 38.95 ? 14   PRO A O   1 
ATOM   115  C  CB  . PRO A 1 14  ? 7.493   1.095   14.411  1.00 36.90 ? 14   PRO A CB  1 
ATOM   116  C  CG  . PRO A 1 14  ? 7.846   2.344   13.896  1.00 35.91 ? 14   PRO A CG  1 
ATOM   117  C  CD  . PRO A 1 14  ? 7.030   2.622   12.702  1.00 35.77 ? 14   PRO A CD  1 
ATOM   118  N  N   . SER A 1 15  ? 4.601   2.227   15.272  1.00 39.54 ? 15   SER A N   1 
ATOM   119  C  CA  . SER A 1 15  ? 3.646   2.501   16.315  1.00 40.65 ? 15   SER A CA  1 
ATOM   120  C  C   . SER A 1 15  ? 2.348   1.710   16.163  1.00 40.99 ? 15   SER A C   1 
ATOM   121  O  O   . SER A 1 15  ? 1.746   1.399   17.122  1.00 42.08 ? 15   SER A O   1 
ATOM   122  C  CB  . SER A 1 15  ? 3.361   3.981   16.404  1.00 40.84 ? 15   SER A CB  1 
ATOM   123  O  OG  . SER A 1 15  ? 3.062   4.511   15.150  1.00 42.37 ? 15   SER A OG  1 
ATOM   124  N  N   . ARG A 1 16  ? 1.947   1.358   14.951  1.00 50.91 ? 17   ARG A N   1 
ATOM   125  C  CA  . ARG A 1 16  ? 0.732   0.575   14.787  1.00 50.80 ? 17   ARG A CA  1 
ATOM   126  C  C   . ARG A 1 16  ? 0.999   -0.724  14.158  1.00 50.21 ? 17   ARG A C   1 
ATOM   127  O  O   . ARG A 1 16  ? 1.763   -0.811  13.235  1.00 50.52 ? 17   ARG A O   1 
ATOM   128  C  CB  . ARG A 1 16  ? -0.294  1.269   13.904  1.00 51.01 ? 17   ARG A CB  1 
ATOM   129  C  CG  . ARG A 1 16  ? -0.150  2.711   13.722  1.00 51.28 ? 17   ARG A CG  1 
ATOM   130  C  CD  . ARG A 1 16  ? -1.398  3.261   13.126  1.00 51.34 ? 17   ARG A CD  1 
ATOM   131  N  NE  . ARG A 1 16  ? -2.492  2.590   13.740  1.00 51.06 ? 17   ARG A NE  1 
ATOM   132  C  CZ  . ARG A 1 16  ? -3.428  3.169   14.456  1.00 49.51 ? 17   ARG A CZ  1 
ATOM   133  N  NH1 . ARG A 1 16  ? -3.454  4.459   14.627  1.00 49.61 ? 17   ARG A NH1 1 
ATOM   134  N  NH2 . ARG A 1 16  ? -4.355  2.431   14.956  1.00 50.12 ? 17   ARG A NH2 1 
ATOM   135  N  N   . SER A 1 17  ? 0.359   -1.771  14.617  1.00 49.30 ? 18   SER A N   1 
ATOM   136  C  CA  . SER A 1 17  ? 0.479   -2.978  13.818  1.00 48.45 ? 18   SER A CA  1 
ATOM   137  C  C   . SER A 1 17  ? 0.102   -2.691  12.353  1.00 47.50 ? 18   SER A C   1 
ATOM   138  O  O   . SER A 1 17  ? -0.506  -1.664  12.057  1.00 47.70 ? 18   SER A O   1 
ATOM   139  C  CB  . SER A 1 17  ? -0.429  -4.055  14.404  1.00 48.51 ? 18   SER A CB  1 
ATOM   140  O  OG  . SER A 1 17  ? -0.727  -5.051  13.449  1.00 48.64 ? 18   SER A OG  1 
ATOM   141  N  N   . TRP A 1 18  ? 0.462   -3.599  11.451  1.00 46.00 ? 19   TRP A N   1 
ATOM   142  C  CA  . TRP A 1 18  ? 0.148   -3.484  10.020  1.00 44.90 ? 19   TRP A CA  1 
ATOM   143  C  C   . TRP A 1 18  ? -1.310  -3.913  9.678   1.00 42.89 ? 19   TRP A C   1 
ATOM   144  O  O   . TRP A 1 18  ? -1.919  -3.398  8.738   1.00 42.68 ? 19   TRP A O   1 
ATOM   145  C  CB  . TRP A 1 18  ? 1.132   -4.360  9.250   1.00 45.39 ? 19   TRP A CB  1 
ATOM   146  C  CG  . TRP A 1 18  ? 0.891   -5.827  9.526   1.00 47.53 ? 19   TRP A CG  1 
ATOM   147  C  CD1 . TRP A 1 18  ? 1.396   -6.565  10.565  1.00 49.72 ? 19   TRP A CD1 1 
ATOM   148  C  CD2 . TRP A 1 18  ? 0.043   -6.713  8.789   1.00 49.26 ? 19   TRP A CD2 1 
ATOM   149  N  NE1 . TRP A 1 18  ? 0.925   -7.854  10.504  1.00 50.27 ? 19   TRP A NE1 1 
ATOM   150  C  CE2 . TRP A 1 18  ? 0.091   -7.971  9.423   1.00 50.33 ? 19   TRP A CE2 1 
ATOM   151  C  CE3 . TRP A 1 18  ? -0.754  -6.574  7.649   1.00 49.88 ? 19   TRP A CE3 1 
ATOM   152  C  CZ2 . TRP A 1 18  ? -0.616  -9.076  8.954   1.00 50.97 ? 19   TRP A CZ2 1 
ATOM   153  C  CZ3 . TRP A 1 18  ? -1.461  -7.675  7.186   1.00 50.53 ? 19   TRP A CZ3 1 
ATOM   154  C  CH2 . TRP A 1 18  ? -1.385  -8.907  7.839   1.00 51.31 ? 19   TRP A CH2 1 
ATOM   155  N  N   . ALA A 1 19  ? -1.863  -4.874  10.412  1.00 40.50 ? 20   ALA A N   1 
ATOM   156  C  CA  . ALA A 1 19  ? -3.236  -5.313  10.179  1.00 38.60 ? 20   ALA A CA  1 
ATOM   157  C  C   . ALA A 1 19  ? -4.203  -4.120  10.280  1.00 36.68 ? 20   ALA A C   1 
ATOM   158  O  O   . ALA A 1 19  ? -5.319  -4.170  9.785   1.00 35.70 ? 20   ALA A O   1 
ATOM   159  C  CB  . ALA A 1 19  ? -3.600  -6.377  11.187  1.00 38.88 ? 20   ALA A CB  1 
ATOM   160  N  N   . ASP A 1 20  ? -3.771  -3.055  10.940  1.00 34.70 ? 21   ASP A N   1 
ATOM   161  C  CA  . ASP A 1 20  ? -4.569  -1.839  11.043  1.00 33.24 ? 21   ASP A CA  1 
ATOM   162  C  C   . ASP A 1 20  ? -4.866  -1.236  9.653   1.00 32.04 ? 21   ASP A C   1 
ATOM   163  O  O   . ASP A 1 20  ? -5.907  -0.585  9.466   1.00 31.45 ? 21   ASP A O   1 
ATOM   164  C  CB  . ASP A 1 20  ? -3.881  -0.832  11.954  1.00 33.51 ? 21   ASP A CB  1 
ATOM   165  C  CG  . ASP A 1 20  ? -4.045  -1.177  13.432  1.00 34.82 ? 21   ASP A CG  1 
ATOM   166  O  OD1 . ASP A 1 20  ? -4.606  -2.240  13.741  1.00 36.62 ? 21   ASP A OD1 1 
ATOM   167  O  OD2 . ASP A 1 20  ? -3.673  -0.432  14.357  1.00 37.19 ? 21   ASP A OD2 1 
ATOM   168  N  N   . PHE A 1 21  ? -4.002  -1.518  8.669   1.00 30.56 ? 22   PHE A N   1 
ATOM   169  C  CA  . PHE A 1 21  ? -4.146  -0.973  7.303   1.00 29.55 ? 22   PHE A CA  1 
ATOM   170  C  C   . PHE A 1 21  ? -4.702  -1.967  6.289   1.00 29.16 ? 22   PHE A C   1 
ATOM   171  O  O   . PHE A 1 21  ? -4.843  -1.643  5.100   1.00 28.55 ? 22   PHE A O   1 
ATOM   172  C  CB  . PHE A 1 21  ? -2.777  -0.474  6.793   1.00 29.48 ? 22   PHE A CB  1 
ATOM   173  C  CG  . PHE A 1 21  ? -2.141  0.531   7.681   1.00 29.32 ? 22   PHE A CG  1 
ATOM   174  C  CD1 . PHE A 1 21  ? -2.456  1.864   7.548   1.00 28.74 ? 22   PHE A CD1 1 
ATOM   175  C  CD2 . PHE A 1 21  ? -1.218  0.145   8.651   1.00 29.53 ? 22   PHE A CD2 1 
ATOM   176  C  CE1 . PHE A 1 21  ? -1.876  2.801   8.352   1.00 27.56 ? 22   PHE A CE1 1 
ATOM   177  C  CE2 . PHE A 1 21  ? -0.639  1.076   9.466   1.00 28.22 ? 22   PHE A CE2 1 
ATOM   178  C  CZ  . PHE A 1 21  ? -0.967  2.407   9.327   1.00 28.91 ? 22   PHE A CZ  1 
ATOM   179  N  N   . ALA A 1 22  ? -4.989  -3.175  6.760   1.00 28.84 ? 23   ALA A N   1 
ATOM   180  C  CA  . ALA A 1 22  ? -5.364  -4.289  5.893   1.00 28.66 ? 23   ALA A CA  1 
ATOM   181  C  C   . ALA A 1 22  ? -6.839  -4.255  5.525   1.00 28.19 ? 23   ALA A C   1 
ATOM   182  O  O   . ALA A 1 22  ? -7.252  -4.911  4.597   1.00 28.79 ? 23   ALA A O   1 
ATOM   183  C  CB  . ALA A 1 22  ? -5.031  -5.624  6.553   1.00 29.05 ? 23   ALA A CB  1 
ATOM   184  N  N   . ASP A 1 23  ? -7.629  -3.503  6.277   1.00 27.46 ? 24   ASP A N   1 
ATOM   185  C  CA  . ASP A 1 23  ? -9.072  -3.419  6.041   1.00 26.46 ? 24   ASP A CA  1 
ATOM   186  C  C   . ASP A 1 23  ? -9.541  -2.041  6.529   1.00 24.91 ? 24   ASP A C   1 
ATOM   187  O  O   . ASP A 1 23  ? -10.051 -1.920  7.634   1.00 24.55 ? 24   ASP A O   1 
ATOM   188  C  CB  . ASP A 1 23  ? -9.808  -4.543  6.796   1.00 27.03 ? 24   ASP A CB  1 
ATOM   189  C  CG  . ASP A 1 23  ? -11.312 -4.539  6.539   1.00 28.22 ? 24   ASP A CG  1 
ATOM   190  O  OD1 . ASP A 1 23  ? -11.795 -3.708  5.721   1.00 27.00 ? 24   ASP A OD1 1 
ATOM   191  O  OD2 . ASP A 1 23  ? -12.073 -5.352  7.124   1.00 31.16 ? 24   ASP A OD2 1 
ATOM   192  N  N   . TYR A 1 24  ? -9.332  -0.999  5.724   1.00 23.25 ? 25   TYR A N   1 
ATOM   193  C  CA  . TYR A 1 24  ? -9.584  0.388   6.128   1.00 22.20 ? 25   TYR A CA  1 
ATOM   194  C  C   . TYR A 1 24  ? -10.161 1.186   4.982   1.00 22.29 ? 25   TYR A C   1 
ATOM   195  O  O   . TYR A 1 24  ? -9.715  1.101   3.846   1.00 22.70 ? 25   TYR A O   1 
ATOM   196  C  CB  . TYR A 1 24  ? -8.316  1.028   6.622   1.00 22.93 ? 25   TYR A CB  1 
ATOM   197  C  CG  . TYR A 1 24  ? -8.441  2.415   7.208   1.00 22.19 ? 25   TYR A CG  1 
ATOM   198  C  CD1 . TYR A 1 24  ? -8.577  3.533   6.398   1.00 22.26 ? 25   TYR A CD1 1 
ATOM   199  C  CD2 . TYR A 1 24  ? -8.410  2.614   8.572   1.00 21.54 ? 25   TYR A CD2 1 
ATOM   200  C  CE1 . TYR A 1 24  ? -8.673  4.793   6.922   1.00 23.74 ? 25   TYR A CE1 1 
ATOM   201  C  CE2 . TYR A 1 24  ? -8.466  3.880   9.106   1.00 22.95 ? 25   TYR A CE2 1 
ATOM   202  C  CZ  . TYR A 1 24  ? -8.621  4.962   8.293   1.00 24.63 ? 25   TYR A CZ  1 
ATOM   203  O  OH  . TYR A 1 24  ? -8.690  6.219   8.830   1.00 25.01 ? 25   TYR A OH  1 
ATOM   204  N  N   . GLY A 1 25  ? -11.223 1.907   5.277   1.00 21.96 ? 26   GLY A N   1 
ATOM   205  C  CA  . GLY A 1 25  ? -11.866 2.726   4.282   1.00 22.33 ? 26   GLY A CA  1 
ATOM   206  C  C   . GLY A 1 25  ? -12.337 1.928   3.099   1.00 21.97 ? 26   GLY A C   1 
ATOM   207  O  O   . GLY A 1 25  ? -12.631 0.746   3.180   1.00 22.47 ? 26   GLY A O   1 
ATOM   208  N  N   . CYS A 1 26  ? -12.385 2.606   1.966   1.00 22.38 ? 27   CYS A N   1 
ATOM   209  C  CA  . CYS A 1 26  ? -12.865 1.987   0.735   1.00 22.39 ? 27   CYS A CA  1 
ATOM   210  C  C   . CYS A 1 26  ? -11.757 1.349   -0.093  1.00 22.75 ? 27   CYS A C   1 
ATOM   211  O  O   . CYS A 1 26  ? -12.023 0.460   -0.915  1.00 22.99 ? 27   CYS A O   1 
ATOM   212  C  CB  . CYS A 1 26  ? -13.634 2.993   -0.109  1.00 21.72 ? 27   CYS A CB  1 
ATOM   213  S  SG  . CYS A 1 26  ? -15.300 3.417   0.518   1.00 22.87 ? 27   CYS A SG  1 
ATOM   214  N  N   . TYR A 1 27  ? -10.525 1.743   0.182   1.00 22.30 ? 28   TYR A N   1 
ATOM   215  C  CA  . TYR A 1 27  ? -9.421  1.251   -0.626  1.00 22.73 ? 28   TYR A CA  1 
ATOM   216  C  C   . TYR A 1 27  ? -8.329  0.456   0.076   1.00 23.04 ? 28   TYR A C   1 
ATOM   217  O  O   . TYR A 1 27  ? -7.536  -0.224  -0.582  1.00 22.58 ? 28   TYR A O   1 
ATOM   218  C  CB  . TYR A 1 27  ? -8.811  2.456   -1.353  1.00 23.14 ? 28   TYR A CB  1 
ATOM   219  C  CG  . TYR A 1 27  ? -9.753  3.035   -2.400  1.00 22.53 ? 28   TYR A CG  1 
ATOM   220  C  CD1 . TYR A 1 27  ? -10.679 4.032   -2.086  1.00 22.00 ? 28   TYR A CD1 1 
ATOM   221  C  CD2 . TYR A 1 27  ? -9.723  2.564   -3.700  1.00 26.38 ? 28   TYR A CD2 1 
ATOM   222  C  CE1 . TYR A 1 27  ? -11.557 4.527   -3.073  1.00 23.71 ? 28   TYR A CE1 1 
ATOM   223  C  CE2 . TYR A 1 27  ? -10.580 3.057   -4.673  1.00 25.66 ? 28   TYR A CE2 1 
ATOM   224  C  CZ  . TYR A 1 27  ? -11.501 4.026   -4.344  1.00 25.57 ? 28   TYR A CZ  1 
ATOM   225  O  OH  . TYR A 1 27  ? -12.360 4.551   -5.287  1.00 24.47 ? 28   TYR A OH  1 
ATOM   226  N  N   . CYS A 1 28  ? -8.183  0.565   1.380   1.00 22.56 ? 29   CYS A N   1 
ATOM   227  C  CA  . CYS A 1 28  ? -7.098  -0.171  2.005   1.00 23.50 ? 29   CYS A CA  1 
ATOM   228  C  C   . CYS A 1 28  ? -7.489  -1.629  2.197   1.00 25.06 ? 29   CYS A C   1 
ATOM   229  O  O   . CYS A 1 28  ? -8.373  -1.910  2.996   1.00 23.66 ? 29   CYS A O   1 
ATOM   230  C  CB  . CYS A 1 28  ? -6.719  0.449   3.361   1.00 23.39 ? 29   CYS A CB  1 
ATOM   231  S  SG  . CYS A 1 28  ? -6.293  2.163   3.318   1.00 24.02 ? 29   CYS A SG  1 
ATOM   232  N  N   . GLY A 1 29  ? -6.850  -2.552  1.475   1.00 27.41 ? 30   GLY A N   1 
ATOM   233  C  CA  . GLY A 1 29  ? -7.176  -3.967  1.575   1.00 29.54 ? 30   GLY A CA  1 
ATOM   234  C  C   . GLY A 1 29  ? -7.891  -4.439  0.357   1.00 31.71 ? 30   GLY A C   1 
ATOM   235  O  O   . GLY A 1 29  ? -7.819  -3.788  -0.669  1.00 32.07 ? 30   GLY A O   1 
ATOM   236  N  N   . LYS A 1 30  ? -8.593  -5.568  0.504   1.00 34.66 ? 31   LYS A N   1 
ATOM   237  C  CA  . LYS A 1 30  ? -9.429  -6.153  -0.549  1.00 37.05 ? 31   LYS A CA  1 
ATOM   238  C  C   . LYS A 1 30  ? -10.168 -5.073  -1.310  1.00 37.68 ? 31   LYS A C   1 
ATOM   239  O  O   . LYS A 1 30  ? -10.244 -5.105  -2.535  1.00 38.52 ? 31   LYS A O   1 
ATOM   240  C  CB  . LYS A 1 30  ? -10.463 -7.152  0.013   1.00 37.90 ? 31   LYS A CB  1 
ATOM   241  C  CG  . LYS A 1 30  ? -9.871  -8.462  0.554   1.00 40.81 ? 31   LYS A CG  1 
ATOM   242  C  CD  . LYS A 1 30  ? -10.529 -9.737  0.009   1.00 43.82 ? 31   LYS A CD  1 
ATOM   243  C  CE  . LYS A 1 30  ? -9.977  -10.982 0.724   1.00 45.78 ? 31   LYS A CE  1 
ATOM   244  N  NZ  . LYS A 1 30  ? -11.041 -11.966 1.118   1.00 46.42 ? 31   LYS A NZ  1 
ATOM   245  N  N   . GLY A 1 31  ? -10.721 -4.121  -0.572  1.00 37.85 ? 32   GLY A N   1 
ATOM   246  C  CA  . GLY A 1 31  ? -11.503 -3.054  -1.165  1.00 37.92 ? 32   GLY A CA  1 
ATOM   247  C  C   . GLY A 1 31  ? -10.794 -2.373  -2.326  1.00 37.62 ? 32   GLY A C   1 
ATOM   248  O  O   . GLY A 1 31  ? -9.572  -2.142  -2.255  1.00 38.13 ? 32   GLY A O   1 
ATOM   249  N  N   . GLY A 1 32  ? -11.555 -2.100  -3.404  1.00 36.69 ? 33   GLY A N   1 
ATOM   250  C  CA  . GLY A 1 32  ? -11.148 -1.184  -4.490  1.00 35.95 ? 33   GLY A CA  1 
ATOM   251  C  C   . GLY A 1 32  ? -12.188 -0.256  -5.218  1.00 35.43 ? 33   GLY A C   1 
ATOM   252  O  O   . GLY A 1 32  ? -12.161 -0.260  -6.447  1.00 35.44 ? 33   GLY A O   1 
ATOM   253  N  N   . SER A 1 33  ? -13.040 0.571   -4.554  1.00 34.56 ? 34   SER A N   1 
ATOM   254  C  CA  . SER A 1 33  ? -14.069 1.458   -5.240  1.00 33.62 ? 34   SER A CA  1 
ATOM   255  C  C   . SER A 1 33  ? -14.743 2.597   -4.362  1.00 32.34 ? 34   SER A C   1 
ATOM   256  O  O   . SER A 1 33  ? -14.565 2.595   -3.158  1.00 32.05 ? 34   SER A O   1 
ATOM   257  C  CB  . SER A 1 33  ? -15.183 0.600   -5.831  1.00 34.14 ? 34   SER A CB  1 
ATOM   258  O  OG  . SER A 1 33  ? -16.146 0.346   -4.826  1.00 34.58 ? 34   SER A OG  1 
ATOM   259  N  N   . GLY A 1 34  ? -15.488 3.564   -4.937  1.00 30.59 ? 35   GLY A N   1 
ATOM   260  C  CA  . GLY A 1 34  ? -16.150 4.628   -4.169  1.00 30.11 ? 35   GLY A CA  1 
ATOM   261  C  C   . GLY A 1 34  ? -15.340 5.863   -3.780  1.00 29.43 ? 35   GLY A C   1 
ATOM   262  O  O   . GLY A 1 34  ? -14.246 6.107   -4.283  1.00 28.40 ? 35   GLY A O   1 
ATOM   263  N  N   . THR A 1 35  ? -15.872 6.656   -2.861  1.00 28.81 ? 36   THR A N   1 
ATOM   264  C  CA  . THR A 1 35  ? -15.195 7.857   -2.457  1.00 28.82 ? 36   THR A CA  1 
ATOM   265  C  C   . THR A 1 35  ? -14.253 7.493   -1.317  1.00 27.10 ? 36   THR A C   1 
ATOM   266  O  O   . THR A 1 35  ? -14.685 6.975   -0.277  1.00 27.60 ? 36   THR A O   1 
ATOM   267  C  CB  . THR A 1 35  ? -16.213 8.904   -1.973  1.00 29.31 ? 36   THR A CB  1 
ATOM   268  O  OG1 . THR A 1 35  ? -17.172 9.161   -3.008  1.00 32.07 ? 36   THR A OG1 1 
ATOM   269  C  CG2 . THR A 1 35  ? -15.544 10.234  -1.763  1.00 31.40 ? 36   THR A CG2 1 
ATOM   270  N  N   . PRO A 1 36  ? -12.970 7.781   -1.471  1.00 25.85 ? 37   PRO A N   1 
ATOM   271  C  CA  . PRO A 1 36  ? -12.058 7.562   -0.356  1.00 25.01 ? 37   PRO A CA  1 
ATOM   272  C  C   . PRO A 1 36  ? -12.564 8.373   0.858   1.00 25.24 ? 37   PRO A C   1 
ATOM   273  O  O   . PRO A 1 36  ? -12.982 9.541   0.723   1.00 25.97 ? 37   PRO A O   1 
ATOM   274  C  CB  . PRO A 1 36  ? -10.732 8.100   -0.887  1.00 24.43 ? 37   PRO A CB  1 
ATOM   275  C  CG  . PRO A 1 36  ? -10.851 8.110   -2.338  1.00 24.73 ? 37   PRO A CG  1 
ATOM   276  C  CD  . PRO A 1 36  ? -12.285 8.383   -2.616  1.00 26.03 ? 37   PRO A CD  1 
ATOM   277  N  N   . VAL A 1 37  ? -12.536 7.761   2.031   1.00 25.21 ? 38   VAL A N   1 
ATOM   278  C  CA  . VAL A 1 37  ? -13.144 8.387   3.221   1.00 25.41 ? 38   VAL A CA  1 
ATOM   279  C  C   . VAL A 1 37  ? -12.307 9.395   3.957   1.00 26.24 ? 38   VAL A C   1 
ATOM   280  O  O   . VAL A 1 37  ? -12.820 10.168  4.762   1.00 27.08 ? 38   VAL A O   1 
ATOM   281  C  CB  . VAL A 1 37  ? -13.581 7.312   4.252   1.00 24.93 ? 38   VAL A CB  1 
ATOM   282  C  CG1 . VAL A 1 37  ? -14.526 6.322   3.631   1.00 25.36 ? 38   VAL A CG1 1 
ATOM   283  C  CG2 . VAL A 1 37  ? -12.421 6.551   4.802   1.00 25.22 ? 38   VAL A CG2 1 
ATOM   284  N  N   . ASP A 1 38  ? -11.011 9.370   3.725   1.00 25.71 ? 39   ASP A N   1 
ATOM   285  C  CA  . ASP A 1 38  ? -10.120 10.266  4.420   1.00 26.18 ? 39   ASP A CA  1 
ATOM   286  C  C   . ASP A 1 38  ? -8.751  10.172  3.776   1.00 26.23 ? 39   ASP A C   1 
ATOM   287  O  O   . ASP A 1 38  ? -8.602  9.487   2.755   1.00 25.93 ? 39   ASP A O   1 
ATOM   288  C  CB  . ASP A 1 38  ? -10.117 9.977   5.924   1.00 25.74 ? 39   ASP A CB  1 
ATOM   289  C  CG  . ASP A 1 38  ? -9.499  8.634   6.308   1.00 27.91 ? 39   ASP A CG  1 
ATOM   290  O  OD1 . ASP A 1 38  ? -8.922  7.900   5.466   1.00 26.05 ? 39   ASP A OD1 1 
ATOM   291  O  OD2 . ASP A 1 38  ? -9.529  8.232   7.489   1.00 26.43 ? 39   ASP A OD2 1 
ATOM   292  N  N   . ASP A 1 39  ? -7.780  10.894  4.322   1.00 26.79 ? 40   ASP A N   1 
ATOM   293  C  CA  . ASP A 1 39  ? -6.464  10.973  3.677   1.00 27.27 ? 40   ASP A CA  1 
ATOM   294  C  C   . ASP A 1 39  ? -5.782  9.609   3.591   1.00 26.47 ? 40   ASP A C   1 
ATOM   295  O  O   . ASP A 1 39  ? -5.158  9.302   2.579   1.00 26.26 ? 40   ASP A O   1 
ATOM   296  C  CB  . ASP A 1 39  ? -5.537  11.987  4.364   1.00 28.30 ? 40   ASP A CB  1 
ATOM   297  C  CG  . ASP A 1 39  ? -5.948  13.438  4.114   1.00 31.59 ? 40   ASP A CG  1 
ATOM   298  O  OD1 . ASP A 1 39  ? -6.931  13.712  3.374   1.00 36.17 ? 40   ASP A OD1 1 
ATOM   299  O  OD2 . ASP A 1 39  ? -5.352  14.392  4.664   1.00 36.89 ? 40   ASP A OD2 1 
ATOM   300  N  N   . LEU A 1 40  ? -5.897  8.795   4.627   1.00 25.51 ? 41   LEU A N   1 
ATOM   301  C  CA  . LEU A 1 40  ? -5.281  7.472   4.614   1.00 24.59 ? 41   LEU A CA  1 
ATOM   302  C  C   . LEU A 1 40  ? -5.918  6.608   3.526   1.00 23.39 ? 41   LEU A C   1 
ATOM   303  O  O   . LEU A 1 40  ? -5.239  5.864   2.818   1.00 23.06 ? 41   LEU A O   1 
ATOM   304  C  CB  . LEU A 1 40  ? -5.451  6.781   5.968   1.00 24.76 ? 41   LEU A CB  1 
ATOM   305  C  CG  . LEU A 1 40  ? -4.923  5.352   6.067   1.00 24.20 ? 41   LEU A CG  1 
ATOM   306  C  CD1 . LEU A 1 40  ? -3.465  5.309   5.608   1.00 23.44 ? 41   LEU A CD1 1 
ATOM   307  C  CD2 . LEU A 1 40  ? -5.083  4.859   7.500   1.00 24.21 ? 41   LEU A CD2 1 
ATOM   308  N  N   . ASP A 1 41  ? -7.225  6.695   3.378   1.00 21.97 ? 42   ASP A N   1 
ATOM   309  C  CA  . ASP A 1 41  ? -7.904  5.933   2.355   1.00 21.37 ? 42   ASP A CA  1 
ATOM   310  C  C   . ASP A 1 41  ? -7.402  6.402   0.989   1.00 21.58 ? 42   ASP A C   1 
ATOM   311  O  O   . ASP A 1 41  ? -7.261  5.598   0.073   1.00 21.53 ? 42   ASP A O   1 
ATOM   312  C  CB  . ASP A 1 41  ? -9.422  6.116   2.498   1.00 20.54 ? 42   ASP A CB  1 
ATOM   313  C  CG  . ASP A 1 41  ? -10.214 4.974   1.905   1.00 21.73 ? 42   ASP A CG  1 
ATOM   314  O  OD1 . ASP A 1 41  ? -9.665  3.846   1.663   1.00 20.73 ? 42   ASP A OD1 1 
ATOM   315  O  OD2 . ASP A 1 41  ? -11.451 5.104   1.715   1.00 21.02 ? 42   ASP A OD2 1 
ATOM   316  N  N   . ARG A 1 42  ? -7.159  7.703   0.827   1.00 22.20 ? 43   ARG A N   1 
ATOM   317  C  CA  . ARG A 1 42  ? -6.611  8.240   -0.417  1.00 23.45 ? 43   ARG A CA  1 
ATOM   318  C  C   . ARG A 1 42  ? -5.234  7.647   -0.702  1.00 22.22 ? 43   ARG A C   1 
ATOM   319  O  O   . ARG A 1 42  ? -4.934  7.321   -1.853  1.00 23.01 ? 43   ARG A O   1 
ATOM   320  C  CB  . ARG A 1 42  ? -6.555  9.762   -0.402  1.00 23.88 ? 43   ARG A CB  1 
ATOM   321  C  CG  . ARG A 1 42  ? -7.933  10.381  -0.736  1.00 27.21 ? 43   ARG A CG  1 
ATOM   322  C  CD  . ARG A 1 42  ? -8.058  11.873  -0.681  1.00 29.39 ? 43   ARG A CD  1 
ATOM   323  N  NE  . ARG A 1 42  ? -9.446  12.301  -0.882  1.00 31.50 ? 43   ARG A NE  1 
ATOM   324  C  CZ  . ARG A 1 42  ? -10.120 12.295  -2.042  1.00 35.19 ? 43   ARG A CZ  1 
ATOM   325  N  NH1 . ARG A 1 42  ? -9.602  11.860  -3.183  1.00 35.69 ? 43   ARG A NH1 1 
ATOM   326  N  NH2 . ARG A 1 42  ? -11.363 12.728  -2.038  1.00 37.25 ? 43   ARG A NH2 1 
ATOM   327  N  N   . CYS A 1 43  ? -4.429  7.443   0.331   1.00 22.63 ? 44   CYS A N   1 
ATOM   328  C  CA  . CYS A 1 43  ? -3.115  6.800   0.127   1.00 23.12 ? 44   CYS A CA  1 
ATOM   329  C  C   . CYS A 1 43  ? -3.328  5.397   -0.440  1.00 22.72 ? 44   CYS A C   1 
ATOM   330  O  O   . CYS A 1 43  ? -2.539  4.887   -1.238  1.00 23.80 ? 44   CYS A O   1 
ATOM   331  C  CB  . CYS A 1 43  ? -2.350  6.623   1.432   1.00 23.61 ? 44   CYS A CB  1 
ATOM   332  S  SG  . CYS A 1 43  ? -1.911  7.997   2.447   1.00 27.66 ? 44   CYS A SG  1 
ATOM   333  N  N   . CYS A 1 44  ? -4.409  4.748   -0.045  1.00 21.35 ? 45   CYS A N   1 
ATOM   334  C  CA  . CYS A 1 44  ? -4.662  3.379   -0.485  1.00 20.54 ? 45   CYS A CA  1 
ATOM   335  C  C   . CYS A 1 44  ? -5.223  3.383   -1.905  1.00 20.15 ? 45   CYS A C   1 
ATOM   336  O  O   . CYS A 1 44  ? -4.968  2.478   -2.703  1.00 19.84 ? 45   CYS A O   1 
ATOM   337  C  CB  . CYS A 1 44  ? -5.633  2.695   0.457   1.00 20.49 ? 45   CYS A CB  1 
ATOM   338  S  SG  . CYS A 1 44  ? -4.770  2.302   2.006   1.00 24.35 ? 45   CYS A SG  1 
ATOM   339  N  N   . GLN A 1 45  ? -6.004  4.390   -2.247  1.00 19.52 ? 46   GLN A N   1 
ATOM   340  C  CA  . GLN A 1 45  ? -6.538  4.450   -3.588  1.00 20.12 ? 46   GLN A CA  1 
ATOM   341  C  C   . GLN A 1 45  ? -5.359  4.627   -4.570  1.00 18.86 ? 46   GLN A C   1 
ATOM   342  O  O   . GLN A 1 45  ? -5.332  4.002   -5.640  1.00 19.24 ? 46   GLN A O   1 
ATOM   343  C  CB  . GLN A 1 45  ? -7.519  5.618   -3.724  1.00 20.64 ? 46   GLN A CB  1 
ATOM   344  C  CG  . GLN A 1 45  ? -8.082  5.803   -5.103  1.00 22.26 ? 46   GLN A CG  1 
ATOM   345  C  CD  . GLN A 1 45  ? -8.950  7.030   -5.225  1.00 24.22 ? 46   GLN A CD  1 
ATOM   346  O  OE1 . GLN A 1 45  ? -8.541  8.141   -4.856  1.00 28.18 ? 46   GLN A OE1 1 
ATOM   347  N  NE2 . GLN A 1 45  ? -10.130 6.847   -5.772  1.00 26.71 ? 46   GLN A NE2 1 
ATOM   348  N  N   . THR A 1 46  ? -4.444  5.534   -4.258  1.00 19.98 ? 47   THR A N   1 
ATOM   349  C  CA  . THR A 1 46  ? -3.300  5.750   -5.138  1.00 20.42 ? 47   THR A CA  1 
ATOM   350  C  C   . THR A 1 46  ? -2.541  4.430   -5.249  1.00 19.87 ? 47   THR A C   1 
ATOM   351  O  O   . THR A 1 46  ? -2.139  4.029   -6.343  1.00 19.70 ? 47   THR A O   1 
ATOM   352  C  CB  . THR A 1 46  ? -2.387  6.834   -4.591  1.00 20.70 ? 47   THR A CB  1 
ATOM   353  O  OG1 . THR A 1 46  ? -2.979  8.144   -4.755  1.00 26.13 ? 47   THR A OG1 1 
ATOM   354  C  CG2 . THR A 1 46  ? -1.071  6.902   -5.378  1.00 21.72 ? 47   THR A CG2 1 
ATOM   355  N  N   . HIS A 1 47  ? -2.348  3.753   -4.132  1.00 19.79 ? 48   HIS A N   1 
ATOM   356  C  CA  . HIS A 1 47  ? -1.631  2.474   -4.144  1.00 18.53 ? 48   HIS A CA  1 
ATOM   357  C  C   . HIS A 1 47  ? -2.332  1.439   -5.022  1.00 18.45 ? 48   HIS A C   1 
ATOM   358  O  O   . HIS A 1 47  ? -1.713  0.707   -5.826  1.00 18.10 ? 48   HIS A O   1 
ATOM   359  C  CB  . HIS A 1 47  ? -1.492  1.955   -2.700  1.00 18.76 ? 48   HIS A CB  1 
ATOM   360  C  CG  . HIS A 1 47  ? -0.672  0.703   -2.588  1.00 19.10 ? 48   HIS A CG  1 
ATOM   361  N  ND1 . HIS A 1 47  ? -1.195  -0.505  -2.165  1.00 24.15 ? 48   HIS A ND1 1 
ATOM   362  C  CD2 . HIS A 1 47  ? 0.643   0.487   -2.837  1.00 19.35 ? 48   HIS A CD2 1 
ATOM   363  C  CE1 . HIS A 1 47  ? -0.233  -1.417  -2.180  1.00 23.21 ? 48   HIS A CE1 1 
ATOM   364  N  NE2 . HIS A 1 47  ? 0.898   -0.833  -2.543  1.00 19.95 ? 48   HIS A NE2 1 
ATOM   365  N  N   . ASP A 1 48  ? -3.643  1.347   -4.874  1.00 18.19 ? 49   ASP A N   1 
ATOM   366  C  CA  . ASP A 1 48  ? -4.402  0.408   -5.634  1.00 17.74 ? 49   ASP A CA  1 
ATOM   367  C  C   . ASP A 1 48  ? -4.287  0.755   -7.181  1.00 17.94 ? 49   ASP A C   1 
ATOM   368  O  O   . ASP A 1 48  ? -4.175  -0.123  -8.052  1.00 17.67 ? 49   ASP A O   1 
ATOM   369  C  CB  . ASP A 1 48  ? -5.883  0.445   -5.223  1.00 18.56 ? 49   ASP A CB  1 
ATOM   370  C  CG  . ASP A 1 48  ? -6.153  -0.055  -3.829  1.00 22.04 ? 49   ASP A CG  1 
ATOM   371  O  OD1 . ASP A 1 48  ? -5.377  -0.804  -3.223  1.00 22.74 ? 49   ASP A OD1 1 
ATOM   372  O  OD2 . ASP A 1 48  ? -7.208  0.342   -3.276  1.00 25.57 ? 49   ASP A OD2 1 
ATOM   373  N  N   . ASN A 1 49  ? -4.425  2.039   -7.523  1.00 18.24 ? 50   ASN A N   1 
ATOM   374  C  CA  . ASN A 1 49  ? -4.304  2.459   -8.915  1.00 18.76 ? 50   ASN A CA  1 
ATOM   375  C  C   . ASN A 1 49  ? -2.889  2.162   -9.447  1.00 17.87 ? 50   ASN A C   1 
ATOM   376  O  O   . ASN A 1 49  ? -2.735  1.733   -10.592 1.00 18.40 ? 50   ASN A O   1 
ATOM   377  C  CB  . ASN A 1 49  ? -4.603  3.948   -9.061  1.00 18.98 ? 50   ASN A CB  1 
ATOM   378  C  CG  . ASN A 1 49  ? -6.072  4.292   -8.940  1.00 23.15 ? 50   ASN A CG  1 
ATOM   379  O  OD1 . ASN A 1 49  ? -6.941  3.443   -8.716  1.00 26.20 ? 50   ASN A OD1 1 
ATOM   380  N  ND2 . ASN A 1 49  ? -6.354  5.580   -9.095  1.00 26.09 ? 50   ASN A ND2 1 
ATOM   381  N  N   . CYS A 1 50  ? -1.900  2.296   -8.569  1.00 16.92 ? 51   CYS A N   1 
ATOM   382  C  CA  . CYS A 1 50  ? -0.501  2.061   -8.951  1.00 17.96 ? 51   CYS A CA  1 
ATOM   383  C  C   . CYS A 1 50  ? -0.298  0.584   -9.275  1.00 17.94 ? 51   CYS A C   1 
ATOM   384  O  O   . CYS A 1 50  ? 0.342   0.231   -10.269 1.00 18.24 ? 51   CYS A O   1 
ATOM   385  C  CB  . CYS A 1 50  ? 0.345   2.569   -7.787  1.00 18.56 ? 51   CYS A CB  1 
ATOM   386  S  SG  . CYS A 1 50  ? 2.129   2.595   -8.111  1.00 19.91 ? 51   CYS A SG  1 
ATOM   387  N  N   . TYR A 1 51  ? -0.930  -0.285  -8.506  1.00 16.30 ? 52   TYR A N   1 
ATOM   388  C  CA  . TYR A 1 51  ? -0.873  -1.717  -8.799  1.00 16.91 ? 52   TYR A CA  1 
ATOM   389  C  C   . TYR A 1 51  ? -1.558  -2.022  -10.120 1.00 17.63 ? 52   TYR A C   1 
ATOM   390  O  O   . TYR A 1 51  ? -1.040  -2.802  -10.916 1.00 18.20 ? 52   TYR A O   1 
ATOM   391  C  CB  . TYR A 1 51  ? -1.499  -2.571  -7.709  1.00 16.87 ? 52   TYR A CB  1 
ATOM   392  C  CG  . TYR A 1 51  ? -0.627  -2.937  -6.534  1.00 16.40 ? 52   TYR A CG  1 
ATOM   393  C  CD1 . TYR A 1 51  ? 0.597   -2.324  -6.306  1.00 16.45 ? 52   TYR A CD1 1 
ATOM   394  C  CD2 . TYR A 1 51  ? -1.007  -3.967  -5.698  1.00 17.45 ? 52   TYR A CD2 1 
ATOM   395  C  CE1 . TYR A 1 51  ? 1.413   -2.710  -5.274  1.00 16.70 ? 52   TYR A CE1 1 
ATOM   396  C  CE2 . TYR A 1 51  ? -0.230  -4.321  -4.629  1.00 18.98 ? 52   TYR A CE2 1 
ATOM   397  C  CZ  . TYR A 1 51  ? 0.976   -3.699  -4.413  1.00 19.19 ? 52   TYR A CZ  1 
ATOM   398  O  OH  . TYR A 1 51  ? 1.708   -4.131  -3.312  1.00 21.13 ? 52   TYR A OH  1 
ATOM   399  N  N   . ASN A 1 52  ? -2.705  -1.405  -10.403 1.00 17.61 ? 53   ASN A N   1 
ATOM   400  C  CA  . ASN A 1 52  ? -3.402  -1.686  -11.646 1.00 18.59 ? 53   ASN A CA  1 
ATOM   401  C  C   . ASN A 1 52  ? -2.534  -1.310  -12.842 1.00 19.36 ? 53   ASN A C   1 
ATOM   402  O  O   . ASN A 1 52  ? -2.568  -1.978  -13.884 1.00 19.09 ? 53   ASN A O   1 
ATOM   403  C  CB  . ASN A 1 52  ? -4.774  -0.991  -11.702 1.00 18.69 ? 53   ASN A CB  1 
ATOM   404  C  CG  . ASN A 1 52  ? -5.788  -1.620  -10.765 1.00 24.20 ? 53   ASN A CG  1 
ATOM   405  O  OD1 . ASN A 1 52  ? -5.645  -2.770  -10.352 1.00 29.40 ? 53   ASN A OD1 1 
ATOM   406  N  ND2 . ASN A 1 52  ? -6.854  -0.881  -10.462 1.00 25.21 ? 53   ASN A ND2 1 
ATOM   407  N  N   . GLU A 1 53  ? -1.793  -0.217  -12.712 1.00 19.52 ? 54   GLU A N   1 
ATOM   408  C  CA  . GLU A 1 53  ? -0.828  0.152   -13.728 1.00 21.05 ? 54   GLU A CA  1 
ATOM   409  C  C   . GLU A 1 53  ? 0.258   -0.841  -13.869 1.00 20.58 ? 54   GLU A C   1 
ATOM   410  O  O   . GLU A 1 53  ? 0.593   -1.217  -14.992 1.00 21.21 ? 54   GLU A O   1 
ATOM   411  C  CB  . GLU A 1 53  ? -0.214  1.463   -13.387 1.00 21.33 ? 54   GLU A CB  1 
ATOM   412  C  CG  . GLU A 1 53  ? -1.253  2.495   -13.628 1.00 23.09 ? 54   GLU A CG  1 
ATOM   413  C  CD  . GLU A 1 53  ? -1.609  2.703   -15.095 1.00 25.59 ? 54   GLU A CD  1 
ATOM   414  O  OE1 . GLU A 1 53  ? -0.740  2.705   -15.962 1.00 28.66 ? 54   GLU A OE1 1 
ATOM   415  O  OE2 . GLU A 1 53  ? -2.746  2.960   -15.394 1.00 27.68 ? 54   GLU A OE2 1 
ATOM   416  N  N   . ALA A 1 54  ? 0.851   -1.261  -12.762 1.00 20.44 ? 55   ALA A N   1 
ATOM   417  C  CA  . ALA A 1 54  ? 1.933   -2.231  -12.852 1.00 20.13 ? 55   ALA A CA  1 
ATOM   418  C  C   . ALA A 1 54  ? 1.476   -3.536  -13.515 1.00 20.60 ? 55   ALA A C   1 
ATOM   419  O  O   . ALA A 1 54  ? 2.290   -4.179  -14.210 1.00 21.02 ? 55   ALA A O   1 
ATOM   420  C  CB  . ALA A 1 54  ? 2.544   -2.491  -11.478 1.00 19.47 ? 55   ALA A CB  1 
ATOM   421  N  N   . GLU A 1 55  ? 0.212   -3.925  -13.327 1.00 20.80 ? 56   GLU A N   1 
ATOM   422  C  CA  . GLU A 1 55  ? -0.339  -5.164  -13.889 1.00 22.49 ? 56   GLU A CA  1 
ATOM   423  C  C   . GLU A 1 55  ? -0.369  -5.167  -15.398 1.00 22.55 ? 56   GLU A C   1 
ATOM   424  O  O   . GLU A 1 55  ? -0.491  -6.241  -15.988 1.00 23.19 ? 56   GLU A O   1 
ATOM   425  C  CB  . GLU A 1 55  ? -1.760  -5.454  -13.376 1.00 22.83 ? 56   GLU A CB  1 
ATOM   426  C  CG  . GLU A 1 55  ? -1.836  -5.981  -11.944 1.00 26.91 ? 56   GLU A CG  1 
ATOM   427  C  CD  . GLU A 1 55  ? -2.101  -7.488  -11.794 1.00 31.07 ? 56   GLU A CD  1 
ATOM   428  O  OE1 . GLU A 1 55  ? -2.155  -8.234  -12.797 1.00 35.21 ? 56   GLU A OE1 1 
ATOM   429  O  OE2 . GLU A 1 55  ? -2.231  -7.939  -10.630 1.00 32.41 ? 56   GLU A OE2 1 
ATOM   430  N  N   . ASN A 1 56  ? -0.270  -3.987  -16.007 1.00 23.05 ? 57   ASN A N   1 
ATOM   431  C  CA  . ASN A 1 56  ? -0.188  -3.858  -17.457 1.00 23.80 ? 57   ASN A CA  1 
ATOM   432  C  C   . ASN A 1 56  ? 1.149   -4.387  -17.984 1.00 23.46 ? 57   ASN A C   1 
ATOM   433  O  O   . ASN A 1 56  ? 1.275   -4.672  -19.173 1.00 24.68 ? 57   ASN A O   1 
ATOM   434  C  CB  . ASN A 1 56  ? -0.345  -2.396  -17.888 1.00 23.93 ? 57   ASN A CB  1 
ATOM   435  C  CG  . ASN A 1 56  ? -1.768  -1.889  -17.755 1.00 28.36 ? 57   ASN A CG  1 
ATOM   436  O  OD1 . ASN A 1 56  ? -2.689  -2.662  -17.533 1.00 34.76 ? 57   ASN A OD1 1 
ATOM   437  N  ND2 . ASN A 1 56  ? -1.959  -0.584  -17.960 1.00 33.74 ? 57   ASN A ND2 1 
ATOM   438  N  N   . ILE A 1 57  ? 2.164   -4.452  -17.126 1.00 22.50 ? 58   ILE A N   1 
ATOM   439  C  CA  . ILE A 1 57  ? 3.501   -4.947  -17.520 1.00 22.28 ? 58   ILE A CA  1 
ATOM   440  C  C   . ILE A 1 57  ? 3.409   -6.463  -17.614 1.00 22.27 ? 58   ILE A C   1 
ATOM   441  O  O   . ILE A 1 57  ? 2.804   -7.113  -16.769 1.00 21.94 ? 58   ILE A O   1 
ATOM   442  C  CB  . ILE A 1 57  ? 4.580   -4.535  -16.500 1.00 22.46 ? 58   ILE A CB  1 
ATOM   443  C  CG1 . ILE A 1 57  ? 4.671   -3.003  -16.392 1.00 22.64 ? 58   ILE A CG1 1 
ATOM   444  C  CG2 . ILE A 1 57  ? 5.942   -5.093  -16.866 1.00 23.68 ? 58   ILE A CG2 1 
ATOM   445  C  CD1 . ILE A 1 57  ? 5.448   -2.553  -15.185 1.00 24.53 ? 58   ILE A CD1 1 
ATOM   446  N  N   . SER A 1 58  ? 3.969   -7.018  -18.681 1.00 22.76 ? 59   SER A N   1 
ATOM   447  C  CA  . SER A 1 58  ? 3.966   -8.440  -18.922 1.00 23.07 ? 59   SER A CA  1 
ATOM   448  C  C   . SER A 1 58  ? 4.498   -9.270  -17.758 1.00 22.39 ? 59   SER A C   1 
ATOM   449  O  O   . SER A 1 58  ? 5.566   -8.972  -17.272 1.00 22.78 ? 59   SER A O   1 
ATOM   450  C  CB  . SER A 1 58  ? 4.913   -8.690  -20.106 1.00 23.75 ? 59   SER A CB  1 
ATOM   451  O  OG  . SER A 1 58  ? 4.887   -10.058 -20.444 1.00 27.18 ? 59   SER A OG  1 
ATOM   452  N  N   . GLY A 1 59  ? 3.705   -10.214 -17.261 1.00 21.65 ? 60   GLY A N   1 
ATOM   453  C  CA  . GLY A 1 59  ? 4.099   -11.082 -16.174 1.00 20.46 ? 60   GLY A CA  1 
ATOM   454  C  C   . GLY A 1 59  ? 4.215   -10.387 -14.845 1.00 19.77 ? 60   GLY A C   1 
ATOM   455  O  O   . GLY A 1 59  ? 4.868   -10.964 -13.992 1.00 19.05 ? 60   GLY A O   1 
ATOM   456  N  N   . CYS A 1 60  ? 3.666   -9.184  -14.709 1.00 19.82 ? 61   CYS A N   1 
ATOM   457  C  CA  . CYS A 1 60  ? 3.886   -8.410  -13.489 1.00 19.08 ? 61   CYS A CA  1 
ATOM   458  C  C   . CYS A 1 60  ? 2.670   -8.571  -12.556 1.00 18.10 ? 61   CYS A C   1 
ATOM   459  O  O   . CYS A 1 60  ? 1.576   -8.131  -12.906 1.00 19.11 ? 61   CYS A O   1 
ATOM   460  C  CB  . CYS A 1 60  ? 4.113   -6.946  -13.830 1.00 17.74 ? 61   CYS A CB  1 
ATOM   461  S  SG  . CYS A 1 60  ? 4.663   -5.964  -12.429 1.00 20.77 ? 61   CYS A SG  1 
ATOM   462  N  N   . ARG A 1 61  ? 2.883   -9.126  -11.364 1.00 17.98 ? 62   ARG A N   1 
ATOM   463  C  CA  . ARG A 1 61  ? 1.821   -9.476  -10.408 1.00 18.60 ? 62   ARG A CA  1 
ATOM   464  C  C   . ARG A 1 61  ? 2.191   -8.826  -9.098  1.00 18.24 ? 62   ARG A C   1 
ATOM   465  O  O   . ARG A 1 61  ? 2.927   -9.399  -8.327  1.00 18.02 ? 62   ARG A O   1 
ATOM   466  C  CB  . ARG A 1 61  ? 1.744   -10.982 -10.261 1.00 19.41 ? 62   ARG A CB  1 
ATOM   467  C  CG  . ARG A 1 61  ? 1.486   -11.667 -11.627 1.00 20.60 ? 62   ARG A CG  1 
ATOM   468  C  CD  . ARG A 1 61  ? 1.508   -13.171 -11.553 1.00 23.35 ? 62   ARG A CD  1 
ATOM   469  N  NE  . ARG A 1 61  ? 2.850   -13.762 -11.494 1.00 25.13 ? 62   ARG A NE  1 
ATOM   470  C  CZ  . ARG A 1 61  ? 3.584   -14.114 -12.554 1.00 25.35 ? 62   ARG A CZ  1 
ATOM   471  N  NH1 . ARG A 1 61  ? 3.153   -13.915 -13.800 1.00 27.39 ? 62   ARG A NH1 1 
ATOM   472  N  NH2 . ARG A 1 61  ? 4.786   -14.640 -12.356 1.00 28.09 ? 62   ARG A NH2 1 
ATOM   473  N  N   . PRO A 1 62  ? 1.695   -7.615  -8.854  1.00 18.49 ? 63   PRO A N   1 
ATOM   474  C  CA  . PRO A 1 62  ? 2.157   -6.865  -7.698  1.00 18.49 ? 63   PRO A CA  1 
ATOM   475  C  C   . PRO A 1 62  ? 2.059   -7.513  -6.337  1.00 18.85 ? 63   PRO A C   1 
ATOM   476  O  O   . PRO A 1 62  ? 2.955   -7.313  -5.543  1.00 19.28 ? 63   PRO A O   1 
ATOM   477  C  CB  . PRO A 1 62  ? 1.329   -5.582  -7.770  1.00 19.70 ? 63   PRO A CB  1 
ATOM   478  C  CG  . PRO A 1 62  ? 0.980   -5.410  -9.203  1.00 20.02 ? 63   PRO A CG  1 
ATOM   479  C  CD  . PRO A 1 62  ? 0.805   -6.790  -9.688  1.00 19.09 ? 63   PRO A CD  1 
ATOM   480  N  N   . TYR A 1 63  ? 1.073   -8.350  -6.055  1.00 18.46 ? 64   TYR A N   1 
ATOM   481  C  CA  . TYR A 1 63  ? 0.987   -8.996  -4.746  1.00 20.32 ? 64   TYR A CA  1 
ATOM   482  C  C   . TYR A 1 63  ? 2.069   -10.049 -4.570  1.00 19.49 ? 64   TYR A C   1 
ATOM   483  O  O   . TYR A 1 63  ? 2.363   -10.486 -3.456  1.00 20.43 ? 64   TYR A O   1 
ATOM   484  C  CB  . TYR A 1 63  ? -0.395  -9.701  -4.542  1.00 21.71 ? 64   TYR A CB  1 
ATOM   485  C  CG  . TYR A 1 63  ? -1.652  -8.857  -4.244  1.00 27.04 ? 64   TYR A CG  1 
ATOM   486  C  CD1 . TYR A 1 63  ? -2.742  -9.426  -3.577  1.00 33.20 ? 64   TYR A CD1 1 
ATOM   487  C  CD2 . TYR A 1 63  ? -1.782  -7.545  -4.663  1.00 31.69 ? 64   TYR A CD2 1 
ATOM   488  C  CE1 . TYR A 1 63  ? -3.897  -8.683  -3.303  1.00 35.97 ? 64   TYR A CE1 1 
ATOM   489  C  CE2 . TYR A 1 63  ? -2.932  -6.791  -4.372  1.00 35.36 ? 64   TYR A CE2 1 
ATOM   490  C  CZ  . TYR A 1 63  ? -3.979  -7.368  -3.705  1.00 36.88 ? 64   TYR A CZ  1 
ATOM   491  O  OH  . TYR A 1 63  ? -5.101  -6.615  -3.440  1.00 40.33 ? 64   TYR A OH  1 
ATOM   492  N  N   . PHE A 1 64  ? 2.617   -10.515 -5.679  1.00 19.04 ? 65   PHE A N   1 
ATOM   493  C  CA  . PHE A 1 64  ? 3.485   -11.680 -5.642  1.00 19.42 ? 65   PHE A CA  1 
ATOM   494  C  C   . PHE A 1 64  ? 4.908   -11.395 -6.051  1.00 19.46 ? 65   PHE A C   1 
ATOM   495  O  O   . PHE A 1 64  ? 5.791   -12.118 -5.647  1.00 21.24 ? 65   PHE A O   1 
ATOM   496  C  CB  . PHE A 1 64  ? 2.920   -12.792 -6.535  1.00 19.69 ? 65   PHE A CB  1 
ATOM   497  C  CG  . PHE A 1 64  ? 1.576   -13.276 -6.094  1.00 20.24 ? 65   PHE A CG  1 
ATOM   498  C  CD1 . PHE A 1 64  ? 1.481   -14.247 -5.153  1.00 23.27 ? 65   PHE A CD1 1 
ATOM   499  C  CD2 . PHE A 1 64  ? 0.419   -12.732 -6.577  1.00 20.26 ? 65   PHE A CD2 1 
ATOM   500  C  CE1 . PHE A 1 64  ? 0.252   -14.645 -4.703  1.00 22.29 ? 65   PHE A CE1 1 
ATOM   501  C  CE2 . PHE A 1 64  ? -0.832  -13.154 -6.126  1.00 22.20 ? 65   PHE A CE2 1 
ATOM   502  C  CZ  . PHE A 1 64  ? -0.893  -14.131 -5.189  1.00 21.65 ? 65   PHE A CZ  1 
ATOM   503  N  N   . LYS A 1 65  ? 5.154   -10.301 -6.767  1.00 19.00 ? 66   LYS A N   1 
ATOM   504  C  CA  . LYS A 1 65  ? 6.492   -10.029 -7.269  1.00 18.58 ? 66   LYS A CA  1 
ATOM   505  C  C   . LYS A 1 65  ? 7.438   -9.614  -6.165  1.00 19.36 ? 66   LYS A C   1 
ATOM   506  O  O   . LYS A 1 65  ? 7.187   -8.664  -5.452  1.00 20.05 ? 66   LYS A O   1 
ATOM   507  C  CB  . LYS A 1 65  ? 6.443   -8.894  -8.282  1.00 18.55 ? 66   LYS A CB  1 
ATOM   508  C  CG  . LYS A 1 65  ? 7.825   -8.516  -8.777  1.00 20.78 ? 66   LYS A CG  1 
ATOM   509  C  CD  . LYS A 1 65  ? 8.475   -9.566  -9.687  1.00 20.98 ? 66   LYS A CD  1 
ATOM   510  C  CE  . LYS A 1 65  ? 9.875   -9.170  -10.042 1.00 24.00 ? 66   LYS A CE  1 
ATOM   511  N  NZ  . LYS A 1 65  ? 10.564  -10.311 -10.743 1.00 27.70 ? 66   LYS A NZ  1 
ATOM   512  N  N   . THR A 1 66  ? 8.499   -10.372 -5.997  1.00 20.11 ? 67   THR A N   1 
ATOM   513  C  CA  . THR A 1 66  ? 9.506   -10.070 -5.027  1.00 20.70 ? 67   THR A CA  1 
ATOM   514  C  C   . THR A 1 66  ? 10.458  -9.067  -5.616  1.00 20.40 ? 67   THR A C   1 
ATOM   515  O  O   . THR A 1 66  ? 11.105  -9.369  -6.600  1.00 22.80 ? 67   THR A O   1 
ATOM   516  C  CB  . THR A 1 66  ? 10.255  -11.346 -4.724  1.00 21.24 ? 67   THR A CB  1 
ATOM   517  O  OG1 . THR A 1 66  ? 9.337   -12.296 -4.143  1.00 23.11 ? 67   THR A OG1 1 
ATOM   518  C  CG2 . THR A 1 66  ? 11.367  -11.035 -3.694  1.00 22.27 ? 67   THR A CG2 1 
ATOM   519  N  N   . TYR A 1 67  ? 10.613  -7.916  -4.977  1.00 19.73 ? 68   TYR A N   1 
ATOM   520  C  CA  . TYR A 1 67  ? 11.527  -6.887  -5.432  1.00 19.20 ? 68   TYR A CA  1 
ATOM   521  C  C   . TYR A 1 67  ? 12.662  -6.756  -4.416  1.00 18.78 ? 68   TYR A C   1 
ATOM   522  O  O   . TYR A 1 67  ? 12.716  -7.501  -3.430  1.00 19.60 ? 68   TYR A O   1 
ATOM   523  C  CB  . TYR A 1 67  ? 10.794  -5.554  -5.600  1.00 19.33 ? 68   TYR A CB  1 
ATOM   524  C  CG  . TYR A 1 67  ? 9.877   -5.157  -4.443  1.00 18.93 ? 68   TYR A CG  1 
ATOM   525  C  CD1 . TYR A 1 67  ? 10.382  -4.778  -3.217  1.00 18.89 ? 68   TYR A CD1 1 
ATOM   526  C  CD2 . TYR A 1 67  ? 8.499   -5.135  -4.610  1.00 18.83 ? 68   TYR A CD2 1 
ATOM   527  C  CE1 . TYR A 1 67  ? 9.538   -4.423  -2.179  1.00 19.73 ? 68   TYR A CE1 1 
ATOM   528  C  CE2 . TYR A 1 67  ? 7.653   -4.758  -3.584  1.00 19.29 ? 68   TYR A CE2 1 
ATOM   529  C  CZ  . TYR A 1 67  ? 8.166   -4.400  -2.359  1.00 19.73 ? 68   TYR A CZ  1 
ATOM   530  O  OH  . TYR A 1 67  ? 7.335   -4.010  -1.301  1.00 18.24 ? 68   TYR A OH  1 
ATOM   531  N  N   . SER A 1 68  ? 13.573  -5.823  -4.691  1.00 19.47 ? 69   SER A N   1 
ATOM   532  C  CA  . SER A 1 68  ? 14.737  -5.603  -3.843  1.00 20.67 ? 69   SER A CA  1 
ATOM   533  C  C   . SER A 1 68  ? 14.633  -4.231  -3.225  1.00 20.53 ? 69   SER A C   1 
ATOM   534  O  O   . SER A 1 68  ? 14.512  -3.251  -3.929  1.00 20.63 ? 69   SER A O   1 
ATOM   535  C  CB  . SER A 1 68  ? 16.003  -5.706  -4.679  1.00 21.23 ? 69   SER A CB  1 
ATOM   536  O  OG  . SER A 1 68  ? 17.129  -5.449  -3.870  1.00 25.28 ? 69   SER A OG  1 
ATOM   537  N  N   . TYR A 1 69  ? 14.657  -4.179  -1.900  1.00 20.19 ? 70   TYR A N   1 
ATOM   538  C  CA  . TYR A 1 69  ? 14.455  -2.911  -1.161  1.00 20.51 ? 70   TYR A CA  1 
ATOM   539  C  C   . TYR A 1 69  ? 15.197  -2.953  0.159   1.00 20.75 ? 70   TYR A C   1 
ATOM   540  O  O   . TYR A 1 69  ? 15.647  -4.004  0.601   1.00 21.21 ? 70   TYR A O   1 
ATOM   541  C  CB  . TYR A 1 69  ? 12.959  -2.590  -0.900  1.00 20.20 ? 70   TYR A CB  1 
ATOM   542  C  CG  . TYR A 1 69  ? 12.319  -3.381  0.216   1.00 19.90 ? 70   TYR A CG  1 
ATOM   543  C  CD1 . TYR A 1 69  ? 12.128  -4.752  0.089   1.00 19.02 ? 70   TYR A CD1 1 
ATOM   544  C  CD2 . TYR A 1 69  ? 11.981  -2.779  1.444   1.00 21.75 ? 70   TYR A CD2 1 
ATOM   545  C  CE1 . TYR A 1 69  ? 11.591  -5.496  1.112   1.00 20.00 ? 70   TYR A CE1 1 
ATOM   546  C  CE2 . TYR A 1 69  ? 11.392  -3.534  2.467   1.00 20.37 ? 70   TYR A CE2 1 
ATOM   547  C  CZ  . TYR A 1 69  ? 11.198  -4.879  2.280   1.00 21.07 ? 70   TYR A CZ  1 
ATOM   548  O  OH  . TYR A 1 69  ? 10.660  -5.648  3.291   1.00 24.68 ? 70   TYR A OH  1 
ATOM   549  N  N   . GLU A 1 70  ? 15.327  -1.798  0.792   1.00 22.25 ? 71   GLU A N   1 
ATOM   550  C  CA  . GLU A 1 70  ? 15.924  -1.746  2.106   1.00 23.31 ? 71   GLU A CA  1 
ATOM   551  C  C   . GLU A 1 70  ? 15.129  -0.764  2.997   1.00 23.01 ? 71   GLU A C   1 
ATOM   552  O  O   . GLU A 1 70  ? 14.575  0.211   2.510   1.00 23.07 ? 71   GLU A O   1 
ATOM   553  C  CB  . GLU A 1 70  ? 17.413  -1.347  1.997   1.00 24.14 ? 71   GLU A CB  1 
ATOM   554  C  CG  . GLU A 1 70  ? 18.123  -1.403  3.334   1.00 28.08 ? 71   GLU A CG  1 
ATOM   555  C  CD  . GLU A 1 70  ? 19.585  -1.023  3.300   1.00 33.85 ? 71   GLU A CD  1 
ATOM   556  O  OE1 . GLU A 1 70  ? 20.190  -1.028  2.207   1.00 37.63 ? 71   GLU A OE1 1 
ATOM   557  O  OE2 . GLU A 1 70  ? 20.120  -0.739  4.400   1.00 36.46 ? 71   GLU A OE2 1 
ATOM   558  N  N   . CYS A 1 71  ? 15.041  -1.044  4.291   1.00 24.40 ? 72   CYS A N   1 
ATOM   559  C  CA  . CYS A 1 71  ? 14.449  -0.094  5.248   1.00 26.09 ? 72   CYS A CA  1 
ATOM   560  C  C   . CYS A 1 71  ? 15.349  -0.017  6.448   1.00 26.68 ? 72   CYS A C   1 
ATOM   561  O  O   . CYS A 1 71  ? 15.471  -0.976  7.201   1.00 26.89 ? 72   CYS A O   1 
ATOM   562  C  CB  . CYS A 1 71  ? 13.050  -0.488  5.728   1.00 27.38 ? 72   CYS A CB  1 
ATOM   563  S  SG  . CYS A 1 71  ? 12.123  0.895   6.561   1.00 31.93 ? 72   CYS A SG  1 
ATOM   564  N  N   . THR A 1 72  ? 15.971  1.131   6.622   1.00 26.96 ? 73   THR A N   1 
ATOM   565  C  CA  . THR A 1 72  ? 16.835  1.321   7.773   1.00 27.33 ? 73   THR A CA  1 
ATOM   566  C  C   . THR A 1 72  ? 17.044  2.776   8.061   1.00 25.32 ? 73   THR A C   1 
ATOM   567  O  O   . THR A 1 72  ? 17.086  3.656   7.163   1.00 23.94 ? 73   THR A O   1 
ATOM   568  C  CB  . THR A 1 72  ? 18.219  0.686   7.612   1.00 28.28 ? 73   THR A CB  1 
ATOM   569  O  OG1 . THR A 1 72  ? 18.834  1.122   6.397   1.00 30.43 ? 73   THR A OG1 1 
ATOM   570  C  CG2 . THR A 1 72  ? 18.165  -0.812  7.492   1.00 30.96 ? 73   THR A CG2 1 
ATOM   571  N  N   . GLN A 1 73  ? 17.215  2.995   9.356   1.00 24.25 ? 74   GLN A N   1 
ATOM   572  C  CA  . GLN A 1 73  ? 17.517  4.331   9.836   1.00 23.34 ? 74   GLN A CA  1 
ATOM   573  C  C   . GLN A 1 73  ? 16.522  5.359   9.317   1.00 23.61 ? 74   GLN A C   1 
ATOM   574  O  O   . GLN A 1 73  ? 16.887  6.505   9.007   1.00 22.89 ? 74   GLN A O   1 
ATOM   575  C  CB  . GLN A 1 73  ? 18.945  4.693   9.473   1.00 22.83 ? 74   GLN A CB  1 
ATOM   576  C  CG  . GLN A 1 73  ? 19.915  3.999   10.423  1.00 23.93 ? 74   GLN A CG  1 
ATOM   577  C  CD  . GLN A 1 73  ? 21.391  4.281   10.200  1.00 26.09 ? 74   GLN A CD  1 
ATOM   578  O  OE1 . GLN A 1 73  ? 22.242  3.685   10.893  1.00 29.33 ? 74   GLN A OE1 1 
ATOM   579  N  NE2 . GLN A 1 73  ? 21.718  5.166   9.280   1.00 25.21 ? 74   GLN A NE2 1 
ATOM   580  N  N   . GLY A 1 74  ? 15.256  4.959   9.267   1.00 24.28 ? 75   GLY A N   1 
ATOM   581  C  CA  . GLY A 1 74  ? 14.180  5.840   8.860   1.00 24.63 ? 75   GLY A CA  1 
ATOM   582  C  C   . GLY A 1 74  ? 13.929  6.011   7.384   1.00 24.49 ? 75   GLY A C   1 
ATOM   583  O  O   . GLY A 1 74  ? 13.051  6.794   7.016   1.00 25.26 ? 75   GLY A O   1 
ATOM   584  N  N   . THR A 1 75  ? 14.660  5.296   6.541   1.00 23.72 ? 76   THR A N   1 
ATOM   585  C  CA  . THR A 1 75  ? 14.564  5.497   5.108   1.00 23.25 ? 76   THR A CA  1 
ATOM   586  C  C   . THR A 1 75  ? 14.309  4.215   4.368   1.00 23.43 ? 76   THR A C   1 
ATOM   587  O  O   . THR A 1 75  ? 14.944  3.201   4.625   1.00 23.50 ? 76   THR A O   1 
ATOM   588  C  CB  . THR A 1 75  ? 15.899  6.051   4.636   1.00 23.99 ? 76   THR A CB  1 
ATOM   589  O  OG1 . THR A 1 75  ? 16.069  7.393   5.133   1.00 25.00 ? 76   THR A OG1 1 
ATOM   590  C  CG2 . THR A 1 75  ? 15.971  6.187   3.133   1.00 23.73 ? 76   THR A CG2 1 
ATOM   591  N  N   . LEU A 1 76  ? 13.380  4.290   3.440   1.00 23.05 ? 77   LEU A N   1 
ATOM   592  C  CA  . LEU A 1 76  ? 13.064  3.185   2.580   1.00 23.87 ? 77   LEU A CA  1 
ATOM   593  C  C   . LEU A 1 76  ? 13.647  3.400   1.181   1.00 24.57 ? 77   LEU A C   1 
ATOM   594  O  O   . LEU A 1 76  ? 13.513  4.484   0.638   1.00 25.27 ? 77   LEU A O   1 
ATOM   595  C  CB  . LEU A 1 76  ? 11.575  3.217   2.413   1.00 24.92 ? 77   LEU A CB  1 
ATOM   596  C  CG  . LEU A 1 76  ? 10.652  2.378   3.206   1.00 24.68 ? 77   LEU A CG  1 
ATOM   597  C  CD1 . LEU A 1 76  ? 9.219   2.720   2.763   1.00 22.96 ? 77   LEU A CD1 1 
ATOM   598  C  CD2 . LEU A 1 76  ? 10.919  0.914   3.024   1.00 24.65 ? 77   LEU A CD2 1 
ATOM   599  N  N   . THR A 1 77  ? 14.274  2.389   0.585   1.00 25.02 ? 78   THR A N   1 
ATOM   600  C  CA  . THR A 1 77  ? 14.920  2.534   -0.710  1.00 26.82 ? 78   THR A CA  1 
ATOM   601  C  C   . THR A 1 77  ? 14.602  1.339   -1.602  1.00 26.52 ? 78   THR A C   1 
ATOM   602  O  O   . THR A 1 77  ? 14.765  0.204   -1.146  1.00 27.65 ? 78   THR A O   1 
ATOM   603  C  CB  . THR A 1 77  ? 16.449  2.505   -0.469  1.00 27.70 ? 78   THR A CB  1 
ATOM   604  O  OG1 . THR A 1 77  ? 16.830  3.636   0.337   1.00 30.25 ? 78   THR A OG1 1 
ATOM   605  C  CG2 . THR A 1 77  ? 17.285  2.617   -1.753  1.00 29.78 ? 78   THR A CG2 1 
ATOM   606  N  N   . CYS A 1 78  ? 14.124  1.577   -2.827  1.00 25.90 ? 79   CYS A N   1 
ATOM   607  C  CA  . CYS A 1 78  ? 14.002  0.528   -3.837  1.00 25.95 ? 79   CYS A CA  1 
ATOM   608  C  C   . CYS A 1 78  ? 15.353  0.483   -4.539  1.00 26.84 ? 79   CYS A C   1 
ATOM   609  O  O   . CYS A 1 78  ? 15.874  1.493   -5.012  1.00 26.62 ? 79   CYS A O   1 
ATOM   610  C  CB  . CYS A 1 78  ? 12.889  0.798   -4.829  1.00 25.60 ? 79   CYS A CB  1 
ATOM   611  S  SG  . CYS A 1 78  ? 11.282  0.801   -4.012  1.00 23.62 ? 79   CYS A SG  1 
ATOM   612  N  N   . LYS A 1 79  ? 15.950  -0.682  -4.571  1.00 27.82 ? 80   LYS A N   1 
ATOM   613  C  CA  . LYS A 1 79  ? 17.313  -0.783  -5.068  1.00 29.47 ? 80   LYS A CA  1 
ATOM   614  C  C   . LYS A 1 79  ? 17.417  -0.789  -6.569  1.00 29.95 ? 80   LYS A C   1 
ATOM   615  O  O   . LYS A 1 79  ? 16.464  -1.056  -7.272  1.00 29.50 ? 80   LYS A O   1 
ATOM   616  C  CB  . LYS A 1 79  ? 17.925  -2.047  -4.529  1.00 30.22 ? 80   LYS A CB  1 
ATOM   617  C  CG  . LYS A 1 79  ? 18.157  -1.973  -3.047  1.00 33.92 ? 80   LYS A CG  1 
ATOM   618  C  CD  . LYS A 1 79  ? 19.039  -3.127  -2.613  1.00 38.27 ? 80   LYS A CD  1 
ATOM   619  C  CE  . LYS A 1 79  ? 19.053  -3.357  -1.136  1.00 40.44 ? 80   LYS A CE  1 
ATOM   620  N  NZ  . LYS A 1 79  ? 20.095  -4.394  -0.800  1.00 42.82 ? 80   LYS A NZ  1 
ATOM   621  N  N   . GLY A 1 80  ? 18.606  -0.512  -7.073  1.00 30.90 ? 81   GLY A N   1 
ATOM   622  C  CA  . GLY A 1 80  ? 18.814  -0.526  -8.508  1.00 31.86 ? 81   GLY A CA  1 
ATOM   623  C  C   . GLY A 1 80  ? 18.733  -1.893  -9.191  1.00 32.01 ? 81   GLY A C   1 
ATOM   624  O  O   . GLY A 1 80  ? 18.583  -1.940  -10.422 1.00 33.12 ? 81   GLY A O   1 
ATOM   625  N  N   . ASP A 1 81  ? 18.823  -2.995  -8.433  1.00 32.03 ? 82   ASP A N   1 
ATOM   626  C  CA  . ASP A 1 81  ? 18.752  -4.354  -9.020  1.00 31.99 ? 82   ASP A CA  1 
ATOM   627  C  C   . ASP A 1 81  ? 17.292  -4.799  -9.079  1.00 30.81 ? 82   ASP A C   1 
ATOM   628  O  O   . ASP A 1 81  ? 16.906  -5.850  -8.557  1.00 32.26 ? 82   ASP A O   1 
ATOM   629  C  CB  . ASP A 1 81  ? 19.623  -5.401  -8.295  1.00 32.45 ? 82   ASP A CB  1 
ATOM   630  C  CG  . ASP A 1 81  ? 19.143  -5.727  -6.900  1.00 34.36 ? 82   ASP A CG  1 
ATOM   631  O  OD1 . ASP A 1 81  ? 18.793  -4.812  -6.128  1.00 36.24 ? 82   ASP A OD1 1 
ATOM   632  O  OD2 . ASP A 1 81  ? 19.106  -6.900  -6.482  1.00 38.02 ? 82   ASP A OD2 1 
ATOM   633  N  N   . ASN A 1 82  ? 16.464  -3.938  -9.642  1.00 28.47 ? 83   ASN A N   1 
ATOM   634  C  CA  . ASN A 1 82  ? 15.068  -4.282  -9.872  1.00 26.34 ? 83   ASN A CA  1 
ATOM   635  C  C   . ASN A 1 82  ? 14.729  -4.131  -11.353 1.00 24.95 ? 83   ASN A C   1 
ATOM   636  O  O   . ASN A 1 82  ? 15.042  -3.098  -11.945 1.00 25.31 ? 83   ASN A O   1 
ATOM   637  C  CB  . ASN A 1 82  ? 14.119  -3.317  -9.138  1.00 25.80 ? 83   ASN A CB  1 
ATOM   638  C  CG  . ASN A 1 82  ? 13.935  -3.620  -7.682  1.00 24.41 ? 83   ASN A CG  1 
ATOM   639  O  OD1 . ASN A 1 82  ? 13.764  -4.758  -7.273  1.00 21.01 ? 83   ASN A OD1 1 
ATOM   640  N  ND2 . ASN A 1 82  ? 13.944  -2.554  -6.871  1.00 25.93 ? 83   ASN A ND2 1 
ATOM   641  N  N   . ASN A 1 83  ? 14.080  -5.126  -11.952 1.00 23.74 ? 84   ASN A N   1 
ATOM   642  C  CA  . ASN A 1 83  ? 13.540  -4.990  -13.318 1.00 22.88 ? 84   ASN A CA  1 
ATOM   643  C  C   . ASN A 1 83  ? 12.348  -4.016  -13.402 1.00 22.45 ? 84   ASN A C   1 
ATOM   644  O  O   . ASN A 1 83  ? 11.934  -3.490  -12.367 1.00 22.87 ? 84   ASN A O   1 
ATOM   645  C  CB  . ASN A 1 83  ? 13.264  -6.371  -13.950 1.00 22.78 ? 84   ASN A CB  1 
ATOM   646  C  CG  . ASN A 1 83  ? 12.037  -7.098  -13.407 1.00 23.71 ? 84   ASN A CG  1 
ATOM   647  O  OD1 . ASN A 1 83  ? 11.218  -6.538  -12.708 1.00 24.54 ? 84   ASN A OD1 1 
ATOM   648  N  ND2 . ASN A 1 83  ? 11.869  -8.354  -13.834 1.00 24.06 ? 84   ASN A ND2 1 
ATOM   649  N  N   . ALA A 1 84  ? 11.751  -3.806  -14.582 1.00 21.63 ? 85   ALA A N   1 
ATOM   650  C  CA  . ALA A 1 84  ? 10.697  -2.779  -14.720 1.00 21.36 ? 85   ALA A CA  1 
ATOM   651  C  C   . ALA A 1 84  ? 9.534   -3.106  -13.808 1.00 20.61 ? 85   ALA A C   1 
ATOM   652  O  O   . ALA A 1 84  ? 9.075   -2.238  -13.079 1.00 21.11 ? 85   ALA A O   1 
ATOM   653  C  CB  . ALA A 1 84  ? 10.234  -2.592  -16.160 1.00 21.60 ? 85   ALA A CB  1 
ATOM   654  N  N   . CYS A 1 85  ? 9.114   -4.355  -13.772 1.00 19.92 ? 86   CYS A N   1 
ATOM   655  C  CA  . CYS A 1 85  ? 8.010   -4.730  -12.891 1.00 19.97 ? 86   CYS A CA  1 
ATOM   656  C  C   . CYS A 1 85  ? 8.381   -4.548  -11.425 1.00 18.35 ? 86   CYS A C   1 
ATOM   657  O  O   . CYS A 1 85  ? 7.628   -3.925  -10.680 1.00 19.01 ? 86   CYS A O   1 
ATOM   658  C  CB  . CYS A 1 85  ? 7.596   -6.170  -13.151 1.00 20.45 ? 86   CYS A CB  1 
ATOM   659  S  SG  . CYS A 1 85  ? 6.456   -6.901  -11.975 1.00 20.99 ? 86   CYS A SG  1 
ATOM   660  N  N   . ALA A 1 86  ? 9.503   -5.107  -11.003 1.00 17.84 ? 87   ALA A N   1 
ATOM   661  C  CA  . ALA A 1 86  ? 9.937   -4.995  -9.599  1.00 17.25 ? 87   ALA A CA  1 
ATOM   662  C  C   . ALA A 1 86  ? 10.064  -3.512  -9.192  1.00 18.18 ? 87   ALA A C   1 
ATOM   663  O  O   . ALA A 1 86  ? 9.618   -3.114  -8.115  1.00 18.50 ? 87   ALA A O   1 
ATOM   664  C  CB  . ALA A 1 86  ? 11.234  -5.688  -9.388  1.00 18.73 ? 87   ALA A CB  1 
ATOM   665  N  N   . ALA A 1 87  ? 10.675  -2.703  -10.035 1.00 19.13 ? 88   ALA A N   1 
ATOM   666  C  CA  . ALA A 1 87  ? 10.849  -1.293  -9.715  1.00 18.78 ? 88   ALA A CA  1 
ATOM   667  C  C   . ALA A 1 87  ? 9.516   -0.572  -9.598  1.00 19.42 ? 88   ALA A C   1 
ATOM   668  O  O   . ALA A 1 87  ? 9.322   0.240   -8.702  1.00 19.65 ? 88   ALA A O   1 
ATOM   669  C  CB  . ALA A 1 87  ? 11.705  -0.630  -10.805 1.00 19.17 ? 88   ALA A CB  1 
ATOM   670  N  N   . SER A 1 88  ? 8.589   -0.861  -10.486 1.00 20.29 ? 89   SER A N   1 
ATOM   671  C  CA  . SER A 1 88  ? 7.295   -0.227  -10.448 1.00 20.56 ? 89   SER A CA  1 
ATOM   672  C  C   . SER A 1 88  ? 6.552   -0.603  -9.172  1.00 19.25 ? 89   SER A C   1 
ATOM   673  O  O   . SER A 1 88  ? 6.029   0.241   -8.446  1.00 18.78 ? 89   SER A O   1 
ATOM   674  C  CB  . SER A 1 88  ? 6.491   -0.702  -11.650 1.00 21.42 ? 89   SER A CB  1 
ATOM   675  O  OG  . SER A 1 88  ? 5.195   -0.167  -11.629 1.00 27.54 ? 89   SER A OG  1 
ATOM   676  N  N   . VAL A 1 89  ? 6.513   -1.892  -8.883  1.00 17.53 ? 90   VAL A N   1 
ATOM   677  C  CA  . VAL A 1 89  ? 5.801   -2.357  -7.701  1.00 17.96 ? 90   VAL A CA  1 
ATOM   678  C  C   . VAL A 1 89  ? 6.458   -1.839  -6.436  1.00 16.66 ? 90   VAL A C   1 
ATOM   679  O  O   . VAL A 1 89  ? 5.749   -1.417  -5.514  1.00 16.80 ? 90   VAL A O   1 
ATOM   680  C  CB  . VAL A 1 89  ? 5.677   -3.923  -7.671  1.00 17.83 ? 90   VAL A CB  1 
ATOM   681  C  CG1 . VAL A 1 89  ? 5.086   -4.458  -6.383  1.00 18.76 ? 90   VAL A CG1 1 
ATOM   682  C  CG2 . VAL A 1 89  ? 4.823   -4.404  -8.864  1.00 18.67 ? 90   VAL A CG2 1 
ATOM   683  N  N   . CYS A 1 90  ? 7.781   -1.948  -6.331  1.00 17.80 ? 91   CYS A N   1 
ATOM   684  C  CA  . CYS A 1 90  ? 8.500   -1.438  -5.155  1.00 17.96 ? 91   CYS A CA  1 
ATOM   685  C  C   . CYS A 1 90  ? 8.155   0.054   -4.972  1.00 18.51 ? 91   CYS A C   1 
ATOM   686  O  O   . CYS A 1 90  ? 7.931   0.492   -3.822  1.00 17.98 ? 91   CYS A O   1 
ATOM   687  C  CB  . CYS A 1 90  ? 9.997   -1.638  -5.321  1.00 18.81 ? 91   CYS A CB  1 
ATOM   688  S  SG  . CYS A 1 90  ? 10.901  -1.191  -3.803  1.00 19.84 ? 91   CYS A SG  1 
ATOM   689  N  N   . ASP A 1 91  ? 8.098   0.834   -6.056  1.00 18.81 ? 92   ASP A N   1 
ATOM   690  C  CA  . ASP A 1 91  ? 7.761   2.268   -5.955  1.00 19.92 ? 92   ASP A CA  1 
ATOM   691  C  C   . ASP A 1 91  ? 6.356   2.451   -5.400  1.00 19.58 ? 92   ASP A C   1 
ATOM   692  O  O   . ASP A 1 91  ? 6.161   3.274   -4.542  1.00 20.96 ? 92   ASP A O   1 
ATOM   693  C  CB  . ASP A 1 91  ? 7.936   3.014   -7.261  1.00 20.91 ? 92   ASP A CB  1 
ATOM   694  C  CG  . ASP A 1 91  ? 8.144   4.488   -7.046  1.00 24.76 ? 92   ASP A CG  1 
ATOM   695  O  OD1 . ASP A 1 91  ? 9.122   4.835   -6.321  1.00 27.25 ? 92   ASP A OD1 1 
ATOM   696  O  OD2 . ASP A 1 91  ? 7.375   5.318   -7.569  1.00 28.22 ? 92   ASP A OD2 1 
ATOM   697  N  N   . CYS A 1 92  ? 5.400   1.667   -5.865  1.00 18.34 ? 93   CYS A N   1 
ATOM   698  C  CA  . CYS A 1 92  ? 4.036   1.797   -5.377  1.00 18.42 ? 93   CYS A CA  1 
ATOM   699  C  C   . CYS A 1 92  ? 3.985   1.582   -3.878  1.00 18.42 ? 93   CYS A C   1 
ATOM   700  O  O   . CYS A 1 92  ? 3.388   2.364   -3.127  1.00 18.16 ? 93   CYS A O   1 
ATOM   701  C  CB  . CYS A 1 92  ? 3.068   0.784   -5.999  1.00 18.38 ? 93   CYS A CB  1 
ATOM   702  S  SG  . CYS A 1 92  ? 2.842   0.730   -7.793  1.00 19.80 ? 93   CYS A SG  1 
ATOM   703  N  N   . ASP A 1 93  ? 4.666   0.548   -3.408  1.00 18.17 ? 94   ASP A N   1 
ATOM   704  C  CA  . ASP A 1 93  ? 4.664   0.178   -2.001  1.00 18.50 ? 94   ASP A CA  1 
ATOM   705  C  C   . ASP A 1 93  ? 5.395   1.215   -1.148  1.00 18.65 ? 94   ASP A C   1 
ATOM   706  O  O   . ASP A 1 93  ? 4.921   1.561   -0.054  1.00 19.41 ? 94   ASP A O   1 
ATOM   707  C  CB  . ASP A 1 93  ? 5.328   -1.184  -1.816  1.00 18.26 ? 94   ASP A CB  1 
ATOM   708  C  CG  . ASP A 1 93  ? 4.470   -2.322  -2.236  1.00 18.51 ? 94   ASP A CG  1 
ATOM   709  O  OD1 . ASP A 1 93  ? 3.321   -2.096  -2.700  1.00 19.24 ? 94   ASP A OD1 1 
ATOM   710  O  OD2 . ASP A 1 93  ? 4.890   -3.491  -2.174  1.00 17.32 ? 94   ASP A OD2 1 
ATOM   711  N  N   . ARG A 1 94  ? 6.546   1.698   -1.608  1.00 18.47 ? 95   ARG A N   1 
ATOM   712  C  CA  . ARG A 1 94  ? 7.365   2.696   -0.878  1.00 18.61 ? 95   ARG A CA  1 
ATOM   713  C  C   . ARG A 1 94  ? 6.521   3.949   -0.710  1.00 19.70 ? 95   ARG A C   1 
ATOM   714  O  O   . ARG A 1 94  ? 6.428   4.457   0.409   1.00 20.88 ? 95   ARG A O   1 
ATOM   715  C  CB  . ARG A 1 94  ? 8.691   2.977   -1.623  1.00 19.12 ? 95   ARG A CB  1 
ATOM   716  C  CG  . ARG A 1 94  ? 9.621   4.041   -1.050  1.00 20.96 ? 95   ARG A CG  1 
ATOM   717  C  CD  . ARG A 1 94  ? 10.823  4.269   -1.946  1.00 21.96 ? 95   ARG A CD  1 
ATOM   718  N  NE  . ARG A 1 94  ? 10.458  4.995   -3.153  1.00 23.22 ? 95   ARG A NE  1 
ATOM   719  C  CZ  . ARG A 1 94  ? 10.232  6.297   -3.231  1.00 26.22 ? 95   ARG A CZ  1 
ATOM   720  N  NH1 . ARG A 1 94  ? 9.866   6.821   -4.387  1.00 28.73 ? 95   ARG A NH1 1 
ATOM   721  N  NH2 . ARG A 1 94  ? 10.370  7.079   -2.171  1.00 28.01 ? 95   ARG A NH2 1 
ATOM   722  N  N   . LEU A 1 95  ? 5.940   4.456   -1.791  1.00 20.99 ? 96   LEU A N   1 
ATOM   723  C  CA  . LEU A 1 95  ? 5.122   5.661   -1.719  1.00 21.31 ? 96   LEU A CA  1 
ATOM   724  C  C   . LEU A 1 95  ? 3.956   5.467   -0.762  1.00 21.28 ? 96   LEU A C   1 
ATOM   725  O  O   . LEU A 1 95  ? 3.676   6.348   0.032   1.00 22.31 ? 96   LEU A O   1 
ATOM   726  C  CB  . LEU A 1 95  ? 4.707   6.118   -3.104  1.00 21.45 ? 96   LEU A CB  1 
ATOM   727  C  CG  . LEU A 1 95  ? 5.908   6.555   -3.957  1.00 24.33 ? 96   LEU A CG  1 
ATOM   728  C  CD1 . LEU A 1 95  ? 5.484   6.951   -5.345  1.00 25.69 ? 96   LEU A CD1 1 
ATOM   729  C  CD2 . LEU A 1 95  ? 6.652   7.743   -3.335  1.00 26.96 ? 96   LEU A CD2 1 
ATOM   730  N  N   . ALA A 1 96  ? 3.300   4.319   -0.795  1.00 21.00 ? 97   ALA A N   1 
ATOM   731  C  CA  . ALA A 1 96  ? 2.156   4.056   0.088   1.00 20.46 ? 97   ALA A CA  1 
ATOM   732  C  C   . ALA A 1 96  ? 2.600   3.997   1.556   1.00 21.34 ? 97   ALA A C   1 
ATOM   733  O  O   . ALA A 1 96  ? 1.944   4.546   2.437   1.00 22.10 ? 97   ALA A O   1 
ATOM   734  C  CB  . ALA A 1 96  ? 1.459   2.727   -0.286  1.00 19.93 ? 97   ALA A CB  1 
ATOM   735  N  N   . ALA A 1 97  ? 3.732   3.367   1.835   1.00 21.72 ? 98   ALA A N   1 
ATOM   736  C  CA  . ALA A 1 97  ? 4.185   3.240   3.223   1.00 22.78 ? 98   ALA A CA  1 
ATOM   737  C  C   . ALA A 1 97  ? 4.494   4.624   3.786   1.00 23.56 ? 98   ALA A C   1 
ATOM   738  O  O   . ALA A 1 97  ? 4.135   4.958   4.934   1.00 23.72 ? 98   ALA A O   1 
ATOM   739  C  CB  . ALA A 1 97  ? 5.387   2.332   3.321   1.00 22.94 ? 98   ALA A CB  1 
ATOM   740  N  N   . ILE A 1 98  ? 5.136   5.446   2.977   1.00 23.99 ? 99   ILE A N   1 
ATOM   741  C  CA  . ILE A 1 98  ? 5.420   6.814   3.403   1.00 24.91 ? 99   ILE A CA  1 
ATOM   742  C  C   . ILE A 1 98  ? 4.138   7.584   3.651   1.00 25.10 ? 99   ILE A C   1 
ATOM   743  O  O   . ILE A 1 98  ? 4.033   8.320   4.636   1.00 26.05 ? 99   ILE A O   1 
ATOM   744  C  CB  . ILE A 1 98  ? 6.242   7.500   2.369   1.00 25.07 ? 99   ILE A CB  1 
ATOM   745  C  CG1 . ILE A 1 98  ? 7.641   6.881   2.390   1.00 24.65 ? 99   ILE A CG1 1 
ATOM   746  C  CG2 . ILE A 1 98  ? 6.345   8.990   2.660   1.00 26.59 ? 99   ILE A CG2 1 
ATOM   747  C  CD1 . ILE A 1 98  ? 8.491   7.238   1.213   1.00 25.84 ? 99   ILE A CD1 1 
ATOM   748  N  N   . CYS A 1 99  ? 3.176   7.415   2.752   1.00 24.54 ? 100  CYS A N   1 
ATOM   749  C  CA  . CYS A 1 99  ? 1.902   8.089   2.848   1.00 24.93 ? 100  CYS A CA  1 
ATOM   750  C  C   . CYS A 1 99  ? 1.238   7.688   4.131   1.00 24.81 ? 100  CYS A C   1 
ATOM   751  O  O   . CYS A 1 99  ? 0.686   8.552   4.821   1.00 25.19 ? 100  CYS A O   1 
ATOM   752  C  CB  . CYS A 1 99  ? 1.008   7.674   1.673   1.00 24.50 ? 100  CYS A CB  1 
ATOM   753  S  SG  . CYS A 1 99  ? -0.430  8.732   1.321   1.00 26.54 ? 100  CYS A SG  1 
ATOM   754  N  N   . PHE A 1 100 ? 1.252   6.391   4.446   1.00 24.98 ? 101  PHE A N   1 
ATOM   755  C  CA  . PHE A 1 100 ? 0.568   5.871   5.634   1.00 25.02 ? 101  PHE A CA  1 
ATOM   756  C  C   . PHE A 1 100 ? 1.082   6.534   6.893   1.00 26.68 ? 101  PHE A C   1 
ATOM   757  O  O   . PHE A 1 100 ? 0.298   6.853   7.785   1.00 27.08 ? 101  PHE A O   1 
ATOM   758  C  CB  . PHE A 1 100 ? 0.717   4.340   5.789   1.00 24.83 ? 101  PHE A CB  1 
ATOM   759  C  CG  . PHE A 1 100 ? -0.055  3.504   4.797   1.00 23.37 ? 101  PHE A CG  1 
ATOM   760  C  CD1 . PHE A 1 100 ? -0.758  4.047   3.726   1.00 23.61 ? 101  PHE A CD1 1 
ATOM   761  C  CD2 . PHE A 1 100 ? -0.047  2.120   4.952   1.00 23.26 ? 101  PHE A CD2 1 
ATOM   762  C  CE1 . PHE A 1 100 ? -1.417  3.217   2.819   1.00 22.89 ? 101  PHE A CE1 1 
ATOM   763  C  CE2 . PHE A 1 100 ? -0.730  1.294   4.061   1.00 23.65 ? 101  PHE A CE2 1 
ATOM   764  C  CZ  . PHE A 1 100 ? -1.396  1.853   2.992   1.00 24.51 ? 101  PHE A CZ  1 
ATOM   765  N  N   . ALA A 1 101 ? 2.392   6.754   6.949   1.00 28.57 ? 102  ALA A N   1 
ATOM   766  C  CA  . ALA A 1 101 ? 3.015   7.380   8.122   1.00 29.86 ? 102  ALA A CA  1 
ATOM   767  C  C   . ALA A 1 101 ? 2.580   8.840   8.353   1.00 30.76 ? 102  ALA A C   1 
ATOM   768  O  O   . ALA A 1 101 ? 2.554   9.304   9.502   1.00 31.36 ? 102  ALA A O   1 
ATOM   769  C  CB  . ALA A 1 101 ? 4.502   7.263   8.035   1.00 30.22 ? 102  ALA A CB  1 
ATOM   770  N  N   . GLY A 1 102 ? 2.251   9.547   7.275   1.00 31.09 ? 103  GLY A N   1 
ATOM   771  C  CA  . GLY A 1 102 ? 1.846   10.945  7.320   1.00 31.41 ? 103  GLY A CA  1 
ATOM   772  C  C   . GLY A 1 102 ? 0.343   11.135  7.487   1.00 31.13 ? 103  GLY A C   1 
ATOM   773  O  O   . GLY A 1 102 ? -0.119  12.247  7.729   1.00 32.39 ? 103  GLY A O   1 
ATOM   774  N  N   . ALA A 1 103 ? -0.419  10.043  7.432   1.00 30.74 ? 104  ALA A N   1 
ATOM   775  C  CA  . ALA A 1 103 ? -1.876  10.128  7.458   1.00 31.06 ? 104  ALA A CA  1 
ATOM   776  C  C   . ALA A 1 103 ? -2.471  9.754   8.825   1.00 30.90 ? 104  ALA A C   1 
ATOM   777  O  O   . ALA A 1 103 ? -2.023  8.820   9.478   1.00 31.22 ? 104  ALA A O   1 
ATOM   778  C  CB  . ALA A 1 103 ? -2.479  9.268   6.322   1.00 30.94 ? 104  ALA A CB  1 
ATOM   779  N  N   . PRO A 1 104 ? -3.422  10.540  9.306   1.00 31.45 ? 105  PRO A N   1 
ATOM   780  C  CA  . PRO A 1 104 ? -4.118  10.232  10.548  1.00 31.71 ? 105  PRO A CA  1 
ATOM   781  C  C   . PRO A 1 104 ? -4.927  8.977   10.420  1.00 31.80 ? 105  PRO A C   1 
ATOM   782  O  O   . PRO A 1 104 ? -5.533  8.738   9.374   1.00 32.54 ? 105  PRO A O   1 
ATOM   783  C  CB  . PRO A 1 104 ? -5.057  11.442  10.772  1.00 32.01 ? 105  PRO A CB  1 
ATOM   784  C  CG  . PRO A 1 104 ? -4.795  12.391  9.746   1.00 32.25 ? 105  PRO A CG  1 
ATOM   785  C  CD  . PRO A 1 104 ? -3.795  11.839  8.761   1.00 31.08 ? 105  PRO A CD  1 
ATOM   786  N  N   . TYR A 1 105 ? -4.890  8.153   11.454  1.00 31.60 ? 106  TYR A N   1 
ATOM   787  C  CA  . TYR A 1 105 ? -5.669  6.931   11.467  1.00 31.48 ? 106  TYR A CA  1 
ATOM   788  C  C   . TYR A 1 105 ? -6.977  7.188   12.236  1.00 31.83 ? 106  TYR A C   1 
ATOM   789  O  O   . TYR A 1 105 ? -6.939  7.768   13.322  1.00 32.69 ? 106  TYR A O   1 
ATOM   790  C  CB  . TYR A 1 105 ? -4.853  5.815   12.071  1.00 31.09 ? 106  TYR A CB  1 
ATOM   791  C  CG  . TYR A 1 105 ? -5.439  4.447   11.879  1.00 29.56 ? 106  TYR A CG  1 
ATOM   792  C  CD1 . TYR A 1 105 ? -6.437  3.990   12.710  1.00 26.34 ? 106  TYR A CD1 1 
ATOM   793  C  CD2 . TYR A 1 105 ? -4.992  3.603   10.866  1.00 27.71 ? 106  TYR A CD2 1 
ATOM   794  C  CE1 . TYR A 1 105 ? -6.966  2.768   12.576  1.00 25.94 ? 106  TYR A CE1 1 
ATOM   795  C  CE2 . TYR A 1 105 ? -5.524  2.328   10.718  1.00 27.58 ? 106  TYR A CE2 1 
ATOM   796  C  CZ  . TYR A 1 105 ? -6.538  1.920   11.570  1.00 26.96 ? 106  TYR A CZ  1 
ATOM   797  O  OH  . TYR A 1 105 ? -7.088  0.661   11.455  1.00 27.56 ? 106  TYR A OH  1 
ATOM   798  N  N   . ASN A 1 106 ? -8.120  6.784   11.678  1.00 31.29 ? 107  ASN A N   1 
ATOM   799  C  CA  . ASN A 1 106 ? -9.441  7.029   12.301  1.00 31.19 ? 107  ASN A CA  1 
ATOM   800  C  C   . ASN A 1 106 ? -10.075 5.674   12.567  1.00 31.15 ? 107  ASN A C   1 
ATOM   801  O  O   . ASN A 1 106 ? -10.510 5.019   11.631  1.00 30.04 ? 107  ASN A O   1 
ATOM   802  C  CB  . ASN A 1 106 ? -10.342 7.889   11.396  1.00 31.44 ? 107  ASN A CB  1 
ATOM   803  C  CG  . ASN A 1 106 ? -11.765 8.120   11.977  1.00 33.34 ? 107  ASN A CG  1 
ATOM   804  O  OD1 . ASN A 1 106 ? -12.179 7.463   12.932  1.00 36.74 ? 107  ASN A OD1 1 
ATOM   805  N  ND2 . ASN A 1 106 ? -12.514 9.056   11.371  1.00 36.30 ? 107  ASN A ND2 1 
ATOM   806  N  N   . ASP A 1 107 ? -10.109 5.244   13.834  1.00 31.02 ? 108  ASP A N   1 
ATOM   807  C  CA  . ASP A 1 107 ? -10.635 3.934   14.215  1.00 31.58 ? 108  ASP A CA  1 
ATOM   808  C  C   . ASP A 1 107 ? -12.008 3.713   13.587  1.00 30.43 ? 108  ASP A C   1 
ATOM   809  O  O   . ASP A 1 107 ? -12.402 2.571   13.345  1.00 30.61 ? 108  ASP A O   1 
ATOM   810  C  CB  . ASP A 1 107 ? -10.765 3.791   15.756  1.00 32.10 ? 108  ASP A CB  1 
ATOM   811  C  CG  . ASP A 1 107 ? -9.422  3.638   16.470  1.00 35.10 ? 108  ASP A CG  1 
ATOM   812  O  OD1 . ASP A 1 107 ? -8.365  3.644   15.811  1.00 39.08 ? 108  ASP A OD1 1 
ATOM   813  O  OD2 . ASP A 1 107 ? -9.328  3.520   17.714  1.00 38.59 ? 108  ASP A OD2 1 
ATOM   814  N  N   . ALA A 1 108 ? -12.748 4.795   13.353  1.00 30.26 ? 109  ALA A N   1 
ATOM   815  C  CA  . ALA A 1 108 ? -14.104 4.691   12.835  1.00 29.73 ? 109  ALA A CA  1 
ATOM   816  C  C   . ALA A 1 108 ? -14.091 4.173   11.420  1.00 29.04 ? 109  ALA A C   1 
ATOM   817  O  O   . ALA A 1 108 ? -15.058 3.588   10.960  1.00 28.65 ? 109  ALA A O   1 
ATOM   818  C  CB  . ALA A 1 108 ? -14.830 6.047   12.857  1.00 29.63 ? 109  ALA A CB  1 
ATOM   819  N  N   . ASN A 1 109 ? -12.973 4.371   10.738  1.00 28.02 ? 110  ASN A N   1 
ATOM   820  C  CA  . ASN A 1 109 ? -12.887 4.004   9.334   1.00 27.34 ? 110  ASN A CA  1 
ATOM   821  C  C   . ASN A 1 109 ? -12.313 2.595   9.119   1.00 26.62 ? 110  ASN A C   1 
ATOM   822  O  O   . ASN A 1 109 ? -12.179 2.108   7.989   1.00 25.97 ? 110  ASN A O   1 
ATOM   823  C  CB  . ASN A 1 109 ? -12.081 5.058   8.594   1.00 27.21 ? 110  ASN A CB  1 
ATOM   824  C  CG  . ASN A 1 109 ? -12.826 6.361   8.415   1.00 27.98 ? 110  ASN A CG  1 
ATOM   825  O  OD1 . ASN A 1 109 ? -12.218 7.408   8.276   1.00 30.34 ? 110  ASN A OD1 1 
ATOM   826  N  ND2 . ASN A 1 109 ? -14.132 6.300   8.398   1.00 28.01 ? 110  ASN A ND2 1 
ATOM   827  N  N   . TYR A 1 110 ? -11.969 1.924   10.204  1.00 25.46 ? 111  TYR A N   1 
ATOM   828  C  CA  . TYR A 1 110 ? -11.525 0.539   10.109  1.00 25.38 ? 111  TYR A CA  1 
ATOM   829  C  C   . TYR A 1 110 ? -12.708 -0.436  9.847   1.00 25.49 ? 111  TYR A C   1 
ATOM   830  O  O   . TYR A 1 110 ? -13.769 -0.356  10.492  1.00 25.36 ? 111  TYR A O   1 
ATOM   831  C  CB  . TYR A 1 110 ? -10.774 0.094   11.389  1.00 25.69 ? 111  TYR A CB  1 
ATOM   832  C  CG  . TYR A 1 110 ? -10.327 -1.356  11.365  1.00 27.29 ? 111  TYR A CG  1 
ATOM   833  C  CD1 . TYR A 1 110 ? -9.193  -1.754  10.653  1.00 28.90 ? 111  TYR A CD1 1 
ATOM   834  C  CD2 . TYR A 1 110 ? -11.039 -2.336  12.037  1.00 29.06 ? 111  TYR A CD2 1 
ATOM   835  C  CE1 . TYR A 1 110 ? -8.795  -3.086  10.628  1.00 30.45 ? 111  TYR A CE1 1 
ATOM   836  C  CE2 . TYR A 1 110 ? -10.654 -3.671  12.007  1.00 30.12 ? 111  TYR A CE2 1 
ATOM   837  C  CZ  . TYR A 1 110 ? -9.529  -4.045  11.301  1.00 32.30 ? 111  TYR A CZ  1 
ATOM   838  O  OH  . TYR A 1 110 ? -9.159  -5.382  11.284  1.00 36.15 ? 111  TYR A OH  1 
ATOM   839  N  N   . ASN A 1 111 ? -12.557 -1.329  8.877   1.00 25.29 ? 112  ASN A N   1 
ATOM   840  C  CA  . ASN A 1 111 ? -13.533 -2.386  8.650   1.00 26.09 ? 112  ASN A CA  1 
ATOM   841  C  C   . ASN A 1 111 ? -14.943 -1.850  8.357   1.00 25.37 ? 112  ASN A C   1 
ATOM   842  O  O   . ASN A 1 111 ? -15.950 -2.335  8.907   1.00 25.58 ? 112  ASN A O   1 
ATOM   843  C  CB  . ASN A 1 111 ? -13.534 -3.313  9.865   1.00 26.60 ? 112  ASN A CB  1 
ATOM   844  C  CG  . ASN A 1 111 ? -14.513 -4.467  9.738   1.00 28.41 ? 112  ASN A CG  1 
ATOM   845  O  OD1 . ASN A 1 111 ? -15.161 -4.835  10.720  1.00 31.99 ? 112  ASN A OD1 1 
ATOM   846  N  ND2 . ASN A 1 111 ? -14.599 -5.073  8.545   1.00 29.90 ? 112  ASN A ND2 1 
ATOM   847  N  N   . ILE A 1 112 ? -15.020 -0.843  7.490   1.00 24.42 ? 113  ILE A N   1 
ATOM   848  C  CA  . ILE A 1 112 ? -16.314 -0.299  7.074   1.00 24.25 ? 113  ILE A CA  1 
ATOM   849  C  C   . ILE A 1 112 ? -17.027 -1.210  6.082   1.00 24.24 ? 113  ILE A C   1 
ATOM   850  O  O   . ILE A 1 112 ? -16.405 -2.044  5.437   1.00 24.95 ? 113  ILE A O   1 
ATOM   851  C  CB  . ILE A 1 112 ? -16.225 1.173   6.567   1.00 23.76 ? 113  ILE A CB  1 
ATOM   852  C  CG1 . ILE A 1 112 ? -15.522 1.315   5.212   1.00 24.47 ? 113  ILE A CG1 1 
ATOM   853  C  CG2 . ILE A 1 112 ? -15.589 2.044   7.613   1.00 23.38 ? 113  ILE A CG2 1 
ATOM   854  C  CD1 . ILE A 1 112 ? -15.780 2.670   4.546   1.00 24.47 ? 113  ILE A CD1 1 
ATOM   855  N  N   . ASP A 1 113 ? -18.338 -1.025  5.955   1.00 24.32 ? 114  ASP A N   1 
ATOM   856  C  CA  . ASP A 1 113 ? -19.174 -1.880  5.137   1.00 25.11 ? 114  ASP A CA  1 
ATOM   857  C  C   . ASP A 1 113 ? -19.057 -1.446  3.701   1.00 25.18 ? 114  ASP A C   1 
ATOM   858  O  O   . ASP A 1 113 ? -19.660 -0.464  3.277   1.00 25.79 ? 114  ASP A O   1 
ATOM   859  C  CB  . ASP A 1 113 ? -20.607 -1.708  5.632   1.00 24.90 ? 114  ASP A CB  1 
ATOM   860  C  CG  . ASP A 1 113 ? -21.601 -2.589  4.934   1.00 26.72 ? 114  ASP A CG  1 
ATOM   861  O  OD1 . ASP A 1 113 ? -21.380 -2.983  3.768   1.00 30.92 ? 114  ASP A OD1 1 
ATOM   862  O  OD2 . ASP A 1 113 ? -22.691 -2.865  5.483   1.00 27.79 ? 114  ASP A OD2 1 
ATOM   863  N  N   . LEU A 1 114 ? -18.198 -2.141  2.984   1.00 25.49 ? 115  LEU A N   1 
ATOM   864  C  CA  . LEU A 1 114 ? -17.885 -1.777  1.622   1.00 25.35 ? 115  LEU A CA  1 
ATOM   865  C  C   . LEU A 1 114 ? -19.095 -1.773  0.709   1.00 25.42 ? 115  LEU A C   1 
ATOM   866  O  O   . LEU A 1 114 ? -19.236 -0.913  -0.158  1.00 25.40 ? 115  LEU A O   1 
ATOM   867  C  CB  . LEU A 1 114 ? -16.844 -2.770  1.051   1.00 25.81 ? 115  LEU A CB  1 
ATOM   868  C  CG  . LEU A 1 114 ? -15.569 -2.988  1.868   1.00 29.04 ? 115  LEU A CG  1 
ATOM   869  C  CD1 . LEU A 1 114 ? -14.604 -4.021  1.222   1.00 31.17 ? 115  LEU A CD1 1 
ATOM   870  C  CD2 . LEU A 1 114 ? -14.860 -1.671  2.089   1.00 29.79 ? 115  LEU A CD2 1 
ATOM   871  N  N   . LYS A 1 115 ? -19.916 -2.804  0.836   1.00 25.30 ? 116  LYS A N   1 
ATOM   872  C  CA  . LYS A 1 115 ? -21.081 -2.955  -0.011  1.00 25.56 ? 116  LYS A CA  1 
ATOM   873  C  C   . LYS A 1 115 ? -22.007 -1.754  0.100   1.00 24.40 ? 116  LYS A C   1 
ATOM   874  O  O   . LYS A 1 115 ? -22.565 -1.284  -0.897  1.00 25.13 ? 116  LYS A O   1 
ATOM   875  C  CB  . LYS A 1 115 ? -21.825 -4.241  0.340   1.00 26.33 ? 116  LYS A CB  1 
ATOM   876  C  CG  . LYS A 1 115 ? -22.942 -4.573  -0.651  1.00 28.94 ? 116  LYS A CG  1 
ATOM   877  C  CD  . LYS A 1 115 ? -23.751 -5.818  -0.247  1.00 32.88 ? 116  LYS A CD  1 
ATOM   878  C  CE  . LYS A 1 115 ? -25.107 -5.964  -0.989  1.00 35.12 ? 116  LYS A CE  1 
ATOM   879  N  NZ  . LYS A 1 115 ? -26.047 -4.788  -0.939  1.00 34.92 ? 116  LYS A NZ  1 
ATOM   880  N  N   . ALA A 1 116 ? -22.193 -1.241  1.308   1.00 23.35 ? 117  ALA A N   1 
ATOM   881  C  CA  . ALA A 1 116 ? -23.087 -0.095  1.451   1.00 22.89 ? 117  ALA A CA  1 
ATOM   882  C  C   . ALA A 1 116 ? -22.416 1.256   1.274   1.00 22.64 ? 117  ALA A C   1 
ATOM   883  O  O   . ALA A 1 116 ? -23.076 2.183   0.838   1.00 22.71 ? 117  ALA A O   1 
ATOM   884  C  CB  . ALA A 1 116 ? -23.755 -0.103  2.824   1.00 23.27 ? 117  ALA A CB  1 
ATOM   885  N  N   . ARG A 1 117 ? -21.120 1.373   1.568   1.00 23.36 ? 118  ARG A N   1 
ATOM   886  C  CA  . ARG A 1 117 ? -20.487 2.699   1.718   1.00 23.59 ? 118  ARG A CA  1 
ATOM   887  C  C   . ARG A 1 117 ? -19.472 3.054   0.616   1.00 23.51 ? 118  ARG A C   1 
ATOM   888  O  O   . ARG A 1 117 ? -19.029 4.195   0.499   1.00 23.16 ? 118  ARG A O   1 
ATOM   889  C  CB  . ARG A 1 117 ? -19.837 2.827   3.082   1.00 24.44 ? 118  ARG A CB  1 
ATOM   890  C  CG  . ARG A 1 117 ? -20.882 2.955   4.149   1.00 24.03 ? 118  ARG A CG  1 
ATOM   891  C  CD  . ARG A 1 117 ? -20.351 2.894   5.527   1.00 26.14 ? 118  ARG A CD  1 
ATOM   892  N  NE  . ARG A 1 117 ? -19.578 4.087   5.796   1.00 28.04 ? 118  ARG A NE  1 
ATOM   893  C  CZ  . ARG A 1 117 ? -18.904 4.285   6.909   1.00 29.68 ? 118  ARG A CZ  1 
ATOM   894  N  NH1 . ARG A 1 117 ? -18.883 3.349   7.854   1.00 29.12 ? 118  ARG A NH1 1 
ATOM   895  N  NH2 . ARG A 1 117 ? -18.244 5.415   7.079   1.00 31.35 ? 118  ARG A NH2 1 
ATOM   896  N  N   . CYS A 1 118 ? -19.177 2.094   -0.243  1.00 23.74 ? 119  CYS A N   1 
ATOM   897  C  CA  . CYS A 1 118 ? -18.135 2.279   -1.229  1.00 24.85 ? 119  CYS A CA  1 
ATOM   898  C  C   . CYS A 1 118 ? -18.632 2.103   -2.652  1.00 26.44 ? 119  CYS A C   1 
ATOM   899  O  O   . CYS A 1 118 ? -17.850 1.754   -3.541  1.00 26.73 ? 119  CYS A O   1 
ATOM   900  C  CB  . CYS A 1 118 ? -17.021 1.301   -0.922  1.00 23.86 ? 119  CYS A CB  1 
ATOM   901  S  SG  . CYS A 1 118 ? -16.282 1.646   0.702   1.00 24.80 ? 119  CYS A SG  1 
ATOM   902  N  N   . ASN A 1 119 ? -19.928 2.297   -2.879  1.00 28.52 ? 120  ASN A N   1 
ATOM   903  C  CA  . ASN A 1 119 ? -20.413 2.241   -4.257  1.00 30.82 ? 120  ASN A CA  1 
ATOM   904  C  C   . ASN A 1 119 ? -19.947 3.484   -5.009  1.00 31.44 ? 120  ASN A C   1 
ATOM   905  O  O   . ASN A 1 119 ? -19.702 3.390   -6.216  1.00 33.19 ? 120  ASN A O   1 
ATOM   906  C  CB  . ASN A 1 119 ? -21.921 2.077   -4.333  1.00 31.62 ? 120  ASN A CB  1 
ATOM   907  C  CG  . ASN A 1 119 ? -22.334 0.620   -4.324  1.00 34.73 ? 120  ASN A CG  1 
ATOM   908  O  OD1 . ASN A 1 119 ? -22.570 0.002   -5.384  1.00 39.93 ? 120  ASN A OD1 1 
ATOM   909  N  ND2 . ASN A 1 119 ? -22.416 0.051   -3.135  1.00 40.39 ? 120  ASN A ND2 1 
ATOM   910  O  OXT . ASN A 1 119 ? -19.778 4.574   -4.423  1.00 31.73 ? 120  ASN A OXT 1 
HETATM 911  CA CA  . CA  B 2 .   ? -7.365  -2.390  -2.293  1.00 37.60 ? 121  CA  A CA  1 
HETATM 912  C  C10 . OIN C 3 .   ? -4.053  -10.442 0.005   0.30 23.59 ? 5811 OIN A C10 1 
HETATM 913  N  N   . OIN C 3 .   ? -3.996  -9.074  0.533   0.30 23.75 ? 5811 OIN A N   1 
HETATM 914  C  C11 . OIN C 3 .   ? -4.345  -8.025  -0.378  0.30 23.79 ? 5811 OIN A C11 1 
HETATM 915  C  C17 . OIN C 3 .   ? -5.776  -8.166  -0.836  0.30 23.21 ? 5811 OIN A C17 1 
HETATM 916  C  C16 . OIN C 3 .   ? -6.356  -8.771  0.438   0.30 23.19 ? 5811 OIN A C16 1 
HETATM 917  C  C15 . OIN C 3 .   ? -5.192  -8.910  1.338   0.30 23.53 ? 5811 OIN A C15 1 
HETATM 918  C  C14 . OIN C 3 .   ? -4.874  -7.772  2.297   0.30 23.64 ? 5811 OIN A C14 1 
HETATM 919  C  C13 . OIN C 3 .   ? -4.611  -6.515  1.454   0.30 24.34 ? 5811 OIN A C13 1 
HETATM 920  C  C12 . OIN C 3 .   ? -3.879  -6.715  0.132   0.30 25.31 ? 5811 OIN A C12 1 
HETATM 921  O  O2  . OIN C 3 .   ? -4.150  -5.474  2.308   0.30 25.36 ? 5811 OIN A O2  1 
HETATM 922  C  C7  . OIN C 3 .   ? -3.913  -4.176  1.704   0.30 25.49 ? 5811 OIN A C7  1 
HETATM 923  O  O3  . OIN C 3 .   ? -4.234  -3.921  0.551   0.30 26.72 ? 5811 OIN A O3  1 
HETATM 924  C  C9  . OIN C 3 .   ? -3.238  -3.173  2.611   0.30 25.31 ? 5811 OIN A C9  1 
HETATM 925  C  C8  . OIN C 3 .   ? -3.099  -1.853  1.929   0.30 24.62 ? 5811 OIN A C8  1 
HETATM 926  O  OH  . OIN C 3 .   ? -2.243  -1.988  0.812   0.30 25.91 ? 5811 OIN A OH  1 
HETATM 927  C  C6  . OIN C 3 .   ? -2.103  -3.901  3.212   0.30 27.43 ? 5811 OIN A C6  1 
HETATM 928  C  C5  . OIN C 3 .   ? -1.856  -3.621  4.571   0.30 28.19 ? 5811 OIN A C5  1 
HETATM 929  C  C4  . OIN C 3 .   ? -0.952  -4.418  5.306   0.30 28.71 ? 5811 OIN A C4  1 
HETATM 930  C  C3  . OIN C 3 .   ? -0.302  -5.516  4.678   0.30 28.51 ? 5811 OIN A C3  1 
HETATM 931  C  C2  . OIN C 3 .   ? -0.564  -5.808  3.308   0.30 28.52 ? 5811 OIN A C2  1 
HETATM 932  C  C1  . OIN C 3 .   ? -1.479  -5.005  2.571   0.30 28.36 ? 5811 OIN A C1  1 
HETATM 933  O  O   . HOH D 4 .   ? 4.328   -5.937  -3.427  1.00 19.40 ? 3002 HOH A O   1 
HETATM 934  O  O   . HOH D 4 .   ? -12.709 -0.877  5.606   1.00 22.04 ? 3003 HOH A O   1 
HETATM 935  O  O   . HOH D 4 .   ? -24.194 -4.365  3.682   1.00 23.36 ? 3004 HOH A O   1 
HETATM 936  O  O   . HOH D 4 .   ? 1.358   4.097   -4.074  1.00 20.99 ? 3005 HOH A O   1 
HETATM 937  O  O   . HOH D 4 .   ? 11.955  6.858   3.192   1.00 29.11 ? 3006 HOH A O   1 
HETATM 938  O  O   . HOH D 4 .   ? 5.381   -10.608 -11.206 1.00 19.16 ? 3007 HOH A O   1 
HETATM 939  O  O   . HOH D 4 .   ? 0.162   5.646   -2.049  1.00 24.40 ? 3008 HOH A O   1 
HETATM 940  O  O   . HOH D 4 .   ? 11.557  1.728   -7.778  1.00 25.61 ? 3009 HOH A O   1 
HETATM 941  O  O   . HOH D 4 .   ? -1.122  -9.284  -7.903  1.00 26.44 ? 3010 HOH A O   1 
HETATM 942  O  O   . HOH D 4 .   ? -14.461 -3.988  5.540   1.00 27.59 ? 3011 HOH A O   1 
HETATM 943  O  O   . HOH D 4 .   ? -17.566 -0.793  10.644  1.00 29.92 ? 3014 HOH A O   1 
HETATM 944  O  O   . HOH D 4 .   ? 5.030   2.480   -9.787  1.00 22.99 ? 3015 HOH A O   1 
HETATM 945  O  O   . HOH D 4 .   ? -11.044 -1.556  2.322   1.00 26.25 ? 3017 HOH A O   1 
HETATM 946  O  O   . HOH D 4 .   ? 17.261  2.483   2.792   1.00 31.33 ? 3020 HOH A O   1 
HETATM 947  O  O   . HOH D 4 .   ? 13.372  -10.292 -11.038 1.00 37.79 ? 3022 HOH A O   1 
HETATM 948  O  O   . HOH D 4 .   ? 13.886  0.100   -8.188  1.00 28.12 ? 3023 HOH A O   1 
HETATM 949  O  O   . HOH D 4 .   ? -17.162 6.341   1.039   1.00 30.14 ? 3024 HOH A O   1 
HETATM 950  O  O   . HOH D 4 .   ? -16.854 5.270   9.350   1.00 30.83 ? 3025 HOH A O   1 
HETATM 951  O  O   . HOH D 4 .   ? 14.805  -9.388  -2.711  1.00 32.63 ? 3026 HOH A O   1 
HETATM 952  O  O   . HOH D 4 .   ? 6.356   -12.645 -9.604  1.00 22.77 ? 3027 HOH A O   1 
HETATM 953  O  O   . HOH D 4 .   ? 16.533  -8.083  -11.875 1.00 43.71 ? 3028 HOH A O   1 
HETATM 954  O  O   . HOH D 4 .   ? 13.755  6.671   -2.420  1.00 39.42 ? 3029 HOH A O   1 
HETATM 955  O  O   . HOH D 4 .   ? -20.659 6.393   1.611   1.00 31.40 ? 3030 HOH A O   1 
HETATM 956  O  O   . HOH D 4 .   ? -14.254 -0.676  -2.160  1.00 28.16 ? 3032 HOH A O   1 
HETATM 957  O  O   . HOH D 4 .   ? -2.144  -0.875  16.642  1.00 45.07 ? 3033 HOH A O   1 
HETATM 958  O  O   . HOH D 4 .   ? 1.229   8.161   -2.327  1.00 34.81 ? 3034 HOH A O   1 
HETATM 959  O  O   . HOH D 4 .   ? 2.048   5.519   -6.400  1.00 25.59 ? 3035 HOH A O   1 
HETATM 960  O  O   . HOH D 4 .   ? 5.270   -5.398  -20.701 1.00 33.36 ? 3036 HOH A O   1 
HETATM 961  O  O   . HOH D 4 .   ? 0.923   -12.668 -14.873 1.00 37.98 ? 3037 HOH A O   1 
HETATM 962  O  O   . HOH D 4 .   ? 15.110  -6.616  -0.341  1.00 23.86 ? 3038 HOH A O   1 
HETATM 963  O  O   . HOH D 4 .   ? 17.189  0.520   11.127  1.00 30.91 ? 3039 HOH A O   1 
HETATM 964  O  O   . HOH D 4 .   ? -1.677  6.085   9.592   1.00 29.46 ? 3040 HOH A O   1 
HETATM 965  O  O   . HOH D 4 .   ? 9.546   -12.364 0.178   1.00 28.80 ? 3042 HOH A O   1 
HETATM 966  O  O   . HOH D 4 .   ? -0.414  5.983   11.949  1.00 35.90 ? 3043 HOH A O   1 
HETATM 967  O  O   . HOH D 4 .   ? 4.802   6.095   12.062  1.00 39.92 ? 3044 HOH A O   1 
HETATM 968  O  O   . HOH D 4 .   ? -3.505  10.949  1.081   1.00 27.85 ? 3045 HOH A O   1 
HETATM 969  O  O   . HOH D 4 .   ? -4.036  8.225   16.675  1.00 61.35 ? 3046 HOH A O   1 
HETATM 970  O  O   . HOH D 4 .   ? 12.056  6.982   0.111   1.00 30.95 ? 3048 HOH A O   1 
HETATM 971  O  O   . HOH D 4 .   ? 14.294  -7.525  -7.935  1.00 32.82 ? 3051 HOH A O   1 
HETATM 972  O  O   . HOH D 4 .   ? 0.301   -7.851  -18.541 1.00 39.97 ? 3053 HOH A O   1 
HETATM 973  O  O   . HOH D 4 .   ? -0.768  -4.611  -20.991 1.00 38.95 ? 3054 HOH A O   1 
HETATM 974  O  O   . HOH D 4 .   ? 2.523   -10.691 -21.539 1.00 41.73 ? 3055 HOH A O   1 
HETATM 975  O  O   . HOH D 4 .   ? -16.090 7.978   7.191   1.00 37.01 ? 3058 HOH A O   1 
HETATM 976  O  O   . HOH D 4 .   ? -6.759  10.055  7.216   1.00 31.18 ? 3059 HOH A O   1 
HETATM 977  O  O   . HOH D 4 .   ? 6.306   -6.928  -23.035 1.00 47.68 ? 3060 HOH A O   1 
HETATM 978  O  O   . HOH D 4 .   ? -17.214 -4.855  3.799   1.00 40.18 ? 3061 HOH A O   1 
HETATM 979  O  O   . HOH D 4 .   ? 1.141   -10.625 -18.287 1.00 34.06 ? 3062 HOH A O   1 
HETATM 980  O  O   . HOH D 4 .   ? -8.245  -3.065  14.838  1.00 56.36 ? 3063 HOH A O   1 
HETATM 981  O  O   . HOH D 4 .   ? 4.312   -3.306  13.811  1.00 42.89 ? 3064 HOH A O   1 
HETATM 982  O  O   . HOH D 4 .   ? 15.332  6.579   -0.534  1.00 46.93 ? 3065 HOH A O   1 
HETATM 983  O  O   . HOH D 4 .   ? 3.095   -13.030 -2.164  1.00 34.93 ? 3066 HOH A O   1 
HETATM 984  O  O   . HOH D 4 .   ? 18.370  -3.849  -12.564 1.00 54.73 ? 3067 HOH A O   1 
HETATM 985  O  O   . HOH D 4 .   ? 8.639   -13.050 -11.235 1.00 39.15 ? 3069 HOH A O   1 
HETATM 986  O  O   . HOH D 4 .   ? 2.887   1.548   -11.418 1.00 24.34 ? 3073 HOH A O   1 
HETATM 987  O  O   . HOH D 4 .   ? 4.590   4.747   -8.138  1.00 27.29 ? 3074 HOH A O   1 
HETATM 988  O  O   . HOH D 4 .   ? -18.702 5.472   -2.137  1.00 35.31 ? 3075 HOH A O   1 
HETATM 989  O  O   . HOH D 4 .   ? -19.798 -5.044  3.002   1.00 31.10 ? 3076 HOH A O   1 
HETATM 990  O  O   . HOH D 4 .   ? 10.382  -12.689 -9.411  1.00 49.57 ? 3078 HOH A O   1 
HETATM 991  O  O   . HOH D 4 .   ? -9.114  -6.155  3.258   1.00 39.99 ? 3081 HOH A O   1 
HETATM 992  O  O   . HOH D 4 .   ? -11.545 -4.177  2.713   1.00 30.33 ? 3086 HOH A O   1 
HETATM 993  O  O   . HOH D 4 .   ? 22.585  -3.013  0.561   1.00 83.87 ? 3088 HOH A O   1 
HETATM 994  O  O   . HOH D 4 .   ? 4.237   -12.504 0.272   1.00 32.11 ? 3089 HOH A O   1 
HETATM 995  O  O   . HOH D 4 .   ? 9.397   9.893   -1.922  1.00 39.15 ? 3090 HOH A O   1 
HETATM 996  O  O   . HOH D 4 .   ? -8.104  12.680  6.746   1.00 38.61 ? 3095 HOH A O   1 
HETATM 997  O  O   . HOH D 4 .   ? -14.005 9.917   7.299   1.00 49.05 ? 3097 HOH A O   1 
HETATM 998  O  O   . HOH D 4 .   ? -13.812 -10.489 -0.382  1.00 36.88 ? 3100 HOH A O   1 
HETATM 999  O  O   . HOH D 4 .   ? 5.628   -13.948 -3.697  1.00 30.84 ? 3102 HOH A O   1 
HETATM 1000 O  O   . HOH D 4 .   ? 1.777   -15.551 -1.745  1.00 36.79 ? 3105 HOH A O   1 
HETATM 1001 O  O   . HOH D 4 .   ? 13.923  2.482   9.699   1.00 35.34 ? 3108 HOH A O   1 
HETATM 1002 O  O   . HOH D 4 .   ? 19.608  4.054   4.831   1.00 41.56 ? 3109 HOH A O   1 
HETATM 1003 O  O   . HOH D 4 .   ? -6.593  10.033  -4.087  1.00 41.52 ? 3111 HOH A O   1 
HETATM 1004 O  O   . HOH D 4 .   ? 8.411   7.320   8.850   1.00 38.37 ? 3113 HOH A O   1 
HETATM 1005 O  O   . HOH D 4 .   ? 8.097   1.302   -15.936 1.00 43.97 ? 3115 HOH A O   1 
HETATM 1006 O  O   . HOH D 4 .   ? -0.958  13.891  10.308  1.00 53.24 ? 3116 HOH A O   1 
HETATM 1007 O  O   . HOH D 4 .   ? 11.414  8.635   8.576   1.00 38.63 ? 3117 HOH A O   1 
HETATM 1008 O  O   . HOH D 4 .   ? -7.254  -5.915  9.542   1.00 42.22 ? 3118 HOH A O   1 
HETATM 1009 O  O   . HOH D 4 .   ? -10.185 10.202  9.165   1.00 44.51 ? 3119 HOH A O   1 
HETATM 1010 O  O   . HOH D 4 .   ? 4.027   8.987   -0.451  1.00 35.03 ? 3120 HOH A O   1 
HETATM 1011 O  O   . HOH D 4 .   ? 9.544   0.378   -13.814 1.00 29.35 ? 3121 HOH A O   1 
HETATM 1012 O  O   . HOH D 4 .   ? 8.483   7.677   -7.546  1.00 48.50 ? 3122 HOH A O   1 
HETATM 1013 O  O   . HOH D 4 .   ? 2.209   -0.075  -16.880 1.00 35.81 ? 3123 HOH A O   1 
HETATM 1014 O  O   . HOH D 4 .   ? 13.976  -7.716  -10.702 1.00 32.09 ? 3124 HOH A O   1 
HETATM 1015 O  O   . HOH D 4 .   ? 1.779   4.308   -15.122 1.00 37.01 ? 3125 HOH A O   1 
HETATM 1016 O  O   . HOH D 4 .   ? 11.507  -13.620 6.385   1.00 55.59 ? 3126 HOH A O   1 
HETATM 1017 O  O   . HOH D 4 .   ? -3.571  -5.622  -16.601 1.00 49.87 ? 3128 HOH A O   1 
HETATM 1018 O  O   . HOH D 4 .   ? -0.443  4.179   17.155  1.00 52.03 ? 3129 HOH A O   1 
HETATM 1019 O  O   . HOH D 4 .   ? 7.418   9.436   9.963   1.00 45.86 ? 3130 HOH A O   1 
HETATM 1020 O  O   . HOH D 4 .   ? 14.310  -1.159  -13.874 1.00 30.72 ? 3131 HOH A O   1 
HETATM 1021 O  O   . HOH D 4 .   ? -22.404 -6.465  5.830   1.00 48.16 ? 3132 HOH A O   1 
HETATM 1022 O  O   . HOH D 4 .   ? 1.752   -8.254  13.362  1.00 48.23 ? 3133 HOH A O   1 
HETATM 1023 O  O   . HOH D 4 .   ? -10.715 0.178   15.041  1.00 50.50 ? 3134 HOH A O   1 
HETATM 1024 O  O   . HOH D 4 .   ? 12.235  0.752   -14.308 1.00 33.60 ? 3135 HOH A O   1 
HETATM 1025 O  O   . HOH D 4 .   ? 1.063   -8.149  -21.148 1.00 66.69 ? 3136 HOH A O   1 
HETATM 1026 O  O   . HOH D 4 .   ? -7.024  7.390   15.711  1.00 54.76 ? 3137 HOH A O   1 
HETATM 1027 O  O   . HOH D 4 .   ? -4.934  15.039  7.403   1.00 45.16 ? 3138 HOH A O   1 
HETATM 1028 O  O   . HOH D 4 .   ? 10.747  6.263   5.525   1.00 36.72 ? 3139 HOH A O   1 
HETATM 1029 O  O   . HOH D 4 .   ? -11.410 -7.048  8.956   1.00 38.19 ? 3140 HOH A O   1 
HETATM 1030 O  O   . HOH D 4 .   ? -14.396 8.558   15.341  1.00 69.17 ? 3141 HOH A O   1 
HETATM 1031 O  O   . HOH D 4 .   ? 9.343   11.389  8.225   1.00 45.08 ? 3142 HOH A O   1 
HETATM 1032 O  O   . HOH D 4 .   ? 8.282   10.288  5.032   1.00 58.18 ? 3143 HOH A O   1 
HETATM 1033 O  O   . HOH D 4 .   ? 6.869   3.555   -11.478 1.00 31.16 ? 3144 HOH A O   1 
HETATM 1034 O  O   . HOH D 4 .   ? -4.175  -5.217  -19.492 1.00 53.19 ? 3145 HOH A O   1 
HETATM 1035 O  O   . HOH D 4 .   ? -23.317 -7.122  3.657   1.00 32.84 ? 3146 HOH A O   1 
HETATM 1036 O  O   . HOH D 4 .   ? -9.030  10.838  12.056  1.00 46.91 ? 3147 HOH A O   1 
HETATM 1037 O  O   . HOH D 4 .   ? 9.563   2.420   -11.816 1.00 29.43 ? 3148 HOH A O   1 
HETATM 1038 O  O   . HOH D 4 .   ? -10.565 -2.570  15.850  1.00 58.96 ? 3149 HOH A O   1 
HETATM 1039 O  O   . HOH D 4 .   ? 11.578  3.264   -10.207 1.00 30.36 ? 3150 HOH A O   1 
HETATM 1040 O  O   . HOH D 4 .   ? 10.773  6.002   -9.401  1.00 47.10 ? 3151 HOH A O   1 
HETATM 1041 O  O   . HOH D 4 .   ? 1.635   -6.418  -23.088 1.00 40.83 ? 3152 HOH A O   1 
HETATM 1042 O  O   . HOH D 4 .   ? 9.560   11.220  2.784   1.00 52.50 ? 3153 HOH A O   1 
HETATM 1043 O  O   . HOH D 4 .   ? 11.307  3.686   -5.852  1.00 30.70 ? 3154 HOH A O   1 
HETATM 1044 O  O   . HOH D 4 .   ? 8.643   -12.762 -7.723  1.00 31.15 ? 3155 HOH A O   1 
HETATM 1045 O  O   . HOH D 4 .   ? -9.975  3.800   -8.652  1.00 34.77 ? 3157 HOH A O   1 
HETATM 1046 O  O   . HOH D 4 .   ? 13.696  8.716   -4.397  1.00 48.02 ? 3158 HOH A O   1 
HETATM 1047 O  O   . HOH D 4 .   ? -7.574  0.687   -8.519  1.00 28.92 ? 3159 HOH A O   1 
HETATM 1048 O  O   . HOH D 4 .   ? -19.119 0.684   -7.389  1.00 50.82 ? 3160 HOH A O   1 
HETATM 1049 O  O   . HOH D 4 .   ? -9.496  13.096  1.908   1.00 46.19 ? 3161 HOH A O   1 
HETATM 1050 O  O   . HOH D 4 .   ? -4.936  -3.035  -6.762  1.00 49.88 ? 3162 HOH A O   1 
HETATM 1051 O  O   . HOH D 4 .   ? 9.253   9.997   -4.226  1.00 43.66 ? 3163 HOH A O   1 
HETATM 1052 O  O   . HOH D 4 .   ? 5.528   10.373  5.646   1.00 42.51 ? 3164 HOH A O   1 
HETATM 1053 O  O   . HOH D 4 .   ? -17.119 8.853   -5.953  1.00 36.08 ? 3165 HOH A O   1 
HETATM 1054 O  O   . HOH D 4 .   ? -5.932  4.464   16.691  1.00 53.39 ? 3167 HOH A O   1 
HETATM 1055 O  O   . HOH D 4 .   ? -7.088  0.789   15.767  1.00 58.38 ? 3168 HOH A O   1 
HETATM 1056 O  O   . HOH D 4 .   ? 8.291   7.817   6.054   1.00 37.28 ? 3169 HOH A O   1 
HETATM 1057 O  O   . HOH D 4 .   ? -7.610  -0.607  14.060  1.00 52.32 ? 3170 HOH A O   1 
HETATM 1058 O  O   . HOH D 4 .   ? 6.472   -13.151 -14.356 1.00 40.69 ? 3171 HOH A O   1 
HETATM 1059 O  O   . HOH D 4 .   ? -9.165  0.477   17.279  1.00 62.78 ? 3172 HOH A O   1 
HETATM 1060 O  O   . HOH D 4 .   ? -10.707 1.002   -8.798  1.00 39.95 ? 3173 HOH A O   1 
HETATM 1061 O  O   . HOH D 4 .   ? 3.854   -12.059 11.670  1.00 47.89 ? 3174 HOH A O   1 
HETATM 1062 O  O   . HOH D 4 .   ? -11.472 -0.560  19.315  1.00 57.47 ? 3175 HOH A O   1 
HETATM 1063 O  O   . HOH D 4 .   ? -2.462  8.437   13.341  1.00 42.13 ? 3176 HOH A O   1 
HETATM 1064 O  O   . HOH D 4 .   ? 17.112  4.261   -4.677  1.00 57.30 ? 3177 HOH A O   1 
HETATM 1065 O  O   . HOH D 4 .   ? 19.349  -6.014  -12.035 1.00 51.67 ? 3178 HOH A O   1 
HETATM 1066 O  O   . HOH D 4 .   ? -24.953 -0.517  -1.605  1.00 42.76 ? 3179 HOH A O   1 
HETATM 1067 O  O   . HOH D 4 .   ? 2.224   1.898   19.921  1.00 51.99 ? 3180 HOH A O   1 
HETATM 1068 O  O   . HOH D 4 .   ? 5.011   11.022  8.565   1.00 49.65 ? 3181 HOH A O   1 
HETATM 1069 O  O   . HOH D 4 .   ? -13.281 -11.596 2.687   1.00 54.45 ? 3182 HOH A O   1 
HETATM 1070 O  O   . HOH D 4 .   ? 21.453  -3.354  -10.810 1.00 55.42 ? 3183 HOH A O   1 
HETATM 1071 O  O   . HOH D 4 .   ? -10.680 4.094   -11.492 1.00 28.74 ? 3184 HOH A O   1 
HETATM 1072 O  O   . HOH D 4 .   ? 7.047   -12.967 -17.118 1.00 37.46 ? 3185 HOH A O   1 
HETATM 1073 O  O   . HOH D 4 .   ? -14.531 8.677   -7.104  1.00 26.54 ? 3186 HOH A O   1 
HETATM 1074 O  O   . HOH D 4 .   ? 13.956  4.346   -3.784  1.00 32.76 ? 3187 HOH A O   1 
HETATM 1075 O  O   . HOH D 4 .   ? -9.997  6.862   15.838  1.00 50.06 ? 3188 HOH A O   1 
HETATM 1076 O  O   . HOH D 4 .   ? -3.580  -5.864  -7.633  1.00 46.38 ? 3189 HOH A O   1 
HETATM 1077 O  O   . HOH D 4 .   ? 7.139   -2.858  13.619  1.00 44.49 ? 3190 HOH A O   1 
HETATM 1078 O  O   . HOH D 4 .   ? 2.890   12.901  10.454  1.00 49.27 ? 3191 HOH A O   1 
HETATM 1079 O  O   . HOH D 4 .   ? -8.728  -0.589  -5.989  1.00 34.97 ? 3193 HOH A O   1 
HETATM 1080 O  O   . HOH D 4 .   ? 14.812  9.367   3.916   1.00 39.50 ? 3194 HOH A O   1 
HETATM 1081 O  O   . HOH D 4 .   ? -1.465  -8.323  12.077  1.00 51.97 ? 3195 HOH A O   1 
HETATM 1082 O  O   . HOH D 4 .   ? 3.438   -9.164  11.143  1.00 44.00 ? 3196 HOH A O   1 
HETATM 1083 O  O   . HOH D 4 .   ? -2.141  13.637  5.737   1.00 59.35 ? 3197 HOH A O   1 
HETATM 1084 O  O   . HOH D 4 .   ? 20.369  0.785   -5.288  1.00 40.81 ? 3198 HOH A O   1 
HETATM 1085 O  O   . HOH D 4 .   ? -23.742 1.335   -7.239  1.00 45.62 ? 3199 HOH A O   1 
HETATM 1086 O  O   . HOH D 4 .   ? -12.969 12.594  6.106   1.00 39.73 ? 3200 HOH A O   1 
HETATM 1087 O  O   . HOH D 4 .   ? -14.471 11.429  1.901   1.00 40.78 ? 3201 HOH A O   1 
HETATM 1088 O  O   . HOH D 4 .   ? 21.022  2.474   -7.739  1.00 56.03 ? 3203 HOH A O   1 
HETATM 1089 O  O   . HOH D 4 .   ? 13.739  -10.057 -6.062  1.00 51.80 ? 3204 HOH A O   1 
HETATM 1090 O  O   . HOH D 4 .   ? -12.286 -7.650  6.691   1.00 51.20 ? 3205 HOH A O   1 
HETATM 1091 O  O   . HOH D 4 .   ? 4.480   0.838   -13.865 1.00 44.72 ? 3206 HOH A O   1 
HETATM 1092 O  O   . HOH D 4 .   ? 0.709   6.081   15.646  1.00 57.23 ? 3207 HOH A O   1 
HETATM 1093 O  O   . HOH D 4 .   ? -20.211 6.348   4.152   1.00 43.33 ? 3208 HOH A O   1 
HETATM 1094 O  O   . HOH D 4 .   ? 20.313  0.571   -2.529  1.00 66.69 ? 3209 HOH A O   1 
HETATM 1095 O  O   . HOH D 4 .   ? 18.812  3.401   -8.602  1.00 54.98 ? 3210 HOH A O   1 
HETATM 1096 O  O   . HOH D 4 .   ? 2.477   -6.186  14.778  1.00 39.33 ? 3211 HOH A O   1 
HETATM 1097 O  O   . HOH D 4 .   ? -14.784 0.793   12.419  1.00 52.75 ? 3213 HOH A O   1 
HETATM 1098 O  O   . HOH D 4 .   ? 13.142  11.352  5.236   1.00 43.35 ? 3214 HOH A O   1 
HETATM 1099 O  O   . HOH D 4 .   ? -10.331 -8.444  4.177   1.00 50.64 ? 3215 HOH A O   1 
HETATM 1100 O  O   . HOH D 4 .   ? -7.972  -10.109 5.097   1.00 54.46 ? 3216 HOH A O   1 
HETATM 1101 O  O   . HOH D 4 .   ? 20.065  2.446   -11.027 1.00 50.02 ? 3217 HOH A O   1 
HETATM 1102 O  O   . HOH D 4 .   ? -7.650  -8.172  7.591   1.00 54.50 ? 3218 HOH A O   1 
HETATM 1103 O  O   . HOH D 4 .   ? 17.046  2.929   -14.910 1.00 44.11 ? 3219 HOH A O   1 
HETATM 1104 O  O   . HOH D 4 .   ? -8.149  -4.063  -3.985  1.00 43.99 ? 3220 HOH A O   1 
HETATM 1105 O  O   . HOH D 4 .   ? 21.202  -6.050  -3.939  1.00 63.56 ? 3221 HOH A O   1 
HETATM 1106 O  O   . HOH D 4 .   ? 16.671  -8.540  -7.880  1.00 47.68 ? 3222 HOH A O   1 
HETATM 1107 O  O   . HOH D 4 .   ? -0.288  9.802   11.079  1.00 49.66 ? 3223 HOH A O   1 
HETATM 1108 O  O   . HOH D 4 .   ? 11.755  -14.098 -1.364  1.00 49.70 ? 3224 HOH A O   1 
HETATM 1109 O  O   . HOH D 4 .   ? 14.955  -11.358 -8.918  1.00 39.90 ? 3225 HOH A O   1 
HETATM 1110 O  O   . HOH D 4 .   ? -21.629 2.589   -8.261  1.00 53.15 ? 3226 HOH A O   1 
HETATM 1111 O  O   . HOH D 4 .   ? -5.732  -4.602  -12.583 1.00 29.01 ? 3227 HOH A O   1 
HETATM 1112 O  O   . HOH D 4 .   ? -15.671 10.038  5.300   1.00 43.96 ? 3228 HOH A O   1 
HETATM 1113 O  O   . HOH D 4 .   ? 4.150   8.354   11.223  1.00 61.95 ? 3229 HOH A O   1 
HETATM 1114 O  O   . HOH D 4 .   ? 11.063  4.118   6.914   1.00 67.79 ? 3230 HOH A O   1 
HETATM 1115 O  O   . HOH D 4 .   ? -13.376 8.405   18.509  1.00 60.19 ? 3231 HOH A O   1 
HETATM 1116 O  O   . HOH D 4 .   ? -24.755 -1.844  -5.905  1.00 51.26 ? 3232 HOH A O   1 
HETATM 1117 O  O   . HOH D 4 .   ? 3.282   -1.806  17.545  1.00 44.20 ? 3233 HOH A O   1 
HETATM 1118 O  O   . HOH D 4 .   ? -7.156  -6.984  -5.124  1.00 43.76 ? 3234 HOH A O   1 
HETATM 1119 O  O   . HOH D 4 .   ? 8.712   -14.285 -5.708  1.00 51.72 ? 3236 HOH A O   1 
HETATM 1120 O  O   . HOH D 4 .   ? 17.872  0.215   -12.993 1.00 51.18 ? 3237 HOH A O   1 
HETATM 1121 O  O   . HOH D 4 .   ? -12.340 4.489   -7.809  1.00 47.75 ? 3239 HOH A O   1 
HETATM 1122 O  O   . HOH D 4 .   ? 22.349  0.362   -9.545  1.00 56.67 ? 3240 HOH A O   1 
HETATM 1123 O  O   . HOH D 4 .   ? -13.974 5.109   17.786  1.00 61.38 ? 3241 HOH A O   1 
HETATM 1124 O  O   . HOH D 4 .   ? -13.970 2.646   -9.103  1.00 56.90 ? 3242 HOH A O   1 
HETATM 1125 O  O   . HOH D 4 .   ? 1.944   6.967   11.998  1.00 43.94 ? 3243 HOH A O   1 
HETATM 1126 O  O   . HOH D 4 .   ? 1.884   8.869   13.824  1.00 65.96 ? 3244 HOH A O   1 
HETATM 1127 O  O   . HOH D 4 .   ? 13.377  -13.176 -6.839  1.00 63.97 ? 3245 HOH A O   1 
HETATM 1128 O  O   . HOH D 4 .   ? 12.686  -14.247 -3.888  1.00 73.93 ? 3248 HOH A O   1 
HETATM 1129 O  O   . HOH D 4 .   ? -4.007  -4.119  -2.224  1.00 30.00 ? 3249 HOH A O   1 
HETATM 1130 O  O   . HOH D 4 .   ? -3.752  -0.082  -1.103  1.00 30.00 ? 3250 HOH A O   1 
HETATM 1131 O  O   . HOH D 4 .   ? -10.946 -7.767  12.698  1.00 30.00 ? 3251 HOH A O   1 
HETATM 1132 O  O   . HOH D 4 .   ? 2.955   -1.252  11.136  1.00 30.00 ? 3253 HOH A O   1 
# 
